data_4Z7I
#
_entry.id   4Z7I
#
_cell.length_a   68.520
_cell.length_b   256.350
_cell.length_c   73.060
_cell.angle_alpha   90.00
_cell.angle_beta   111.58
_cell.angle_gamma   90.00
#
_symmetry.space_group_name_H-M   'P 1 21 1'
#
loop_
_entity.id
_entity.type
_entity.pdbx_description
1 polymer 'Leucyl-cystinyl aminopeptidase'
2 polymer 'DG025 transition-state analogue enzyme inhibitor'
3 branched 2-acetamido-2-deoxy-beta-D-glucopyranose-(1-4)-2-acetamido-2-deoxy-beta-D-glucopyranose
4 branched alpha-D-mannopyranose-(1-4)-2-acetamido-2-deoxy-beta-D-glucopyranose-(1-4)-2-acetamido-2-deoxy-beta-D-glucopyranose
5 non-polymer 'ZINC ION'
6 non-polymer 2-acetamido-2-deoxy-beta-D-glucopyranose
7 water water
#
loop_
_entity_poly.entity_id
_entity_poly.type
_entity_poly.pdbx_seq_one_letter_code
_entity_poly.pdbx_strand_id
1 'polypeptide(L)'
;MGILPSPGMPALLSLVSLLSVLLMGCVAETGATNGKLFPWAQIRLPTAVVPLRYELSLHPNLTSMTFRGSVTISVQALQV
TWNIILHSTGHNISRVTFMSAVSSQEKQAEILEYAYHGQIAIVAPEALLAGHNYTLKIEYSANISSSYYGFYGFSYTDES
NEKKYFAATQFEPLAARSAFPCFDEPAFKATFIIKIIRDEQYTALSNMPKKSSVVLDDGLVQDEFSESVKMSTYLVAFIV
GEMKNLSQDVNGTLVSIYAVPEKIGQVHYALETTVKLLEFFQNYFEIQYPLKKLDLVAIPDFEAGAMENWGLLTFREETL
LYDSNTSSMADRKLVTKIIAHELAHQWFGNLVTMKWWNDLWLNEGFATFMEYFSLEKIFKELSSYEDFLDARFKTMKKDS
LNSSHPISSSVQSSEQIEEMFDSLSYFKGSSLLLMLKTYLSEDVFQHAVVLYLHNHSYASIQSDDLWDSFNEVTNQTLDV
KRMMKTWTLQKGFPLVTVQKKGKELFIQQERFFLNMKPEIQPSDTSYLWHIPLSYVTEGRNYSKYQSVSLLDKKSGVINL
TEEVLWVKVNINMNGYYIVHYADDDWEALIHQLKINPYVLSDKDRANLINNIFELAGLGKVPLKRAFDLINYLGNENHTA
PITEALFQTDLIYNLLEKLGYMDLASRLVTRVFKLLQNQIQQQTWTDEGTPSMRELRSALLEFACTHNLGNCSTTAMKLF
DDWMASNGTQSLPTDVMTTVFKVGAKTDKGWSFLLGKYISIGSEAEKNKILEALASSEDVRKLYWLMKSSLNGDNFRTQK
LSFIIRTVGRHFPGHLLAWDFVKENWNKLVQKFPLGSYTIQNIVAGSTYLFSTKTHLSEVQAFFENQSEATFRLRCVQEA
LEVIQLNIQWMEKNLKSLTWWLRTETSQVAPA
;
A,B
2 'polypeptide(L)' (2X0)(4L8)KHHAFSFK C,D
#
loop_
_chem_comp.id
_chem_comp.type
_chem_comp.name
_chem_comp.formula
2X0 non-polymer '[(1R)-1-amino-3-phenylpropyl]phosphonic acid' 'C9 H14 N O3 P'
MAN D-saccharide, alpha linking alpha-D-mannopyranose 'C6 H12 O6'
NAG D-saccharide, beta linking 2-acetamido-2-deoxy-beta-D-glucopyranose 'C8 H15 N O6'
ZN non-polymer 'ZINC ION' 'Zn 2'
#
# COMPACT_ATOMS: atom_id res chain seq x y z
N LYS A 36 34.18 -27.95 39.29
CA LYS A 36 34.53 -28.71 38.09
C LYS A 36 33.77 -28.21 36.87
N LEU A 37 34.46 -28.07 35.75
CA LEU A 37 33.82 -27.67 34.51
C LEU A 37 33.02 -28.84 33.96
N PHE A 38 32.11 -28.55 33.03
CA PHE A 38 31.20 -29.56 32.50
C PHE A 38 31.90 -30.65 31.70
N PRO A 39 31.73 -31.91 32.12
CA PRO A 39 32.48 -33.04 31.55
C PRO A 39 31.94 -33.54 30.21
N TRP A 40 30.77 -33.05 29.80
CA TRP A 40 30.17 -33.44 28.52
C TRP A 40 29.97 -32.24 27.60
N ALA A 41 30.46 -32.31 26.36
CA ALA A 41 30.48 -31.14 25.50
C ALA A 41 29.59 -31.25 24.25
N GLN A 42 28.77 -32.30 24.18
CA GLN A 42 27.93 -32.50 23.01
C GLN A 42 26.46 -32.19 23.32
N ILE A 43 25.64 -32.10 22.28
CA ILE A 43 24.23 -31.77 22.43
C ILE A 43 23.48 -32.96 23.01
N ARG A 44 23.64 -34.10 22.33
CA ARG A 44 22.98 -35.34 22.71
C ARG A 44 23.55 -35.90 24.01
N LEU A 45 22.67 -36.45 24.85
CA LEU A 45 23.10 -37.05 26.11
C LEU A 45 23.94 -38.29 25.83
N PRO A 46 24.96 -38.53 26.66
CA PRO A 46 25.84 -39.69 26.48
C PRO A 46 25.09 -41.01 26.64
N THR A 47 25.49 -42.01 25.87
CA THR A 47 24.83 -43.31 25.88
C THR A 47 25.03 -44.03 27.21
N ALA A 48 25.98 -43.52 28.00
CA ALA A 48 26.35 -44.07 29.30
C ALA A 48 25.19 -44.45 30.22
N VAL A 49 24.78 -43.51 31.07
CA VAL A 49 23.69 -43.74 32.00
C VAL A 49 22.33 -43.81 31.31
N VAL A 50 21.46 -44.68 31.82
CA VAL A 50 20.13 -44.87 31.27
C VAL A 50 19.10 -44.99 32.39
N PRO A 51 18.00 -44.21 32.30
CA PRO A 51 16.93 -44.31 33.29
C PRO A 51 16.15 -45.61 33.16
N LEU A 52 15.54 -46.06 34.25
CA LEU A 52 14.76 -47.29 34.22
C LEU A 52 13.39 -47.07 34.86
N ARG A 53 13.38 -46.36 35.98
CA ARG A 53 12.15 -46.08 36.70
C ARG A 53 12.15 -44.65 37.27
N TYR A 54 11.08 -43.92 36.99
CA TYR A 54 10.91 -42.55 37.47
C TYR A 54 9.87 -42.45 38.57
N GLU A 55 10.22 -41.73 39.63
CA GLU A 55 9.25 -41.35 40.64
C GLU A 55 9.19 -39.84 40.75
N LEU A 56 7.99 -39.29 40.57
CA LEU A 56 7.83 -37.86 40.49
C LEU A 56 6.75 -37.42 41.48
N SER A 57 7.16 -36.63 42.47
CA SER A 57 6.24 -36.14 43.47
C SER A 57 6.25 -34.62 43.46
N LEU A 58 5.06 -34.02 43.38
CA LEU A 58 4.96 -32.59 43.19
C LEU A 58 3.92 -31.95 44.11
N HIS A 59 4.16 -30.70 44.46
CA HIS A 59 3.21 -29.91 45.24
C HIS A 59 3.07 -28.57 44.55
N PRO A 60 2.03 -28.43 43.71
CA PRO A 60 1.85 -27.23 42.90
C PRO A 60 0.95 -26.18 43.54
N ASN A 61 1.43 -24.94 43.59
CA ASN A 61 0.60 -23.86 44.08
C ASN A 61 0.04 -23.03 42.92
N LEU A 62 -1.21 -23.33 42.57
CA LEU A 62 -1.82 -22.78 41.37
C LEU A 62 -2.14 -21.29 41.51
N THR A 63 -2.44 -20.87 42.73
CA THR A 63 -2.75 -19.46 42.99
C THR A 63 -1.54 -18.56 43.21
N SER A 64 -0.34 -19.14 43.23
CA SER A 64 0.88 -18.34 43.31
C SER A 64 1.85 -18.59 42.15
N MET A 65 1.45 -19.46 41.22
CA MET A 65 2.26 -19.83 40.07
C MET A 65 3.66 -20.26 40.48
N THR A 66 3.73 -21.23 41.38
CA THR A 66 5.00 -21.81 41.82
C THR A 66 4.75 -23.21 42.36
N PHE A 67 5.81 -23.99 42.53
CA PHE A 67 5.66 -25.33 43.09
C PHE A 67 6.98 -25.88 43.62
N ARG A 68 6.87 -26.99 44.34
CA ARG A 68 8.03 -27.73 44.81
C ARG A 68 7.86 -29.17 44.38
N GLY A 69 8.96 -29.81 44.00
CA GLY A 69 8.88 -31.17 43.49
C GLY A 69 10.08 -32.02 43.86
N SER A 70 9.89 -33.33 43.81
CA SER A 70 10.95 -34.29 44.09
C SER A 70 10.97 -35.43 43.07
N VAL A 71 12.17 -35.83 42.65
CA VAL A 71 12.32 -36.83 41.62
C VAL A 71 13.28 -37.94 42.03
N THR A 72 12.80 -39.18 42.01
CA THR A 72 13.63 -40.35 42.26
C THR A 72 13.91 -41.05 40.94
N ILE A 73 15.17 -41.03 40.50
CA ILE A 73 15.51 -41.57 39.19
C ILE A 73 16.30 -42.86 39.31
N SER A 74 15.63 -43.99 39.05
CA SER A 74 16.29 -45.28 39.05
C SER A 74 17.10 -45.45 37.77
N VAL A 75 18.38 -45.10 37.83
CA VAL A 75 19.26 -45.19 36.68
C VAL A 75 20.05 -46.49 36.68
N GLN A 76 20.41 -46.95 35.49
CA GLN A 76 21.36 -48.05 35.37
C GLN A 76 22.59 -47.59 34.60
N ALA A 77 23.68 -48.34 34.71
CA ALA A 77 24.88 -48.05 33.94
C ALA A 77 25.04 -49.01 32.75
N LEU A 78 25.68 -48.53 31.69
CA LEU A 78 26.02 -49.38 30.56
C LEU A 78 27.50 -49.28 30.24
N GLN A 79 28.03 -48.06 30.31
CA GLN A 79 29.47 -47.85 30.12
C GLN A 79 30.07 -47.24 31.37
N VAL A 80 31.34 -46.88 31.30
CA VAL A 80 32.02 -46.31 32.46
C VAL A 80 32.14 -44.80 32.30
N THR A 81 31.75 -44.08 33.33
CA THR A 81 31.85 -42.64 33.36
C THR A 81 31.75 -42.14 34.80
N TRP A 82 32.34 -40.98 35.07
CA TRP A 82 32.32 -40.43 36.42
C TRP A 82 31.18 -39.45 36.67
N ASN A 83 30.30 -39.29 35.68
CA ASN A 83 29.19 -38.36 35.80
C ASN A 83 27.92 -38.79 35.09
N ILE A 84 26.78 -38.62 35.76
CA ILE A 84 25.49 -38.78 35.10
C ILE A 84 25.12 -37.45 34.44
N ILE A 85 24.81 -37.50 33.15
CA ILE A 85 24.42 -36.30 32.42
C ILE A 85 22.96 -36.36 31.98
N LEU A 86 22.17 -35.39 32.43
CA LEU A 86 20.77 -35.34 32.10
C LEU A 86 20.28 -33.90 31.97
N HIS A 87 18.98 -33.73 31.71
CA HIS A 87 18.43 -32.43 31.38
C HIS A 87 17.70 -31.74 32.53
N SER A 88 17.92 -30.44 32.67
CA SER A 88 17.15 -29.62 33.60
C SER A 88 17.31 -28.13 33.28
N THR A 89 16.20 -27.40 33.31
CA THR A 89 16.21 -25.96 33.02
C THR A 89 15.32 -25.17 33.98
N GLY A 90 15.72 -23.93 34.25
CA GLY A 90 15.02 -23.06 35.18
C GLY A 90 14.60 -23.68 36.50
N HIS A 91 15.57 -24.12 37.29
CA HIS A 91 15.32 -24.68 38.60
C HIS A 91 16.24 -24.12 39.67
N ASN A 92 15.74 -24.13 40.90
CA ASN A 92 16.57 -23.93 42.07
C ASN A 92 16.50 -25.22 42.86
N ILE A 93 17.65 -25.85 43.06
CA ILE A 93 17.66 -27.21 43.54
C ILE A 93 18.09 -27.26 44.98
N SER A 94 17.22 -27.81 45.82
CA SER A 94 17.54 -28.03 47.22
C SER A 94 18.72 -28.97 47.35
N ARG A 95 18.40 -30.25 47.50
CA ARG A 95 19.43 -31.26 47.61
C ARG A 95 19.48 -32.21 46.41
N VAL A 96 20.68 -32.74 46.17
CA VAL A 96 20.86 -33.74 45.14
C VAL A 96 21.63 -34.88 45.80
N THR A 97 20.96 -36.02 45.93
CA THR A 97 21.50 -37.12 46.69
C THR A 97 21.80 -38.31 45.79
N PHE A 98 22.73 -39.14 46.25
CA PHE A 98 23.14 -40.32 45.50
C PHE A 98 22.82 -41.58 46.30
N MET A 99 22.97 -42.74 45.68
CA MET A 99 22.75 -44.01 46.36
C MET A 99 23.29 -45.16 45.52
N SER A 100 23.32 -46.35 46.11
CA SER A 100 23.75 -47.55 45.41
C SER A 100 22.84 -48.73 45.77
N ALA A 101 23.19 -49.91 45.28
CA ALA A 101 22.32 -51.08 45.45
C ALA A 101 22.42 -51.69 46.85
N VAL A 102 21.25 -51.94 47.43
CA VAL A 102 21.10 -52.64 48.70
C VAL A 102 22.01 -52.08 49.81
N SER A 103 21.82 -50.80 50.10
CA SER A 103 22.49 -50.11 51.20
C SER A 103 21.81 -48.75 51.30
N SER A 104 20.69 -48.70 52.01
CA SER A 104 19.82 -47.54 52.01
C SER A 104 20.37 -46.30 52.70
N GLN A 105 21.66 -46.05 52.53
CA GLN A 105 22.26 -44.82 53.05
C GLN A 105 22.58 -43.97 51.83
N GLU A 106 22.56 -42.65 52.01
CA GLU A 106 22.75 -41.77 50.86
C GLU A 106 23.76 -40.70 51.19
N LYS A 107 24.70 -40.53 50.27
CA LYS A 107 25.76 -39.56 50.44
C LYS A 107 25.59 -38.42 49.45
N GLN A 108 26.05 -37.23 49.86
CA GLN A 108 25.91 -36.04 49.03
C GLN A 108 26.77 -36.12 47.77
N ALA A 109 26.34 -35.39 46.75
CA ALA A 109 27.02 -35.34 45.47
C ALA A 109 26.66 -34.01 44.82
N GLU A 110 27.65 -33.15 44.60
CA GLU A 110 27.37 -31.82 44.11
C GLU A 110 26.82 -31.87 42.69
N ILE A 111 26.38 -30.72 42.20
CA ILE A 111 25.67 -30.63 40.93
C ILE A 111 26.48 -29.85 39.91
N LEU A 112 26.09 -29.92 38.64
CA LEU A 112 26.78 -29.18 37.60
C LEU A 112 25.82 -28.78 36.49
N GLU A 113 25.47 -27.50 36.48
CA GLU A 113 24.55 -26.95 35.49
C GLU A 113 25.34 -26.32 34.35
N TYR A 114 24.73 -26.26 33.16
CA TYR A 114 25.37 -25.60 32.04
C TYR A 114 24.36 -24.73 31.30
N ALA A 115 23.08 -25.01 31.55
CA ALA A 115 21.93 -24.29 30.97
C ALA A 115 21.96 -24.03 29.46
N TYR A 116 23.12 -24.18 28.82
CA TYR A 116 23.25 -23.98 27.39
C TYR A 116 22.36 -24.97 26.66
N HIS A 117 22.72 -26.25 26.78
CA HIS A 117 21.95 -27.32 26.17
C HIS A 117 20.85 -27.77 27.13
N GLY A 118 20.80 -27.13 28.30
CA GLY A 118 19.84 -27.48 29.32
C GLY A 118 20.24 -28.75 30.04
N GLN A 119 21.55 -28.91 30.26
CA GLN A 119 22.09 -30.13 30.84
C GLN A 119 22.55 -29.93 32.27
N ILE A 120 22.33 -30.95 33.10
CA ILE A 120 22.94 -30.97 34.42
C ILE A 120 23.81 -32.21 34.56
N ALA A 121 24.71 -32.18 35.54
CA ALA A 121 25.62 -33.29 35.76
C ALA A 121 25.79 -33.56 37.24
N ILE A 122 25.67 -34.82 37.61
CA ILE A 122 25.96 -35.25 38.97
C ILE A 122 27.40 -35.73 38.99
N VAL A 123 28.23 -35.11 39.80
CA VAL A 123 29.60 -35.55 39.93
C VAL A 123 29.61 -36.71 40.89
N ALA A 124 29.32 -37.88 40.33
CA ALA A 124 29.17 -39.07 41.13
C ALA A 124 30.53 -39.39 41.71
N PRO A 125 30.56 -39.75 43.00
CA PRO A 125 31.81 -40.01 43.71
C PRO A 125 32.39 -41.40 43.42
N GLU A 126 31.53 -42.41 43.37
CA GLU A 126 32.00 -43.74 43.05
C GLU A 126 31.75 -44.04 41.58
N ALA A 127 32.83 -44.21 40.84
CA ALA A 127 32.78 -44.57 39.43
C ALA A 127 31.83 -45.75 39.24
N LEU A 128 30.58 -45.45 38.97
CA LEU A 128 29.54 -46.47 38.77
C LEU A 128 29.94 -47.36 37.58
N LEU A 129 29.38 -48.57 37.52
CA LEU A 129 29.84 -49.55 36.53
C LEU A 129 28.73 -50.32 35.80
N ALA A 130 29.09 -50.84 34.63
CA ALA A 130 28.16 -51.51 33.71
C ALA A 130 27.37 -52.65 34.34
N GLY A 131 26.07 -52.46 34.47
CA GLY A 131 25.18 -53.48 35.00
C GLY A 131 24.51 -53.10 36.31
N HIS A 132 25.14 -52.20 37.04
CA HIS A 132 24.65 -51.82 38.36
C HIS A 132 23.64 -50.66 38.28
N ASN A 133 22.43 -50.90 38.77
CA ASN A 133 21.43 -49.85 38.85
C ASN A 133 21.71 -48.90 40.01
N TYR A 134 21.54 -47.60 39.77
CA TYR A 134 21.65 -46.60 40.83
C TYR A 134 20.40 -45.74 40.93
N THR A 135 20.09 -45.31 42.15
CA THR A 135 18.94 -44.45 42.36
C THR A 135 19.44 -43.03 42.56
N LEU A 136 18.77 -42.08 41.92
CA LEU A 136 19.18 -40.68 41.96
C LEU A 136 18.01 -39.83 42.37
N LYS A 137 18.17 -39.10 43.46
CA LYS A 137 17.09 -38.23 43.94
C LYS A 137 17.43 -36.76 43.86
N ILE A 138 16.51 -35.98 43.29
CA ILE A 138 16.65 -34.53 43.23
C ILE A 138 15.37 -33.82 43.70
N GLU A 139 15.53 -32.90 44.64
CA GLU A 139 14.42 -32.07 45.09
C GLU A 139 14.69 -30.63 44.69
N TYR A 140 13.67 -29.96 44.16
CA TYR A 140 13.86 -28.65 43.56
C TYR A 140 12.65 -27.74 43.71
N SER A 141 12.85 -26.47 43.38
CA SER A 141 11.77 -25.50 43.33
C SER A 141 11.85 -24.70 42.04
N ALA A 142 10.69 -24.33 41.50
CA ALA A 142 10.64 -23.63 40.21
C ALA A 142 9.29 -22.94 39.99
N ASN A 143 9.19 -22.20 38.88
CA ASN A 143 7.97 -21.48 38.56
C ASN A 143 7.06 -22.29 37.63
N ILE A 144 5.77 -22.35 37.93
CA ILE A 144 4.81 -22.77 36.91
C ILE A 144 4.87 -21.68 35.83
N SER A 145 4.68 -22.06 34.57
CA SER A 145 4.96 -21.14 33.47
C SER A 145 3.84 -20.13 33.26
N SER A 146 4.23 -18.91 32.85
CA SER A 146 3.27 -17.85 32.58
C SER A 146 2.82 -17.98 31.14
N SER A 147 3.69 -18.53 30.30
CA SER A 147 3.35 -18.76 28.91
C SER A 147 2.51 -20.04 28.86
N TYR A 148 2.54 -20.75 27.74
CA TYR A 148 1.78 -21.99 27.64
C TYR A 148 2.65 -23.15 27.18
N TYR A 149 3.92 -23.14 27.58
CA TYR A 149 4.85 -24.17 27.14
C TYR A 149 5.58 -24.78 28.34
N GLY A 150 5.55 -26.10 28.45
CA GLY A 150 6.14 -26.82 29.57
C GLY A 150 5.11 -27.15 30.62
N PHE A 151 5.43 -26.89 31.89
CA PHE A 151 4.42 -27.04 32.95
C PHE A 151 3.80 -25.68 33.23
N TYR A 152 2.62 -25.45 32.66
CA TYR A 152 2.05 -24.12 32.60
C TYR A 152 0.73 -24.02 33.36
N GLY A 153 0.45 -22.82 33.87
CA GLY A 153 -0.80 -22.56 34.56
C GLY A 153 -1.48 -21.33 33.99
N PHE A 154 -2.77 -21.20 34.25
CA PHE A 154 -3.53 -20.03 33.82
C PHE A 154 -4.79 -19.85 34.64
N SER A 155 -5.40 -18.67 34.54
CA SER A 155 -6.65 -18.40 35.24
C SER A 155 -7.77 -18.03 34.27
N TYR A 156 -9.00 -18.09 34.75
CA TYR A 156 -10.16 -17.71 33.95
C TYR A 156 -11.36 -17.38 34.85
N THR A 157 -12.54 -17.26 34.25
CA THR A 157 -13.76 -16.96 34.99
C THR A 157 -14.84 -18.02 34.76
N ASP A 158 -15.80 -18.08 35.69
CA ASP A 158 -16.83 -19.11 35.68
C ASP A 158 -18.07 -18.67 34.92
N GLU A 159 -18.97 -19.63 34.71
CA GLU A 159 -20.36 -19.37 34.35
C GLU A 159 -20.94 -18.33 35.29
N SER A 160 -20.73 -18.53 36.59
CA SER A 160 -21.19 -17.58 37.59
C SER A 160 -20.12 -16.59 38.00
N ASN A 161 -19.34 -16.11 37.02
CA ASN A 161 -18.31 -15.08 37.22
C ASN A 161 -17.46 -15.25 38.48
N GLU A 162 -16.85 -16.43 38.63
CA GLU A 162 -15.96 -16.70 39.74
C GLU A 162 -14.61 -17.09 39.18
N LYS A 163 -13.58 -16.35 39.56
CA LYS A 163 -12.27 -16.50 38.94
C LYS A 163 -11.56 -17.78 39.37
N LYS A 164 -11.67 -18.82 38.55
CA LYS A 164 -11.08 -20.12 38.84
C LYS A 164 -9.65 -20.24 38.31
N TYR A 165 -9.00 -21.35 38.62
CA TYR A 165 -7.60 -21.55 38.26
C TYR A 165 -7.40 -22.90 37.57
N PHE A 166 -6.20 -23.09 37.01
CA PHE A 166 -5.90 -24.26 36.19
C PHE A 166 -4.41 -24.39 35.91
N ALA A 167 -3.96 -25.63 35.72
CA ALA A 167 -2.58 -25.89 35.33
C ALA A 167 -2.51 -27.14 34.47
N ALA A 168 -1.46 -27.26 33.67
CA ALA A 168 -1.31 -28.38 32.75
C ALA A 168 0.12 -28.50 32.23
N THR A 169 0.31 -29.44 31.30
CA THR A 169 1.62 -29.67 30.71
C THR A 169 1.56 -29.79 29.19
N GLN A 170 2.55 -29.21 28.52
CA GLN A 170 2.85 -29.54 27.14
C GLN A 170 4.35 -29.77 27.02
N PHE A 171 4.76 -31.01 26.79
CA PHE A 171 6.18 -31.34 26.87
C PHE A 171 6.84 -31.56 25.51
N GLU A 172 6.03 -31.84 24.48
CA GLU A 172 6.58 -32.02 23.14
C GLU A 172 7.02 -30.67 22.57
N PRO A 173 8.26 -30.58 22.10
CA PRO A 173 9.17 -31.72 22.04
C PRO A 173 10.31 -31.69 23.07
N LEU A 174 10.62 -30.52 23.63
CA LEU A 174 11.76 -30.38 24.54
C LEU A 174 11.39 -29.68 25.85
N ALA A 175 10.12 -29.71 26.22
CA ALA A 175 9.65 -28.93 27.36
C ALA A 175 9.68 -29.73 28.67
N ALA A 176 9.68 -31.05 28.56
CA ALA A 176 9.68 -31.94 29.72
C ALA A 176 10.81 -31.62 30.72
N ARG A 177 11.93 -31.13 30.23
CA ARG A 177 13.08 -30.84 31.08
C ARG A 177 12.87 -29.57 31.90
N SER A 178 11.86 -28.78 31.56
CA SER A 178 11.61 -27.53 32.24
C SER A 178 10.87 -27.79 33.55
N ALA A 179 10.09 -28.87 33.57
CA ALA A 179 9.37 -29.27 34.77
C ALA A 179 10.31 -29.97 35.75
N PHE A 180 10.63 -31.22 35.47
CA PHE A 180 11.50 -32.01 36.33
C PHE A 180 12.80 -32.39 35.65
N PRO A 181 13.92 -32.31 36.38
CA PRO A 181 15.21 -32.76 35.84
C PRO A 181 15.15 -34.23 35.44
N CYS A 182 15.60 -34.55 34.22
CA CYS A 182 15.45 -35.91 33.70
C CYS A 182 16.25 -36.15 32.43
N PHE A 183 16.13 -37.38 31.90
CA PHE A 183 16.73 -37.73 30.61
C PHE A 183 15.77 -37.35 29.49
N ASP A 184 15.83 -36.10 29.05
CA ASP A 184 14.88 -35.61 28.04
C ASP A 184 15.32 -35.89 26.61
N GLU A 185 15.32 -37.16 26.23
CA GLU A 185 15.42 -37.57 24.84
C GLU A 185 14.35 -38.64 24.59
N PRO A 186 13.86 -38.76 23.35
CA PRO A 186 12.69 -39.63 23.13
C PRO A 186 13.02 -41.12 23.27
N ALA A 187 14.25 -41.52 22.94
CA ALA A 187 14.67 -42.92 22.96
C ALA A 187 15.05 -43.41 24.36
N PHE A 188 14.60 -42.70 25.39
CA PHE A 188 14.84 -43.10 26.78
C PHE A 188 13.59 -43.54 27.54
N LYS A 189 12.86 -44.52 27.02
CA LYS A 189 11.60 -44.90 27.66
C LYS A 189 11.82 -45.52 29.04
N ALA A 190 10.81 -45.40 29.90
CA ALA A 190 10.91 -45.83 31.30
C ALA A 190 9.54 -45.84 31.97
N THR A 191 9.54 -46.06 33.29
CA THR A 191 8.29 -46.08 34.04
C THR A 191 8.20 -44.84 34.92
N PHE A 192 6.98 -44.43 35.26
CA PHE A 192 6.74 -43.19 35.98
C PHE A 192 5.73 -43.33 37.12
N ILE A 193 6.15 -43.03 38.34
CA ILE A 193 5.22 -42.91 39.45
C ILE A 193 5.00 -41.45 39.78
N ILE A 194 3.83 -40.93 39.44
CA ILE A 194 3.55 -39.52 39.67
C ILE A 194 2.64 -39.34 40.88
N LYS A 195 2.96 -38.35 41.72
CA LYS A 195 2.05 -37.97 42.78
C LYS A 195 2.01 -36.44 42.91
N ILE A 196 0.81 -35.90 43.03
CA ILE A 196 0.62 -34.46 43.12
C ILE A 196 -0.29 -34.08 44.28
N ILE A 197 0.19 -33.16 45.11
CA ILE A 197 -0.54 -32.72 46.30
C ILE A 197 -1.43 -31.52 45.98
N ARG A 198 -2.66 -31.81 45.58
CA ARG A 198 -3.61 -30.77 45.17
C ARG A 198 -4.50 -30.27 46.31
N ASP A 199 -5.39 -29.35 45.98
CA ASP A 199 -6.41 -28.89 46.92
C ASP A 199 -7.73 -29.64 46.75
N GLU A 200 -8.68 -29.37 47.63
CA GLU A 200 -9.92 -30.17 47.72
C GLU A 200 -10.75 -30.23 46.45
N GLN A 201 -11.32 -29.09 46.05
CA GLN A 201 -12.28 -29.08 44.95
C GLN A 201 -11.62 -29.35 43.61
N TYR A 202 -10.28 -29.33 43.60
CA TYR A 202 -9.58 -29.58 42.36
C TYR A 202 -9.59 -31.07 42.04
N THR A 203 -9.24 -31.38 40.78
CA THR A 203 -9.14 -32.76 40.34
C THR A 203 -7.74 -32.93 39.82
N ALA A 204 -7.05 -33.93 40.36
CA ALA A 204 -5.72 -34.25 39.89
C ALA A 204 -5.82 -35.36 38.86
N LEU A 205 -5.12 -35.18 37.75
CA LEU A 205 -5.12 -36.17 36.70
C LEU A 205 -3.72 -36.33 36.15
N SER A 206 -3.42 -37.55 35.69
CA SER A 206 -2.15 -37.83 35.04
C SER A 206 -2.30 -39.06 34.17
N ASN A 207 -1.24 -39.40 33.45
CA ASN A 207 -1.24 -40.51 32.51
C ASN A 207 -1.84 -41.77 33.10
N MET A 208 -1.28 -42.22 34.22
CA MET A 208 -1.79 -43.39 34.90
C MET A 208 -2.93 -43.02 35.85
N PRO A 209 -3.88 -43.95 36.04
CA PRO A 209 -5.05 -43.79 36.89
C PRO A 209 -4.74 -43.53 38.36
N LYS A 210 -5.70 -42.92 39.04
CA LYS A 210 -5.59 -42.65 40.45
C LYS A 210 -5.81 -43.99 41.16
N LYS A 211 -5.24 -44.13 42.36
CA LYS A 211 -5.38 -45.36 43.14
C LYS A 211 -5.31 -45.06 44.62
N SER A 212 -4.33 -44.23 44.99
CA SER A 212 -4.13 -43.90 46.38
C SER A 212 -4.33 -42.40 46.57
N SER A 213 -5.51 -42.02 47.06
CA SER A 213 -5.74 -40.64 47.44
C SER A 213 -5.82 -40.60 48.95
N VAL A 214 -5.02 -39.71 49.54
CA VAL A 214 -4.82 -39.69 50.96
C VAL A 214 -4.88 -38.26 51.50
N VAL A 215 -6.05 -37.86 51.99
CA VAL A 215 -6.25 -36.50 52.48
C VAL A 215 -5.23 -36.24 53.59
N LEU A 216 -4.82 -34.98 53.73
CA LEU A 216 -3.82 -34.62 54.73
C LEU A 216 -4.52 -33.69 55.71
N ASP A 217 -3.77 -33.10 56.64
CA ASP A 217 -4.44 -32.38 57.72
C ASP A 217 -4.69 -30.88 57.52
N ASP A 218 -4.52 -30.37 56.30
CA ASP A 218 -4.83 -28.97 56.04
C ASP A 218 -5.84 -28.84 54.91
N GLY A 219 -6.41 -29.97 54.50
CA GLY A 219 -7.33 -30.02 53.40
C GLY A 219 -6.56 -30.02 52.09
N LEU A 220 -5.34 -30.54 52.16
CA LEU A 220 -4.46 -30.61 51.00
C LEU A 220 -4.35 -32.06 50.54
N VAL A 221 -5.38 -32.53 49.86
CA VAL A 221 -5.45 -33.93 49.40
C VAL A 221 -4.24 -34.28 48.54
N GLN A 222 -3.76 -35.51 48.68
CA GLN A 222 -2.69 -36.01 47.81
C GLN A 222 -3.11 -37.27 47.08
N ASP A 223 -2.88 -37.30 45.78
CA ASP A 223 -3.22 -38.47 44.97
C ASP A 223 -1.93 -39.17 44.57
N GLU A 224 -2.04 -40.44 44.21
CA GLU A 224 -0.92 -41.16 43.63
C GLU A 224 -1.38 -41.95 42.43
N PHE A 225 -0.58 -41.93 41.37
CA PHE A 225 -0.95 -42.58 40.13
C PHE A 225 -0.05 -43.79 39.90
N SER A 226 -0.60 -44.79 39.20
CA SER A 226 0.09 -46.06 38.99
C SER A 226 1.43 -45.87 38.29
N GLU A 227 2.25 -46.91 38.32
CA GLU A 227 3.54 -46.87 37.65
C GLU A 227 3.28 -46.81 36.16
N SER A 228 3.72 -45.75 35.50
CA SER A 228 3.52 -45.66 34.05
C SER A 228 4.24 -46.77 33.32
N VAL A 229 3.64 -47.22 32.23
CA VAL A 229 4.28 -48.19 31.36
C VAL A 229 5.49 -47.55 30.68
N LYS A 230 6.21 -48.32 29.87
CA LYS A 230 7.41 -47.78 29.27
C LYS A 230 7.06 -46.78 28.17
N MET A 231 7.47 -45.53 28.38
CA MET A 231 7.12 -44.47 27.47
C MET A 231 8.18 -43.37 27.53
N SER A 232 8.12 -42.45 26.58
CA SER A 232 9.13 -41.41 26.45
C SER A 232 8.84 -40.24 27.40
N THR A 233 9.89 -39.52 27.75
CA THR A 233 9.80 -38.41 28.70
C THR A 233 8.80 -37.34 28.24
N TYR A 234 8.82 -37.02 26.95
CA TYR A 234 7.96 -35.97 26.38
C TYR A 234 6.47 -36.32 26.47
N LEU A 235 6.17 -37.56 26.85
CA LEU A 235 4.80 -38.05 26.82
C LEU A 235 4.15 -38.06 28.20
N VAL A 236 4.89 -37.63 29.22
CA VAL A 236 4.36 -37.54 30.56
C VAL A 236 3.39 -36.37 30.66
N ALA A 237 2.27 -36.57 31.33
CA ALA A 237 1.32 -35.48 31.55
C ALA A 237 0.65 -35.56 32.92
N PHE A 238 0.30 -34.40 33.45
CA PHE A 238 -0.44 -34.30 34.69
C PHE A 238 -1.06 -32.91 34.82
N ILE A 239 -2.37 -32.85 35.09
CA ILE A 239 -3.08 -31.57 35.15
C ILE A 239 -3.87 -31.45 36.46
N VAL A 240 -4.24 -30.23 36.83
CA VAL A 240 -4.97 -29.97 38.08
C VAL A 240 -5.98 -28.85 37.89
N GLY A 241 -7.27 -29.18 37.96
CA GLY A 241 -8.33 -28.19 37.86
C GLY A 241 -9.72 -28.75 38.10
N GLU A 242 -10.67 -27.87 38.42
CA GLU A 242 -12.02 -28.31 38.76
C GLU A 242 -12.73 -28.83 37.52
N MET A 243 -13.06 -30.12 37.54
CA MET A 243 -13.59 -30.79 36.36
C MET A 243 -14.71 -31.79 36.67
N LYS A 244 -15.40 -32.22 35.61
CA LYS A 244 -16.47 -33.20 35.73
C LYS A 244 -16.32 -34.29 34.69
N ASN A 245 -16.49 -35.55 35.08
CA ASN A 245 -16.27 -36.66 34.16
C ASN A 245 -17.51 -37.09 33.38
N LEU A 246 -17.30 -37.98 32.42
CA LEU A 246 -18.38 -38.62 31.68
C LEU A 246 -17.80 -39.84 30.99
N SER A 247 -18.12 -41.01 31.53
CA SER A 247 -17.42 -42.23 31.17
C SER A 247 -18.34 -43.41 30.85
N GLN A 248 -17.71 -44.42 30.27
CA GLN A 248 -18.30 -45.73 30.01
C GLN A 248 -17.17 -46.61 29.48
N ASP A 249 -16.91 -47.69 30.22
CA ASP A 249 -15.83 -48.62 29.91
C ASP A 249 -16.27 -49.66 28.89
N VAL A 250 -15.48 -49.86 27.85
CA VAL A 250 -15.78 -50.87 26.85
C VAL A 250 -14.55 -51.77 26.66
N ASN A 251 -14.82 -53.07 26.50
CA ASN A 251 -13.80 -54.09 26.33
C ASN A 251 -12.73 -54.09 27.42
N GLY A 252 -13.05 -53.46 28.55
CA GLY A 252 -12.17 -53.42 29.70
C GLY A 252 -11.43 -52.10 29.89
N THR A 253 -11.78 -51.10 29.09
CA THR A 253 -11.05 -49.83 29.11
C THR A 253 -11.97 -48.63 29.33
N LEU A 254 -11.64 -47.82 30.33
CA LEU A 254 -12.52 -46.72 30.73
C LEU A 254 -12.28 -45.46 29.90
N VAL A 255 -13.12 -45.24 28.90
CA VAL A 255 -13.05 -44.02 28.10
C VAL A 255 -13.87 -42.90 28.75
N SER A 256 -13.29 -41.71 28.88
CA SER A 256 -13.96 -40.62 29.60
C SER A 256 -13.53 -39.21 29.20
N ILE A 257 -14.50 -38.36 28.86
CA ILE A 257 -14.23 -36.98 28.46
C ILE A 257 -14.32 -35.99 29.65
N TYR A 258 -13.22 -35.74 30.33
CA TYR A 258 -13.20 -34.80 31.45
C TYR A 258 -13.19 -33.38 30.90
N ALA A 259 -13.80 -32.43 31.62
CA ALA A 259 -13.77 -31.01 31.25
C ALA A 259 -14.28 -30.08 32.37
N VAL A 260 -14.40 -28.79 32.02
CA VAL A 260 -14.84 -27.74 32.94
C VAL A 260 -16.31 -27.98 33.33
N PRO A 261 -16.78 -27.44 34.47
CA PRO A 261 -18.19 -27.71 34.85
C PRO A 261 -19.30 -27.45 33.80
N GLU A 262 -19.49 -26.20 33.37
CA GLU A 262 -20.58 -25.86 32.45
C GLU A 262 -20.66 -26.72 31.18
N LYS A 263 -19.54 -26.80 30.46
CA LYS A 263 -19.53 -27.43 29.13
C LYS A 263 -19.64 -28.96 29.15
N ILE A 264 -19.81 -29.54 30.33
CA ILE A 264 -19.91 -31.00 30.46
C ILE A 264 -21.09 -31.58 29.68
N GLY A 265 -22.00 -30.73 29.22
CA GLY A 265 -23.14 -31.17 28.44
C GLY A 265 -22.88 -31.33 26.96
N GLN A 266 -21.83 -30.66 26.46
CA GLN A 266 -21.56 -30.61 25.03
C GLN A 266 -20.53 -31.65 24.60
N VAL A 267 -20.08 -32.47 25.55
CA VAL A 267 -19.04 -33.44 25.30
C VAL A 267 -19.57 -34.82 24.91
N HIS A 268 -20.87 -34.89 24.60
CA HIS A 268 -21.51 -36.16 24.28
C HIS A 268 -21.18 -36.70 22.89
N TYR A 269 -20.62 -35.87 22.01
CA TYR A 269 -20.15 -36.37 20.73
C TYR A 269 -18.72 -36.88 20.85
N ALA A 270 -17.93 -36.17 21.66
CA ALA A 270 -16.56 -36.56 21.95
C ALA A 270 -16.49 -38.02 22.43
N LEU A 271 -17.18 -38.31 23.52
CA LEU A 271 -17.20 -39.64 24.11
C LEU A 271 -17.71 -40.73 23.16
N GLU A 272 -18.87 -40.48 22.55
CA GLU A 272 -19.49 -41.44 21.64
C GLU A 272 -18.55 -41.79 20.49
N THR A 273 -17.70 -40.83 20.12
CA THR A 273 -16.77 -41.02 19.01
C THR A 273 -15.50 -41.73 19.47
N THR A 274 -14.98 -41.32 20.63
CA THR A 274 -13.75 -41.92 21.17
C THR A 274 -13.88 -43.43 21.37
N VAL A 275 -15.07 -43.87 21.78
CA VAL A 275 -15.33 -45.29 21.95
C VAL A 275 -15.25 -45.99 20.61
N LYS A 276 -16.15 -45.61 19.70
CA LYS A 276 -16.19 -46.16 18.35
C LYS A 276 -14.83 -46.17 17.64
N LEU A 277 -14.01 -45.17 17.92
CA LEU A 277 -12.69 -45.08 17.30
C LEU A 277 -11.65 -45.92 18.04
N LEU A 278 -11.73 -45.96 19.37
CA LEU A 278 -10.85 -46.82 20.14
C LEU A 278 -11.19 -48.27 19.82
N GLU A 279 -12.47 -48.52 19.64
CA GLU A 279 -12.95 -49.84 19.22
C GLU A 279 -12.37 -50.21 17.86
N PHE A 280 -12.26 -49.23 16.98
CA PHE A 280 -11.71 -49.46 15.64
C PHE A 280 -10.21 -49.75 15.66
N PHE A 281 -9.45 -48.91 16.35
CA PHE A 281 -7.99 -49.00 16.32
C PHE A 281 -7.47 -50.27 16.99
N GLN A 282 -8.11 -50.65 18.11
CA GLN A 282 -7.77 -51.89 18.79
C GLN A 282 -7.98 -53.09 17.88
N ASN A 283 -9.08 -53.06 17.13
CA ASN A 283 -9.42 -54.15 16.21
C ASN A 283 -8.51 -54.21 15.00
N TYR A 284 -8.18 -53.04 14.46
CA TYR A 284 -7.37 -52.97 13.24
C TYR A 284 -5.92 -53.33 13.50
N PHE A 285 -5.36 -52.80 14.59
CA PHE A 285 -3.96 -53.01 14.93
C PHE A 285 -3.71 -54.38 15.57
N GLU A 286 -4.76 -55.00 16.06
CA GLU A 286 -4.70 -56.29 16.76
C GLU A 286 -3.83 -56.18 18.01
N ILE A 287 -3.73 -54.97 18.53
CA ILE A 287 -3.13 -54.72 19.83
C ILE A 287 -4.17 -53.94 20.62
N GLN A 288 -4.33 -54.29 21.90
CA GLN A 288 -5.30 -53.59 22.74
C GLN A 288 -4.67 -52.31 23.26
N TYR A 289 -5.50 -51.34 23.62
CA TYR A 289 -5.00 -50.13 24.25
C TYR A 289 -4.61 -50.51 25.68
N PRO A 290 -3.29 -50.54 25.95
CA PRO A 290 -2.72 -51.16 27.15
C PRO A 290 -2.95 -50.36 28.43
N LEU A 291 -4.14 -49.83 28.59
CA LEU A 291 -4.47 -49.06 29.77
C LEU A 291 -5.91 -49.35 30.19
N LYS A 292 -6.22 -49.04 31.44
CA LYS A 292 -7.58 -49.24 31.95
C LYS A 292 -8.44 -48.03 31.62
N LYS A 293 -7.82 -46.86 31.58
CA LYS A 293 -8.57 -45.64 31.30
C LYS A 293 -7.99 -44.82 30.12
N LEU A 294 -8.84 -43.96 29.57
CA LEU A 294 -8.48 -43.08 28.46
C LEU A 294 -9.17 -41.73 28.66
N ASP A 295 -8.38 -40.68 28.90
CA ASP A 295 -8.94 -39.39 29.28
C ASP A 295 -8.69 -38.29 28.25
N LEU A 296 -9.78 -37.79 27.67
CA LEU A 296 -9.71 -36.61 26.80
C LEU A 296 -10.21 -35.38 27.54
N VAL A 297 -9.27 -34.55 28.00
CA VAL A 297 -9.62 -33.36 28.75
C VAL A 297 -9.63 -32.11 27.88
N ALA A 298 -10.76 -31.39 27.91
CA ALA A 298 -10.95 -30.17 27.14
C ALA A 298 -10.50 -28.96 27.94
N ILE A 299 -9.19 -28.69 27.91
CA ILE A 299 -8.61 -27.54 28.60
C ILE A 299 -9.32 -26.24 28.25
N PRO A 300 -9.81 -25.52 29.28
CA PRO A 300 -10.59 -24.29 29.09
C PRO A 300 -9.71 -23.08 28.83
N ASP A 301 -8.97 -23.11 27.72
CA ASP A 301 -8.19 -21.97 27.28
C ASP A 301 -8.02 -22.00 25.76
N PHE A 302 -7.94 -20.83 25.16
CA PHE A 302 -7.85 -20.69 23.72
C PHE A 302 -6.43 -20.94 23.19
N GLU A 303 -5.45 -20.77 24.07
CA GLU A 303 -4.05 -21.01 23.70
C GLU A 303 -3.53 -22.34 24.25
N ALA A 304 -4.41 -23.34 24.32
CA ALA A 304 -4.00 -24.65 24.81
C ALA A 304 -3.18 -25.42 23.78
N GLY A 305 -2.45 -26.42 24.26
CA GLY A 305 -1.72 -27.33 23.39
C GLY A 305 -2.37 -28.71 23.30
N ALA A 306 -2.90 -29.03 22.12
CA ALA A 306 -3.46 -30.36 21.89
C ALA A 306 -2.32 -31.37 21.76
N MET A 307 -2.46 -32.50 22.44
CA MET A 307 -1.35 -33.44 22.60
C MET A 307 -1.86 -34.86 22.88
N GLU A 308 -1.00 -35.84 22.62
CA GLU A 308 -1.42 -37.24 22.64
C GLU A 308 -0.83 -38.02 23.82
N ASN A 309 -0.68 -37.35 24.95
CA ASN A 309 -0.14 -37.99 26.14
C ASN A 309 -0.90 -39.27 26.46
N TRP A 310 -0.15 -40.32 26.79
CA TRP A 310 -0.73 -41.62 27.08
C TRP A 310 -1.76 -41.52 28.20
N GLY A 311 -2.98 -41.94 27.90
CA GLY A 311 -4.06 -41.86 28.87
C GLY A 311 -4.60 -40.47 29.16
N LEU A 312 -3.78 -39.45 28.93
CA LEU A 312 -4.20 -38.08 29.18
C LEU A 312 -4.15 -37.24 27.90
N LEU A 313 -5.16 -37.40 27.06
CA LEU A 313 -5.25 -36.62 25.82
C LEU A 313 -5.76 -35.21 26.09
N THR A 314 -5.14 -34.24 25.44
CA THR A 314 -5.47 -32.83 25.66
C THR A 314 -6.00 -32.16 24.41
N PHE A 315 -6.97 -31.27 24.59
CA PHE A 315 -7.60 -30.56 23.49
C PHE A 315 -7.79 -29.10 23.83
N ARG A 316 -8.04 -28.28 22.82
CA ARG A 316 -8.51 -26.92 23.05
C ARG A 316 -10.01 -27.02 23.25
N GLU A 317 -10.51 -26.36 24.30
CA GLU A 317 -11.92 -26.50 24.70
C GLU A 317 -12.88 -26.34 23.53
N GLU A 318 -12.66 -25.31 22.72
CA GLU A 318 -13.45 -25.05 21.53
C GLU A 318 -13.54 -26.26 20.61
N THR A 319 -12.44 -26.99 20.50
CA THR A 319 -12.30 -28.05 19.50
C THR A 319 -12.84 -29.39 19.96
N LEU A 320 -13.49 -29.42 21.12
CA LEU A 320 -14.13 -30.65 21.60
C LEU A 320 -15.65 -30.51 21.72
N LEU A 321 -16.11 -29.33 22.07
CA LEU A 321 -17.55 -29.10 22.22
C LEU A 321 -18.28 -29.19 20.89
N TYR A 322 -19.14 -30.21 20.75
CA TYR A 322 -20.03 -30.30 19.61
C TYR A 322 -21.50 -30.35 20.04
N ASP A 323 -22.22 -29.26 19.80
CA ASP A 323 -23.66 -29.29 20.05
C ASP A 323 -24.36 -29.86 18.83
N SER A 324 -25.20 -30.85 19.06
CA SER A 324 -25.90 -31.54 17.98
C SER A 324 -26.91 -30.62 17.30
N ASN A 325 -27.26 -29.54 17.99
CA ASN A 325 -28.30 -28.63 17.51
C ASN A 325 -27.72 -27.44 16.75
N THR A 326 -26.85 -26.67 17.40
CA THR A 326 -26.39 -25.40 16.87
C THR A 326 -25.14 -25.46 15.99
N SER A 327 -24.40 -26.57 16.05
CA SER A 327 -23.12 -26.66 15.36
C SER A 327 -23.20 -27.23 13.94
N SER A 328 -22.24 -26.82 13.12
CA SER A 328 -22.20 -27.14 11.69
C SER A 328 -21.40 -28.39 11.34
N MET A 329 -21.21 -28.59 10.04
CA MET A 329 -20.39 -29.68 9.52
C MET A 329 -18.91 -29.47 9.78
N ALA A 330 -18.44 -28.23 9.59
CA ALA A 330 -17.05 -27.91 9.81
C ALA A 330 -16.70 -28.05 11.28
N ASP A 331 -17.70 -27.82 12.14
CA ASP A 331 -17.56 -28.02 13.57
C ASP A 331 -17.50 -29.50 13.91
N ARG A 332 -18.32 -30.29 13.24
CA ARG A 332 -18.37 -31.73 13.47
C ARG A 332 -17.15 -32.44 12.90
N LYS A 333 -16.86 -32.20 11.63
CA LYS A 333 -15.71 -32.81 10.96
C LYS A 333 -14.41 -32.59 11.73
N LEU A 334 -14.24 -31.38 12.27
CA LEU A 334 -13.02 -31.06 13.01
C LEU A 334 -12.94 -31.91 14.28
N VAL A 335 -14.05 -31.98 15.00
CA VAL A 335 -14.10 -32.69 16.29
C VAL A 335 -13.86 -34.19 16.13
N THR A 336 -14.32 -34.75 15.01
CA THR A 336 -14.08 -36.16 14.71
C THR A 336 -12.63 -36.37 14.32
N LYS A 337 -12.17 -35.54 13.38
CA LYS A 337 -10.83 -35.63 12.82
C LYS A 337 -9.74 -35.45 13.87
N ILE A 338 -9.97 -34.56 14.83
CA ILE A 338 -8.94 -34.22 15.81
C ILE A 338 -8.84 -35.31 16.87
N ILE A 339 -9.93 -36.04 17.09
CA ILE A 339 -9.93 -37.13 18.07
C ILE A 339 -9.24 -38.34 17.46
N ALA A 340 -9.61 -38.67 16.22
CA ALA A 340 -9.01 -39.79 15.50
C ALA A 340 -7.50 -39.65 15.40
N HIS A 341 -7.04 -38.41 15.26
CA HIS A 341 -5.61 -38.12 15.19
C HIS A 341 -4.93 -38.37 16.53
N GLU A 342 -5.59 -37.93 17.60
CA GLU A 342 -5.03 -38.06 18.95
C GLU A 342 -5.02 -39.53 19.38
N LEU A 343 -6.10 -40.25 19.07
CA LEU A 343 -6.19 -41.67 19.36
C LEU A 343 -5.10 -42.47 18.67
N ALA A 344 -5.13 -42.48 17.34
CA ALA A 344 -4.14 -43.19 16.51
C ALA A 344 -2.69 -42.88 16.92
N HIS A 345 -2.51 -41.77 17.64
CA HIS A 345 -1.20 -41.39 18.16
C HIS A 345 -0.79 -42.29 19.33
N GLN A 346 -1.76 -42.87 20.05
CA GLN A 346 -1.45 -43.81 21.13
C GLN A 346 -0.68 -45.01 20.63
N TRP A 347 -0.97 -45.43 19.41
CA TRP A 347 -0.23 -46.52 18.79
C TRP A 347 1.03 -45.98 18.12
N PHE A 348 0.86 -45.15 17.10
CA PHE A 348 2.00 -44.53 16.43
C PHE A 348 2.42 -43.24 17.14
N GLY A 349 3.43 -43.34 17.99
CA GLY A 349 3.96 -42.18 18.69
C GLY A 349 4.11 -42.35 20.19
N ASN A 350 3.33 -43.26 20.75
CA ASN A 350 3.38 -43.52 22.17
C ASN A 350 4.01 -44.88 22.46
N LEU A 351 3.33 -45.93 22.01
CA LEU A 351 3.87 -47.28 22.00
C LEU A 351 5.19 -47.26 21.23
N VAL A 352 5.06 -47.35 19.91
CA VAL A 352 6.19 -47.18 18.98
C VAL A 352 6.60 -45.70 18.77
N THR A 353 7.69 -45.28 19.40
CA THR A 353 8.16 -43.90 19.31
C THR A 353 9.49 -43.82 18.56
N MET A 354 9.67 -42.80 17.74
CA MET A 354 10.89 -42.62 16.97
C MET A 354 12.10 -42.40 17.88
N LYS A 355 13.29 -42.75 17.38
CA LYS A 355 14.51 -42.63 18.15
C LYS A 355 14.96 -41.17 18.26
N TRP A 356 14.60 -40.36 17.27
CA TRP A 356 15.02 -38.96 17.24
C TRP A 356 14.09 -38.14 16.36
N TRP A 357 14.14 -36.81 16.50
CA TRP A 357 13.17 -35.92 15.86
C TRP A 357 13.33 -35.80 14.34
N ASN A 358 14.37 -36.42 13.79
CA ASN A 358 14.53 -36.48 12.35
C ASN A 358 13.46 -37.40 11.75
N ASP A 359 12.99 -38.33 12.56
CA ASP A 359 11.95 -39.26 12.12
C ASP A 359 10.62 -38.88 12.77
N LEU A 360 10.47 -37.59 13.07
CA LEU A 360 9.23 -37.06 13.64
C LEU A 360 8.04 -37.42 12.78
N TRP A 361 8.22 -37.31 11.46
CA TRP A 361 7.18 -37.62 10.49
C TRP A 361 6.62 -39.03 10.64
N LEU A 362 7.34 -39.91 11.31
CA LEU A 362 6.92 -41.29 11.47
C LEU A 362 5.67 -41.38 12.33
N ASN A 363 5.68 -40.65 13.45
CA ASN A 363 4.50 -40.51 14.28
C ASN A 363 3.40 -39.71 13.59
N GLU A 364 3.72 -38.45 13.29
CA GLU A 364 2.74 -37.48 12.80
C GLU A 364 2.23 -37.77 11.41
N GLY A 365 3.08 -38.35 10.56
CA GLY A 365 2.65 -38.76 9.23
C GLY A 365 1.70 -39.94 9.32
N PHE A 366 1.91 -40.78 10.32
CA PHE A 366 1.11 -41.98 10.50
C PHE A 366 -0.20 -41.63 11.19
N ALA A 367 -0.10 -40.76 12.20
CA ALA A 367 -1.27 -40.30 12.91
C ALA A 367 -2.22 -39.58 11.97
N THR A 368 -1.65 -38.81 11.05
CA THR A 368 -2.43 -38.09 10.04
C THR A 368 -3.03 -39.03 9.01
N PHE A 369 -2.36 -40.16 8.76
CA PHE A 369 -2.90 -41.13 7.81
C PHE A 369 -4.04 -41.94 8.42
N MET A 370 -3.81 -42.41 9.64
CA MET A 370 -4.81 -43.21 10.35
C MET A 370 -6.00 -42.33 10.69
N GLU A 371 -5.73 -41.05 10.89
CA GLU A 371 -6.75 -40.02 11.02
C GLU A 371 -7.81 -40.14 9.93
N TYR A 372 -7.41 -39.81 8.70
CA TYR A 372 -8.31 -39.81 7.56
C TYR A 372 -8.75 -41.22 7.18
N PHE A 373 -7.99 -42.23 7.58
CA PHE A 373 -8.30 -43.61 7.21
C PHE A 373 -9.38 -44.22 8.09
N SER A 374 -9.29 -43.98 9.39
CA SER A 374 -10.30 -44.48 10.33
C SER A 374 -11.68 -43.93 9.98
N LEU A 375 -11.73 -42.64 9.66
CA LEU A 375 -12.97 -42.00 9.25
C LEU A 375 -13.57 -42.58 7.98
N GLU A 376 -12.73 -42.91 7.00
CA GLU A 376 -13.22 -43.48 5.75
C GLU A 376 -13.86 -44.86 5.96
N LYS A 377 -13.58 -45.46 7.10
CA LYS A 377 -14.07 -46.79 7.41
C LYS A 377 -15.31 -46.69 8.31
N ILE A 378 -15.24 -45.84 9.32
CA ILE A 378 -16.31 -45.70 10.29
C ILE A 378 -17.23 -44.51 10.04
N PHE A 379 -16.64 -43.38 9.65
CA PHE A 379 -17.40 -42.15 9.41
C PHE A 379 -17.52 -41.81 7.93
N LYS A 380 -17.94 -42.79 7.14
CA LYS A 380 -17.99 -42.68 5.69
C LYS A 380 -18.96 -41.59 5.22
N GLU A 381 -19.76 -41.07 6.14
CA GLU A 381 -20.71 -39.99 5.84
C GLU A 381 -20.00 -38.65 5.63
N LEU A 382 -18.96 -38.41 6.44
CA LEU A 382 -18.24 -37.14 6.43
C LEU A 382 -17.58 -36.81 5.10
N SER A 383 -17.32 -37.83 4.29
CA SER A 383 -16.59 -37.68 3.04
C SER A 383 -15.26 -37.00 3.32
N SER A 384 -14.57 -37.45 4.36
CA SER A 384 -13.32 -36.85 4.80
C SER A 384 -12.19 -37.03 3.80
N TYR A 385 -12.40 -37.91 2.81
CA TYR A 385 -11.42 -38.10 1.75
C TYR A 385 -11.28 -36.81 0.94
N GLU A 386 -12.36 -36.03 0.88
CA GLU A 386 -12.34 -34.73 0.21
C GLU A 386 -11.36 -33.80 0.90
N ASP A 387 -11.51 -33.68 2.22
CA ASP A 387 -10.59 -32.91 3.05
C ASP A 387 -9.15 -33.33 2.80
N PHE A 388 -8.92 -34.64 2.84
CA PHE A 388 -7.61 -35.22 2.65
C PHE A 388 -7.01 -34.84 1.29
N LEU A 389 -7.83 -34.93 0.25
CA LEU A 389 -7.41 -34.62 -1.11
C LEU A 389 -6.95 -33.17 -1.26
N ASP A 390 -7.81 -32.24 -0.86
CA ASP A 390 -7.45 -30.82 -0.87
C ASP A 390 -6.21 -30.55 -0.03
N ALA A 391 -6.10 -31.24 1.10
CA ALA A 391 -4.95 -31.10 1.97
C ALA A 391 -3.67 -31.49 1.24
N ARG A 392 -3.73 -32.63 0.55
CA ARG A 392 -2.61 -33.13 -0.23
C ARG A 392 -2.29 -32.18 -1.37
N PHE A 393 -3.33 -31.66 -2.01
CA PHE A 393 -3.20 -30.61 -3.02
C PHE A 393 -2.29 -29.48 -2.54
N LYS A 394 -2.66 -28.89 -1.40
CA LYS A 394 -1.97 -27.72 -0.89
C LYS A 394 -0.58 -28.07 -0.36
N THR A 395 -0.34 -29.36 -0.16
CA THR A 395 0.97 -29.83 0.30
C THR A 395 1.97 -29.90 -0.84
N MET A 396 1.49 -30.34 -2.01
CA MET A 396 2.33 -30.47 -3.19
C MET A 396 2.76 -29.09 -3.69
N LYS A 397 1.85 -28.13 -3.59
CA LYS A 397 2.14 -26.75 -3.98
C LYS A 397 3.26 -26.15 -3.13
N LYS A 398 3.44 -26.68 -1.93
CA LYS A 398 4.43 -26.16 -1.00
C LYS A 398 5.69 -27.01 -0.99
N ASP A 399 5.54 -28.27 -1.36
CA ASP A 399 6.67 -29.18 -1.45
C ASP A 399 7.42 -28.95 -2.74
N SER A 400 6.75 -28.32 -3.71
CA SER A 400 7.32 -28.10 -5.01
C SER A 400 8.19 -26.85 -5.02
N LEU A 401 8.08 -26.05 -3.94
CA LEU A 401 8.91 -24.87 -3.77
C LEU A 401 10.36 -25.24 -3.51
N ASN A 402 11.21 -24.23 -3.36
CA ASN A 402 12.63 -24.48 -3.12
C ASN A 402 12.91 -24.53 -1.62
N SER A 403 12.09 -23.83 -0.83
CA SER A 403 12.22 -23.82 0.62
C SER A 403 11.93 -25.19 1.23
N SER A 404 11.39 -26.09 0.40
CA SER A 404 10.95 -27.40 0.87
C SER A 404 12.11 -28.22 1.42
N HIS A 405 11.85 -28.93 2.51
CA HIS A 405 12.84 -29.81 3.11
C HIS A 405 12.28 -31.23 3.14
N PRO A 406 13.12 -32.23 2.84
CA PRO A 406 12.72 -33.64 2.85
C PRO A 406 12.25 -34.06 4.24
N ILE A 407 11.27 -34.96 4.31
CA ILE A 407 10.65 -35.33 5.58
C ILE A 407 11.68 -35.99 6.48
N SER A 408 12.55 -36.79 5.89
CA SER A 408 13.67 -37.34 6.63
C SER A 408 14.81 -36.37 6.44
N SER A 409 15.11 -35.62 7.51
CA SER A 409 16.03 -34.50 7.42
C SER A 409 16.86 -34.39 8.68
N SER A 410 18.17 -34.21 8.51
CA SER A 410 19.09 -34.10 9.62
C SER A 410 18.68 -33.00 10.60
N VAL A 411 18.51 -33.37 11.86
CA VAL A 411 18.12 -32.43 12.90
C VAL A 411 19.17 -32.41 14.00
N GLN A 412 19.91 -31.30 14.11
CA GLN A 412 20.96 -31.23 15.10
C GLN A 412 20.73 -30.11 16.12
N SER A 413 19.98 -29.09 15.73
CA SER A 413 19.64 -27.99 16.62
C SER A 413 18.28 -28.24 17.29
N SER A 414 17.72 -27.19 17.87
CA SER A 414 16.44 -27.30 18.56
C SER A 414 15.34 -26.54 17.82
N GLU A 415 15.74 -25.55 17.02
CA GLU A 415 14.77 -24.84 16.18
C GLU A 415 14.51 -25.67 14.95
N GLN A 416 15.50 -26.48 14.57
CA GLN A 416 15.34 -27.47 13.52
C GLN A 416 14.34 -28.55 13.95
N ILE A 417 14.17 -28.70 15.27
CA ILE A 417 13.18 -29.63 15.82
C ILE A 417 11.78 -29.04 15.72
N GLU A 418 11.61 -27.82 16.21
CA GLU A 418 10.35 -27.09 16.09
C GLU A 418 9.90 -27.04 14.64
N GLU A 419 10.85 -26.73 13.76
CA GLU A 419 10.63 -26.76 12.31
C GLU A 419 9.97 -28.05 11.83
N MET A 420 10.47 -29.19 12.31
CA MET A 420 10.01 -30.49 11.83
C MET A 420 8.52 -30.73 12.06
N PHE A 421 7.92 -29.91 12.92
CA PHE A 421 6.48 -29.97 13.16
C PHE A 421 5.78 -29.06 12.16
N ASP A 422 5.91 -29.40 10.88
CA ASP A 422 5.32 -28.61 9.81
C ASP A 422 4.41 -29.45 8.92
N SER A 423 3.75 -28.78 7.98
CA SER A 423 2.80 -29.41 7.09
C SER A 423 3.38 -30.58 6.30
N LEU A 424 4.63 -30.45 5.87
CA LEU A 424 5.27 -31.47 5.05
C LEU A 424 5.37 -32.81 5.77
N SER A 425 5.69 -32.76 7.06
CA SER A 425 5.81 -33.99 7.84
C SER A 425 4.46 -34.69 7.97
N TYR A 426 3.43 -33.92 8.28
CA TYR A 426 2.10 -34.47 8.53
C TYR A 426 1.43 -35.03 7.26
N PHE A 427 1.55 -34.30 6.15
CA PHE A 427 0.78 -34.63 4.96
C PHE A 427 1.56 -35.33 3.84
N LYS A 428 2.82 -34.98 3.64
CA LYS A 428 3.65 -35.72 2.69
C LYS A 428 3.87 -37.13 3.22
N GLY A 429 4.36 -37.21 4.46
CA GLY A 429 4.46 -38.46 5.19
C GLY A 429 3.20 -39.29 5.06
N SER A 430 2.05 -38.65 5.29
CA SER A 430 0.75 -39.29 5.11
C SER A 430 0.52 -39.79 3.68
N SER A 431 0.96 -38.97 2.72
CA SER A 431 0.72 -39.24 1.31
C SER A 431 1.46 -40.51 0.86
N LEU A 432 2.64 -40.74 1.44
CA LEU A 432 3.43 -41.90 1.06
C LEU A 432 2.78 -43.18 1.54
N LEU A 433 2.39 -43.18 2.81
CA LEU A 433 1.71 -44.31 3.41
C LEU A 433 0.42 -44.64 2.66
N LEU A 434 -0.24 -43.62 2.11
CA LEU A 434 -1.41 -43.84 1.27
C LEU A 434 -0.98 -44.46 -0.05
N MET A 435 0.06 -43.86 -0.64
CA MET A 435 0.63 -44.35 -1.89
C MET A 435 1.21 -45.74 -1.69
N LEU A 436 1.80 -45.96 -0.52
CA LEU A 436 2.33 -47.27 -0.16
C LEU A 436 1.18 -48.23 0.07
N LYS A 437 0.12 -47.73 0.69
CA LYS A 437 -1.08 -48.52 0.89
C LYS A 437 -1.69 -48.99 -0.42
N THR A 438 -2.15 -48.05 -1.24
CA THR A 438 -2.90 -48.39 -2.46
C THR A 438 -2.05 -49.09 -3.52
N TYR A 439 -0.73 -49.09 -3.35
CA TYR A 439 0.14 -49.87 -4.22
C TYR A 439 0.11 -51.34 -3.81
N LEU A 440 0.60 -51.63 -2.61
CA LEU A 440 0.49 -52.94 -2.00
C LEU A 440 -0.98 -53.21 -1.70
N SER A 441 -1.34 -54.45 -1.40
CA SER A 441 -2.74 -54.72 -1.07
C SER A 441 -3.07 -53.94 0.19
N GLU A 442 -4.36 -53.63 0.38
CA GLU A 442 -4.83 -53.03 1.62
C GLU A 442 -4.49 -53.93 2.80
N ASP A 443 -4.60 -55.22 2.58
CA ASP A 443 -4.27 -56.22 3.59
C ASP A 443 -2.77 -56.31 3.84
N VAL A 444 -1.99 -56.26 2.77
CA VAL A 444 -0.53 -56.19 2.84
C VAL A 444 -0.02 -54.98 3.62
N PHE A 445 -0.69 -53.85 3.47
CA PHE A 445 -0.35 -52.69 4.29
C PHE A 445 -0.60 -52.94 5.77
N GLN A 446 -1.72 -53.57 6.11
CA GLN A 446 -2.05 -53.81 7.52
C GLN A 446 -1.06 -54.76 8.18
N HIS A 447 -0.75 -55.86 7.50
CA HIS A 447 0.18 -56.86 8.02
C HIS A 447 1.53 -56.21 8.35
N ALA A 448 2.03 -55.41 7.43
CA ALA A 448 3.28 -54.69 7.62
C ALA A 448 3.21 -53.77 8.83
N VAL A 449 2.00 -53.29 9.15
CA VAL A 449 1.79 -52.46 10.33
C VAL A 449 1.69 -53.28 11.60
N VAL A 450 0.76 -54.23 11.62
CA VAL A 450 0.58 -55.13 12.76
C VAL A 450 1.90 -55.74 13.24
N LEU A 451 2.72 -56.18 12.29
CA LEU A 451 4.04 -56.72 12.61
C LEU A 451 4.99 -55.63 13.09
N TYR A 452 4.96 -54.48 12.42
CA TYR A 452 5.76 -53.32 12.81
C TYR A 452 5.44 -52.89 14.24
N LEU A 453 4.14 -52.87 14.55
CA LEU A 453 3.66 -52.50 15.87
C LEU A 453 4.08 -53.54 16.91
N HIS A 454 3.94 -54.82 16.55
CA HIS A 454 4.34 -55.93 17.40
C HIS A 454 5.82 -55.92 17.79
N ASN A 455 6.67 -55.95 16.78
CA ASN A 455 8.12 -56.09 16.95
C ASN A 455 8.74 -54.99 17.81
N HIS A 456 8.27 -53.75 17.66
CA HIS A 456 8.93 -52.59 18.28
C HIS A 456 8.16 -51.95 19.44
N SER A 457 7.13 -52.60 19.95
CA SER A 457 6.34 -52.04 21.06
C SER A 457 7.21 -51.62 22.24
N TYR A 458 6.85 -50.49 22.86
CA TYR A 458 7.57 -49.95 24.01
C TYR A 458 9.05 -49.72 23.73
N ALA A 459 9.38 -49.49 22.46
CA ALA A 459 10.77 -49.24 22.05
C ALA A 459 10.91 -48.02 21.14
N SER A 460 12.12 -47.83 20.64
CA SER A 460 12.47 -46.69 19.81
C SER A 460 12.63 -47.09 18.34
N ILE A 461 12.23 -46.21 17.43
CA ILE A 461 12.13 -46.57 16.03
C ILE A 461 13.04 -45.75 15.12
N GLN A 462 13.31 -46.28 13.92
CA GLN A 462 14.05 -45.57 12.88
C GLN A 462 13.23 -45.63 11.59
N SER A 463 13.55 -44.77 10.63
CA SER A 463 12.81 -44.73 9.38
C SER A 463 12.92 -46.05 8.63
N ASP A 464 14.13 -46.61 8.64
CA ASP A 464 14.44 -47.84 7.95
C ASP A 464 13.70 -49.03 8.56
N ASP A 465 13.56 -49.00 9.88
CA ASP A 465 12.92 -50.08 10.62
C ASP A 465 11.44 -50.29 10.27
N LEU A 466 10.78 -49.22 9.84
CA LEU A 466 9.40 -49.31 9.34
C LEU A 466 9.44 -50.03 8.00
N TRP A 467 10.43 -49.64 7.20
CA TRP A 467 10.65 -50.21 5.88
C TRP A 467 11.01 -51.69 5.96
N ASP A 468 11.85 -52.04 6.94
CA ASP A 468 12.28 -53.43 7.11
C ASP A 468 11.10 -54.36 7.37
N SER A 469 10.24 -53.99 8.32
CA SER A 469 9.05 -54.78 8.63
C SER A 469 7.95 -54.52 7.62
N PHE A 470 8.32 -53.88 6.51
CA PHE A 470 7.40 -53.58 5.41
C PHE A 470 7.75 -54.50 4.24
N ASN A 471 8.87 -55.21 4.38
CA ASN A 471 9.37 -56.09 3.32
C ASN A 471 9.48 -57.51 3.82
N GLU A 472 8.99 -57.74 5.03
CA GLU A 472 8.83 -59.08 5.56
C GLU A 472 8.10 -60.01 4.61
N VAL A 473 7.15 -59.47 3.86
CA VAL A 473 6.38 -60.32 2.96
C VAL A 473 5.99 -59.83 1.58
N THR A 474 6.05 -60.79 0.67
CA THR A 474 4.91 -61.15 -0.18
C THR A 474 5.26 -62.42 -0.98
N ASN A 475 5.51 -63.55 -0.30
CA ASN A 475 5.70 -63.71 1.15
C ASN A 475 7.19 -63.62 1.44
N GLN A 476 7.90 -62.96 0.54
CA GLN A 476 9.14 -63.49 -0.03
C GLN A 476 10.26 -62.48 -0.12
N THR A 477 9.95 -61.22 0.18
CA THR A 477 10.78 -60.07 -0.18
C THR A 477 10.77 -60.00 -1.70
N LEU A 478 9.55 -59.95 -2.25
CA LEU A 478 9.33 -59.77 -3.68
C LEU A 478 9.66 -58.34 -4.03
N ASP A 479 9.81 -57.51 -3.01
CA ASP A 479 10.10 -56.09 -3.21
C ASP A 479 10.79 -55.51 -1.99
N VAL A 480 11.65 -54.52 -2.22
CA VAL A 480 12.37 -53.85 -1.15
C VAL A 480 11.74 -52.49 -0.85
N LYS A 481 12.09 -51.89 0.29
CA LYS A 481 11.72 -50.50 0.52
C LYS A 481 12.98 -49.66 0.58
N ARG A 482 13.81 -49.82 -0.45
CA ARG A 482 14.82 -48.84 -0.83
C ARG A 482 14.11 -47.85 -1.73
N MET A 483 12.91 -48.27 -2.15
CA MET A 483 12.04 -47.50 -3.02
C MET A 483 11.56 -46.26 -2.29
N MET A 484 11.41 -46.39 -0.98
CA MET A 484 10.97 -45.28 -0.14
C MET A 484 12.12 -44.32 0.19
N LYS A 485 13.34 -44.71 -0.13
CA LYS A 485 14.52 -43.93 0.27
C LYS A 485 14.73 -42.70 -0.61
N THR A 486 14.09 -42.69 -1.79
CA THR A 486 14.08 -41.49 -2.61
C THR A 486 12.99 -40.53 -2.18
N TRP A 487 11.91 -41.06 -1.61
CA TRP A 487 10.78 -40.25 -1.18
C TRP A 487 11.04 -39.63 0.19
N THR A 488 11.98 -40.21 0.92
CA THR A 488 12.27 -39.78 2.28
C THR A 488 13.47 -38.84 2.33
N LEU A 489 14.45 -39.06 1.46
CA LEU A 489 15.71 -38.35 1.58
C LEU A 489 15.81 -37.09 0.70
N GLN A 490 15.00 -37.00 -0.34
CA GLN A 490 15.03 -35.79 -1.18
C GLN A 490 13.66 -35.13 -1.32
N LYS A 491 13.67 -33.80 -1.35
CA LYS A 491 12.47 -32.99 -1.39
C LYS A 491 11.69 -33.04 -2.69
N GLY A 492 10.49 -32.48 -2.67
CA GLY A 492 9.62 -32.39 -3.84
C GLY A 492 9.06 -33.72 -4.30
N PHE A 493 8.62 -33.76 -5.56
CA PHE A 493 7.95 -34.94 -6.09
C PHE A 493 8.16 -35.00 -7.61
N PRO A 494 8.08 -36.20 -8.19
CA PRO A 494 8.28 -36.34 -9.64
C PRO A 494 7.21 -35.66 -10.48
N LEU A 495 7.56 -35.28 -11.70
CA LEU A 495 6.58 -34.92 -12.70
C LEU A 495 6.53 -36.01 -13.75
N VAL A 496 5.48 -36.82 -13.72
CA VAL A 496 5.35 -37.89 -14.68
C VAL A 496 4.81 -37.35 -15.99
N THR A 497 5.51 -37.65 -17.08
CA THR A 497 5.07 -37.20 -18.40
C THR A 497 4.61 -38.44 -19.18
N VAL A 498 3.51 -38.30 -19.91
CA VAL A 498 2.87 -39.46 -20.54
C VAL A 498 2.55 -39.23 -22.01
N GLN A 499 2.87 -40.21 -22.84
CA GLN A 499 2.62 -40.16 -24.29
C GLN A 499 2.10 -41.49 -24.82
N LYS A 500 0.78 -41.59 -24.95
CA LYS A 500 0.17 -42.77 -25.52
C LYS A 500 0.24 -42.66 -27.04
N LYS A 501 0.96 -43.58 -27.67
CA LYS A 501 1.03 -43.62 -29.12
C LYS A 501 0.53 -44.95 -29.65
N GLY A 502 -0.71 -45.30 -29.28
CA GLY A 502 -1.32 -46.52 -29.73
C GLY A 502 -1.63 -47.50 -28.62
N LYS A 503 -0.88 -48.59 -28.59
CA LYS A 503 -1.05 -49.65 -27.61
C LYS A 503 0.10 -49.64 -26.61
N GLU A 504 0.99 -48.67 -26.76
CA GLU A 504 2.10 -48.51 -25.82
C GLU A 504 2.07 -47.12 -25.18
N LEU A 505 2.41 -47.06 -23.90
CA LEU A 505 2.31 -45.84 -23.15
C LEU A 505 3.67 -45.43 -22.58
N PHE A 506 4.27 -44.41 -23.18
CA PHE A 506 5.61 -43.96 -22.78
C PHE A 506 5.60 -43.07 -21.55
N ILE A 507 6.29 -43.51 -20.51
CA ILE A 507 6.40 -42.74 -19.27
C ILE A 507 7.77 -42.09 -19.13
N GLN A 508 7.80 -40.85 -18.65
CA GLN A 508 9.05 -40.16 -18.33
C GLN A 508 8.86 -39.38 -17.05
N GLN A 509 9.84 -39.48 -16.14
CA GLN A 509 9.75 -38.76 -14.89
C GLN A 509 10.83 -37.68 -14.82
N GLU A 510 10.58 -36.70 -13.95
CA GLU A 510 11.50 -35.58 -13.76
C GLU A 510 11.04 -34.78 -12.55
N ARG A 511 11.93 -33.98 -11.99
CA ARG A 511 11.57 -33.18 -10.81
C ARG A 511 10.60 -32.07 -11.16
N PHE A 512 9.57 -31.93 -10.34
CA PHE A 512 8.62 -30.84 -10.49
C PHE A 512 9.28 -29.54 -10.06
N PHE A 513 9.76 -28.76 -11.02
CA PHE A 513 10.49 -27.55 -10.71
C PHE A 513 9.80 -26.29 -11.24
N LEU A 514 10.02 -25.18 -10.55
CA LEU A 514 9.41 -23.91 -10.92
C LEU A 514 10.49 -22.89 -11.30
N ASN A 515 10.68 -22.78 -12.61
CA ASN A 515 11.69 -21.94 -13.28
C ASN A 515 12.24 -20.73 -12.53
N MET A 516 13.56 -20.60 -12.56
CA MET A 516 14.25 -19.42 -12.04
C MET A 516 15.58 -19.21 -12.75
N THR A 525 21.85 -32.41 -11.63
CA THR A 525 20.45 -32.86 -11.56
C THR A 525 20.09 -33.48 -10.22
N SER A 526 20.48 -34.75 -10.02
CA SER A 526 20.02 -35.64 -8.92
C SER A 526 18.69 -36.34 -9.25
N TYR A 527 17.93 -36.63 -8.19
CA TYR A 527 16.56 -37.19 -8.23
C TYR A 527 16.41 -38.67 -8.60
N LEU A 528 15.42 -38.91 -9.48
CA LEU A 528 14.84 -40.21 -9.81
C LEU A 528 14.02 -40.76 -8.63
N TRP A 529 12.84 -41.27 -8.96
CA TRP A 529 11.91 -41.82 -7.98
C TRP A 529 11.49 -43.25 -8.29
N HIS A 530 11.16 -44.01 -7.26
CA HIS A 530 10.57 -45.33 -7.46
C HIS A 530 9.06 -45.16 -7.39
N ILE A 531 8.45 -44.89 -8.54
CA ILE A 531 7.07 -44.43 -8.61
C ILE A 531 6.08 -45.56 -8.83
N PRO A 532 5.12 -45.71 -7.91
CA PRO A 532 4.09 -46.74 -8.09
C PRO A 532 3.03 -46.23 -9.04
N LEU A 533 3.22 -46.48 -10.34
CA LEU A 533 2.29 -45.97 -11.34
C LEU A 533 1.00 -46.76 -11.37
N SER A 534 -0.10 -46.05 -11.56
CA SER A 534 -1.40 -46.68 -11.79
C SER A 534 -2.10 -45.94 -12.91
N TYR A 535 -2.98 -46.62 -13.63
CA TYR A 535 -3.69 -45.97 -14.71
C TYR A 535 -5.07 -46.59 -14.87
N VAL A 536 -5.94 -45.90 -15.60
CA VAL A 536 -7.27 -46.41 -15.89
C VAL A 536 -7.71 -45.99 -17.29
N THR A 537 -8.43 -46.88 -17.97
CA THR A 537 -8.99 -46.57 -19.26
C THR A 537 -10.28 -47.33 -19.54
N GLU A 538 -10.89 -47.04 -20.68
CA GLU A 538 -12.01 -47.86 -21.15
C GLU A 538 -11.53 -48.51 -22.44
N GLY A 539 -11.74 -49.81 -22.56
CA GLY A 539 -11.24 -50.53 -23.71
C GLY A 539 -12.33 -51.04 -24.64
N ARG A 540 -12.67 -52.32 -24.47
CA ARG A 540 -13.66 -52.96 -25.31
C ARG A 540 -15.05 -52.42 -25.01
N ASN A 541 -15.89 -53.24 -24.37
CA ASN A 541 -17.24 -52.82 -24.00
C ASN A 541 -17.21 -51.91 -22.79
N TYR A 542 -16.62 -50.72 -22.96
CA TYR A 542 -16.38 -49.78 -21.87
C TYR A 542 -15.61 -50.47 -20.75
N SER A 543 -14.70 -51.36 -21.15
CA SER A 543 -13.97 -52.21 -20.21
C SER A 543 -13.22 -51.38 -19.16
N LYS A 544 -13.74 -51.38 -17.93
CA LYS A 544 -13.11 -50.67 -16.83
C LYS A 544 -11.73 -51.23 -16.52
N TYR A 545 -10.79 -51.02 -17.43
CA TYR A 545 -9.45 -51.53 -17.22
C TYR A 545 -8.62 -50.58 -16.37
N GLN A 546 -7.95 -51.17 -15.37
CA GLN A 546 -6.99 -50.44 -14.57
C GLN A 546 -5.79 -51.35 -14.34
N SER A 547 -4.62 -50.77 -14.15
CA SER A 547 -3.43 -51.57 -13.88
C SER A 547 -2.43 -50.79 -13.06
N VAL A 548 -1.38 -51.48 -12.62
CA VAL A 548 -0.39 -50.87 -11.77
C VAL A 548 1.03 -51.27 -12.20
N SER A 549 1.97 -50.34 -12.09
CA SER A 549 3.33 -50.57 -12.51
C SER A 549 4.29 -49.91 -11.52
N LEU A 550 5.51 -49.64 -11.98
CA LEU A 550 6.55 -49.06 -11.13
C LEU A 550 7.70 -48.56 -12.00
N LEU A 551 7.50 -47.42 -12.63
CA LEU A 551 8.61 -46.75 -13.32
C LEU A 551 9.66 -46.41 -12.29
N ASP A 552 10.89 -46.81 -12.57
CA ASP A 552 12.00 -46.59 -11.65
C ASP A 552 13.25 -46.12 -12.39
N LYS A 553 13.04 -45.61 -13.60
CA LYS A 553 14.12 -45.11 -14.44
C LYS A 553 13.61 -43.87 -15.17
N LYS A 554 14.54 -43.05 -15.67
CA LYS A 554 14.21 -41.81 -16.36
C LYS A 554 13.18 -42.01 -17.48
N SER A 555 13.12 -43.24 -18.00
CA SER A 555 12.16 -43.56 -19.05
C SER A 555 11.63 -44.98 -18.88
N GLY A 556 10.40 -45.19 -19.34
CA GLY A 556 9.76 -46.49 -19.30
C GLY A 556 8.66 -46.55 -20.33
N VAL A 557 7.91 -47.64 -20.32
CA VAL A 557 6.77 -47.78 -21.21
C VAL A 557 5.83 -48.84 -20.65
N ILE A 558 4.53 -48.58 -20.78
CA ILE A 558 3.53 -49.51 -20.29
C ILE A 558 2.78 -50.15 -21.45
N ASN A 559 2.62 -51.46 -21.38
CA ASN A 559 1.99 -52.22 -22.46
C ASN A 559 0.48 -52.32 -22.28
N LEU A 560 -0.25 -51.60 -23.13
CA LEU A 560 -1.70 -51.58 -23.06
C LEU A 560 -2.22 -52.85 -23.72
N THR A 561 -3.20 -53.48 -23.10
CA THR A 561 -3.82 -54.67 -23.67
C THR A 561 -4.39 -54.38 -25.05
N GLU A 562 -5.39 -53.49 -25.09
CA GLU A 562 -6.03 -53.12 -26.34
C GLU A 562 -5.63 -51.72 -26.80
N GLU A 563 -6.31 -51.25 -27.85
CA GLU A 563 -6.25 -49.85 -28.21
C GLU A 563 -7.29 -49.09 -27.38
N VAL A 564 -6.93 -47.87 -26.95
CA VAL A 564 -7.81 -47.10 -26.08
C VAL A 564 -7.86 -45.65 -26.55
N LEU A 565 -9.01 -45.01 -26.37
CA LEU A 565 -9.22 -43.64 -26.84
C LEU A 565 -8.76 -42.61 -25.81
N TRP A 566 -8.83 -42.98 -24.53
CA TRP A 566 -8.33 -42.13 -23.46
C TRP A 566 -7.69 -42.95 -22.35
N VAL A 567 -6.67 -42.39 -21.69
CA VAL A 567 -6.04 -43.07 -20.56
C VAL A 567 -5.65 -42.08 -19.44
N LYS A 568 -6.25 -42.27 -18.28
CA LYS A 568 -5.95 -41.44 -17.12
C LYS A 568 -4.94 -42.12 -16.19
N VAL A 569 -3.78 -41.47 -16.03
CA VAL A 569 -2.72 -42.00 -15.18
C VAL A 569 -2.87 -41.43 -13.76
N ASN A 570 -2.59 -42.28 -12.76
CA ASN A 570 -2.62 -41.93 -11.34
C ASN A 570 -4.06 -41.81 -10.84
N ILE A 571 -4.59 -42.93 -10.35
CA ILE A 571 -6.01 -43.03 -10.05
C ILE A 571 -6.31 -42.49 -8.66
N ASN A 572 -7.32 -41.62 -8.56
CA ASN A 572 -7.70 -40.97 -7.32
C ASN A 572 -6.55 -40.29 -6.58
N MET A 573 -5.65 -39.67 -7.34
CA MET A 573 -4.34 -39.19 -6.85
C MET A 573 -3.78 -39.98 -5.68
N ASN A 574 -3.74 -41.30 -5.80
CA ASN A 574 -3.12 -42.10 -4.75
C ASN A 574 -1.62 -41.90 -4.73
N GLY A 575 -1.06 -41.56 -5.90
CA GLY A 575 0.37 -41.34 -6.02
C GLY A 575 0.76 -39.89 -5.80
N TYR A 576 1.83 -39.68 -5.04
CA TYR A 576 2.27 -38.34 -4.67
C TYR A 576 3.13 -37.73 -5.78
N TYR A 577 2.48 -37.34 -6.87
CA TYR A 577 3.14 -36.78 -8.06
C TYR A 577 2.11 -36.18 -9.01
N ILE A 578 2.57 -35.44 -10.01
CA ILE A 578 1.67 -34.82 -10.98
C ILE A 578 1.94 -35.39 -12.36
N VAL A 579 0.87 -35.62 -13.11
CA VAL A 579 0.99 -36.24 -14.41
C VAL A 579 0.69 -35.21 -15.48
N HIS A 580 1.65 -35.03 -16.39
CA HIS A 580 1.51 -34.08 -17.48
C HIS A 580 1.40 -34.91 -18.76
N TYR A 581 0.22 -34.93 -19.35
CA TYR A 581 0.01 -35.69 -20.58
C TYR A 581 0.53 -34.90 -21.75
N ALA A 582 0.61 -35.54 -22.91
CA ALA A 582 0.98 -34.83 -24.12
C ALA A 582 -0.25 -34.15 -24.68
N ASP A 583 -0.05 -33.24 -25.62
CA ASP A 583 -1.11 -32.40 -26.17
C ASP A 583 -2.34 -33.22 -26.56
N ASP A 584 -2.11 -34.27 -27.34
CA ASP A 584 -3.19 -35.09 -27.88
C ASP A 584 -3.92 -35.85 -26.78
N ASP A 585 -3.20 -36.21 -25.72
CA ASP A 585 -3.79 -37.02 -24.64
C ASP A 585 -4.48 -36.16 -23.57
N TRP A 586 -4.00 -34.94 -23.37
CA TRP A 586 -4.75 -33.94 -22.60
C TRP A 586 -6.11 -33.72 -23.26
N GLU A 587 -6.08 -33.29 -24.51
CA GLU A 587 -7.27 -33.02 -25.30
C GLU A 587 -8.15 -34.27 -25.45
N ALA A 588 -7.55 -35.44 -25.26
CA ALA A 588 -8.28 -36.70 -25.30
C ALA A 588 -9.15 -36.85 -24.06
N LEU A 589 -8.59 -36.47 -22.92
CA LEU A 589 -9.32 -36.56 -21.64
C LEU A 589 -10.39 -35.48 -21.56
N ILE A 590 -10.08 -34.29 -22.07
CA ILE A 590 -11.01 -33.17 -22.07
C ILE A 590 -12.26 -33.52 -22.88
N HIS A 591 -12.05 -34.16 -24.03
CA HIS A 591 -13.16 -34.59 -24.87
C HIS A 591 -13.99 -35.63 -24.12
N GLN A 592 -13.31 -36.54 -23.43
CA GLN A 592 -13.98 -37.56 -22.63
C GLN A 592 -14.82 -36.95 -21.52
N LEU A 593 -14.28 -35.93 -20.87
CA LEU A 593 -14.98 -35.22 -19.80
C LEU A 593 -16.23 -34.52 -20.31
N LYS A 594 -16.17 -33.99 -21.54
CA LYS A 594 -17.32 -33.28 -22.08
C LYS A 594 -18.43 -34.23 -22.52
N ILE A 595 -18.07 -35.49 -22.74
CA ILE A 595 -19.06 -36.49 -23.13
C ILE A 595 -19.66 -37.16 -21.90
N ASN A 596 -18.87 -37.98 -21.21
CA ASN A 596 -19.28 -38.58 -19.94
C ASN A 596 -18.16 -38.51 -18.89
N PRO A 597 -18.21 -37.50 -18.01
CA PRO A 597 -17.13 -37.27 -17.04
C PRO A 597 -17.26 -38.12 -15.79
N TYR A 598 -18.00 -39.22 -15.86
CA TYR A 598 -18.28 -40.02 -14.68
C TYR A 598 -17.70 -41.42 -14.82
N VAL A 599 -16.96 -41.62 -15.91
CA VAL A 599 -16.17 -42.83 -16.12
C VAL A 599 -15.00 -42.86 -15.15
N LEU A 600 -14.78 -41.73 -14.48
CA LEU A 600 -13.75 -41.63 -13.45
C LEU A 600 -14.40 -41.20 -12.14
N SER A 601 -13.66 -41.33 -11.05
CA SER A 601 -14.14 -40.92 -9.73
C SER A 601 -14.10 -39.40 -9.57
N ASP A 602 -14.70 -38.92 -8.49
CA ASP A 602 -14.64 -37.50 -8.17
C ASP A 602 -13.20 -37.08 -7.88
N LYS A 603 -12.47 -37.94 -7.16
CA LYS A 603 -11.05 -37.69 -6.90
C LYS A 603 -10.25 -37.56 -8.20
N ASP A 604 -10.52 -38.45 -9.15
CA ASP A 604 -9.90 -38.40 -10.48
C ASP A 604 -10.15 -37.06 -11.16
N ARG A 605 -11.42 -36.68 -11.21
CA ARG A 605 -11.82 -35.44 -11.87
C ARG A 605 -11.23 -34.22 -11.19
N ALA A 606 -11.20 -34.24 -9.86
CA ALA A 606 -10.61 -33.15 -9.08
C ALA A 606 -9.12 -33.07 -9.37
N ASN A 607 -8.47 -34.22 -9.38
CA ASN A 607 -7.04 -34.30 -9.65
C ASN A 607 -6.65 -33.69 -10.99
N LEU A 608 -7.45 -33.95 -12.01
CA LEU A 608 -7.19 -33.41 -13.35
C LEU A 608 -7.25 -31.89 -13.37
N ILE A 609 -8.24 -31.32 -12.69
CA ILE A 609 -8.41 -29.87 -12.62
C ILE A 609 -7.21 -29.25 -11.91
N ASN A 610 -6.82 -29.85 -10.79
CA ASN A 610 -5.63 -29.42 -10.05
C ASN A 610 -4.38 -29.42 -10.91
N ASN A 611 -4.05 -30.57 -11.47
CA ASN A 611 -2.81 -30.74 -12.21
C ASN A 611 -2.66 -29.83 -13.41
N ILE A 612 -3.76 -29.59 -14.13
CA ILE A 612 -3.67 -28.78 -15.34
C ILE A 612 -3.49 -27.30 -15.03
N PHE A 613 -4.15 -26.82 -13.98
CA PHE A 613 -4.01 -25.42 -13.58
C PHE A 613 -2.61 -25.15 -13.04
N GLU A 614 -2.05 -26.13 -12.35
CA GLU A 614 -0.73 -25.98 -11.76
C GLU A 614 0.35 -26.12 -12.83
N LEU A 615 0.05 -26.90 -13.86
CA LEU A 615 0.93 -27.01 -15.01
C LEU A 615 0.86 -25.76 -15.86
N ALA A 616 -0.37 -25.26 -16.07
CA ALA A 616 -0.57 -24.01 -16.80
C ALA A 616 0.09 -22.82 -16.10
N GLY A 617 0.31 -22.97 -14.80
CA GLY A 617 0.98 -21.94 -14.03
C GLY A 617 2.45 -21.83 -14.38
N LEU A 618 3.12 -22.97 -14.40
CA LEU A 618 4.55 -23.02 -14.66
C LEU A 618 4.85 -22.87 -16.15
N GLY A 619 3.79 -22.85 -16.97
CA GLY A 619 3.93 -22.73 -18.42
C GLY A 619 3.96 -24.01 -19.23
N LYS A 620 3.93 -25.17 -18.58
CA LYS A 620 3.94 -26.44 -19.31
C LYS A 620 2.68 -26.66 -20.15
N VAL A 621 1.67 -25.81 -19.96
CA VAL A 621 0.41 -25.90 -20.67
C VAL A 621 -0.23 -24.50 -20.78
N PRO A 622 -0.85 -24.19 -21.93
CA PRO A 622 -1.54 -22.90 -22.02
C PRO A 622 -2.75 -22.84 -21.10
N LEU A 623 -2.96 -21.70 -20.46
CA LEU A 623 -4.04 -21.54 -19.48
C LEU A 623 -5.42 -21.74 -20.10
N LYS A 624 -5.53 -21.45 -21.40
CA LYS A 624 -6.80 -21.63 -22.10
C LYS A 624 -7.25 -23.10 -22.08
N ARG A 625 -6.28 -24.01 -22.02
CA ARG A 625 -6.59 -25.44 -21.99
C ARG A 625 -7.09 -25.87 -20.62
N ALA A 626 -6.57 -25.23 -19.57
CA ALA A 626 -7.04 -25.49 -18.21
C ALA A 626 -8.53 -25.19 -18.12
N PHE A 627 -8.91 -24.02 -18.65
CA PHE A 627 -10.29 -23.59 -18.66
C PHE A 627 -11.10 -24.42 -19.64
N ASP A 628 -10.42 -24.91 -20.67
CA ASP A 628 -11.05 -25.77 -21.67
C ASP A 628 -11.44 -27.09 -21.01
N LEU A 629 -10.67 -27.51 -20.00
CA LEU A 629 -10.95 -28.74 -19.27
C LEU A 629 -12.16 -28.62 -18.35
N ILE A 630 -12.25 -27.52 -17.61
CA ILE A 630 -13.35 -27.33 -16.66
C ILE A 630 -14.70 -27.11 -17.35
N ASN A 631 -14.68 -26.86 -18.65
CA ASN A 631 -15.90 -26.56 -19.41
C ASN A 631 -17.00 -27.62 -19.23
N TYR A 632 -16.61 -28.80 -18.76
CA TYR A 632 -17.53 -29.90 -18.53
C TYR A 632 -18.36 -29.65 -17.28
N LEU A 633 -17.86 -28.78 -16.40
CA LEU A 633 -18.39 -28.62 -15.04
C LEU A 633 -19.87 -28.31 -14.99
N GLY A 634 -20.45 -27.94 -16.12
CA GLY A 634 -21.89 -27.76 -16.23
C GLY A 634 -22.62 -29.05 -15.91
N ASN A 635 -21.91 -30.16 -16.03
CA ASN A 635 -22.48 -31.49 -15.82
C ASN A 635 -21.81 -32.23 -14.65
N GLU A 636 -21.43 -31.47 -13.63
CA GLU A 636 -20.83 -32.06 -12.43
C GLU A 636 -21.73 -31.90 -11.22
N ASN A 637 -21.89 -32.98 -10.46
CA ASN A 637 -22.70 -32.95 -9.24
C ASN A 637 -21.90 -33.35 -8.02
N HIS A 638 -20.63 -33.68 -8.25
CA HIS A 638 -19.68 -34.02 -7.20
C HIS A 638 -18.87 -32.80 -6.77
N THR A 639 -18.97 -32.46 -5.48
CA THR A 639 -18.29 -31.30 -4.90
C THR A 639 -16.78 -31.26 -5.12
N ALA A 640 -16.09 -32.36 -4.82
CA ALA A 640 -14.63 -32.39 -4.80
C ALA A 640 -13.95 -31.79 -6.05
N PRO A 641 -14.44 -32.11 -7.27
CA PRO A 641 -13.92 -31.36 -8.41
C PRO A 641 -14.32 -29.88 -8.41
N ILE A 642 -15.54 -29.59 -7.98
CA ILE A 642 -16.07 -28.23 -8.06
C ILE A 642 -15.33 -27.29 -7.09
N THR A 643 -15.17 -27.74 -5.85
CA THR A 643 -14.44 -26.96 -4.83
C THR A 643 -13.03 -26.61 -5.31
N GLU A 644 -12.30 -27.61 -5.79
CA GLU A 644 -10.94 -27.41 -6.28
C GLU A 644 -10.89 -26.55 -7.53
N ALA A 645 -11.96 -26.60 -8.33
CA ALA A 645 -12.02 -25.81 -9.54
C ALA A 645 -12.34 -24.36 -9.19
N LEU A 646 -13.25 -24.19 -8.23
CA LEU A 646 -13.54 -22.87 -7.65
C LEU A 646 -12.34 -22.27 -6.93
N PHE A 647 -11.40 -23.11 -6.49
CA PHE A 647 -10.22 -22.61 -5.80
C PHE A 647 -9.25 -22.02 -6.80
N GLN A 648 -8.92 -22.81 -7.81
CA GLN A 648 -7.94 -22.42 -8.83
C GLN A 648 -8.33 -21.14 -9.57
N THR A 649 -9.62 -21.01 -9.91
CA THR A 649 -10.10 -19.81 -10.59
C THR A 649 -10.21 -18.60 -9.68
N ASP A 650 -10.55 -18.82 -8.41
CA ASP A 650 -10.62 -17.72 -7.45
C ASP A 650 -9.23 -17.14 -7.21
N LEU A 651 -8.21 -17.99 -7.28
CA LEU A 651 -6.83 -17.55 -7.11
C LEU A 651 -6.43 -16.62 -8.25
N ILE A 652 -6.77 -17.00 -9.48
CA ILE A 652 -6.42 -16.22 -10.65
C ILE A 652 -7.18 -14.89 -10.60
N TYR A 653 -8.44 -14.94 -10.18
CA TYR A 653 -9.24 -13.72 -10.04
C TYR A 653 -8.57 -12.75 -9.08
N ASN A 654 -8.14 -13.28 -7.93
CA ASN A 654 -7.57 -12.44 -6.89
C ASN A 654 -6.20 -11.90 -7.28
N LEU A 655 -5.41 -12.71 -7.97
CA LEU A 655 -4.10 -12.29 -8.44
C LEU A 655 -4.23 -11.13 -9.42
N LEU A 656 -5.08 -11.32 -10.43
CA LEU A 656 -5.43 -10.25 -11.37
C LEU A 656 -5.91 -8.99 -10.65
N GLU A 657 -6.94 -9.15 -9.82
CA GLU A 657 -7.57 -8.03 -9.11
C GLU A 657 -6.58 -7.11 -8.40
N LYS A 658 -5.62 -7.70 -7.70
CA LYS A 658 -4.66 -6.93 -6.92
C LYS A 658 -3.63 -6.21 -7.80
N LEU A 659 -3.67 -6.50 -9.10
CA LEU A 659 -2.85 -5.74 -10.04
C LEU A 659 -3.64 -4.52 -10.44
N GLY A 660 -4.56 -4.69 -11.38
CA GLY A 660 -5.45 -3.63 -11.80
C GLY A 660 -6.41 -4.06 -12.89
N TYR A 661 -6.51 -5.38 -13.08
CA TYR A 661 -7.26 -5.93 -14.19
C TYR A 661 -8.64 -6.36 -13.73
N MET A 662 -9.41 -5.40 -13.22
CA MET A 662 -10.74 -5.67 -12.69
C MET A 662 -11.67 -6.25 -13.76
N ASP A 663 -11.64 -5.66 -14.95
CA ASP A 663 -12.44 -6.12 -16.07
C ASP A 663 -12.08 -7.57 -16.40
N LEU A 664 -10.80 -7.83 -16.63
CA LEU A 664 -10.32 -9.18 -16.93
C LEU A 664 -10.72 -10.16 -15.82
N ALA A 665 -10.55 -9.73 -14.57
CA ALA A 665 -10.88 -10.55 -13.42
C ALA A 665 -12.38 -10.84 -13.34
N SER A 666 -13.20 -9.83 -13.64
CA SER A 666 -14.66 -9.97 -13.51
C SER A 666 -15.26 -10.77 -14.66
N ARG A 667 -14.72 -10.60 -15.86
CA ARG A 667 -15.14 -11.39 -17.00
C ARG A 667 -14.82 -12.86 -16.76
N LEU A 668 -13.79 -13.11 -15.97
CA LEU A 668 -13.33 -14.45 -15.67
C LEU A 668 -14.30 -15.24 -14.79
N VAL A 669 -14.73 -14.64 -13.68
CA VAL A 669 -15.60 -15.33 -12.73
C VAL A 669 -16.99 -15.58 -13.30
N THR A 670 -17.37 -14.80 -14.30
CA THR A 670 -18.65 -14.98 -14.98
C THR A 670 -18.60 -16.18 -15.92
N ARG A 671 -17.43 -16.37 -16.55
CA ARG A 671 -17.21 -17.54 -17.40
C ARG A 671 -17.36 -18.80 -16.55
N VAL A 672 -16.75 -18.77 -15.37
CA VAL A 672 -16.82 -19.87 -14.42
C VAL A 672 -18.22 -19.98 -13.80
N PHE A 673 -18.89 -18.85 -13.62
CA PHE A 673 -20.24 -18.85 -13.08
C PHE A 673 -21.22 -19.54 -14.02
N LYS A 674 -21.09 -19.27 -15.32
CA LYS A 674 -21.99 -19.84 -16.32
C LYS A 674 -21.93 -21.36 -16.35
N LEU A 675 -20.74 -21.91 -16.13
CA LEU A 675 -20.59 -23.36 -16.03
C LEU A 675 -21.41 -23.87 -14.86
N LEU A 676 -21.25 -23.23 -13.71
CA LEU A 676 -21.87 -23.67 -12.47
C LEU A 676 -23.22 -23.00 -12.24
N GLN A 677 -23.70 -22.29 -13.25
CA GLN A 677 -24.95 -21.52 -13.16
C GLN A 677 -26.11 -22.36 -12.64
N ASN A 678 -26.34 -23.50 -13.28
CA ASN A 678 -27.42 -24.41 -12.92
C ASN A 678 -27.34 -24.83 -11.46
N GLN A 679 -26.27 -25.51 -11.11
CA GLN A 679 -26.01 -25.92 -9.73
C GLN A 679 -26.24 -24.82 -8.70
N ILE A 680 -25.72 -23.62 -9.00
CA ILE A 680 -25.80 -22.50 -8.07
C ILE A 680 -27.24 -22.05 -7.84
N GLN A 681 -28.01 -21.94 -8.92
CA GLN A 681 -29.43 -21.66 -8.82
C GLN A 681 -30.14 -22.74 -8.02
N GLN A 682 -29.89 -23.99 -8.42
CA GLN A 682 -30.55 -25.17 -7.85
C GLN A 682 -30.33 -25.32 -6.34
N GLN A 683 -29.37 -24.60 -5.78
CA GLN A 683 -29.06 -24.73 -4.36
C GLN A 683 -30.16 -24.16 -3.47
N THR A 684 -30.26 -24.71 -2.26
CA THR A 684 -31.20 -24.24 -1.27
C THR A 684 -30.44 -23.71 -0.07
N TRP A 685 -31.04 -22.78 0.66
CA TRP A 685 -30.37 -22.14 1.79
C TRP A 685 -30.71 -22.84 3.09
N THR A 686 -30.43 -24.14 3.13
CA THR A 686 -30.80 -24.93 4.28
C THR A 686 -29.60 -25.70 4.82
N ASP A 687 -29.86 -26.60 5.77
CA ASP A 687 -28.82 -27.46 6.29
C ASP A 687 -29.11 -28.91 5.93
N GLU A 688 -29.74 -29.10 4.77
CA GLU A 688 -30.22 -30.42 4.35
C GLU A 688 -29.33 -31.11 3.33
N GLY A 689 -28.80 -32.27 3.72
CA GLY A 689 -28.05 -33.12 2.81
C GLY A 689 -26.90 -33.81 3.50
N THR A 690 -26.24 -34.70 2.76
CA THR A 690 -25.00 -35.32 3.23
C THR A 690 -23.93 -34.25 3.42
N PRO A 691 -22.98 -34.50 4.35
CA PRO A 691 -21.87 -33.58 4.61
C PRO A 691 -21.22 -33.09 3.31
N SER A 692 -20.89 -34.03 2.44
CA SER A 692 -20.35 -33.72 1.11
C SER A 692 -21.19 -32.70 0.34
N MET A 693 -22.51 -32.85 0.42
CA MET A 693 -23.42 -32.01 -0.35
C MET A 693 -23.64 -30.65 0.31
N ARG A 694 -23.59 -30.63 1.65
CA ARG A 694 -23.72 -29.38 2.39
C ARG A 694 -22.45 -28.54 2.22
N GLU A 695 -21.36 -29.22 1.88
CA GLU A 695 -20.10 -28.54 1.59
C GLU A 695 -20.18 -27.78 0.27
N LEU A 696 -20.69 -28.45 -0.76
CA LEU A 696 -20.89 -27.84 -2.07
C LEU A 696 -21.83 -26.63 -2.00
N ARG A 697 -22.87 -26.77 -1.19
CA ARG A 697 -23.82 -25.68 -0.97
C ARG A 697 -23.09 -24.47 -0.40
N SER A 698 -22.28 -24.70 0.64
CA SER A 698 -21.49 -23.63 1.24
C SER A 698 -20.52 -23.02 0.24
N ALA A 699 -19.98 -23.88 -0.62
CA ALA A 699 -19.02 -23.45 -1.64
C ALA A 699 -19.67 -22.55 -2.68
N LEU A 700 -20.67 -23.09 -3.38
CA LEU A 700 -21.33 -22.37 -4.47
C LEU A 700 -22.00 -21.07 -4.01
N LEU A 701 -22.53 -21.06 -2.79
CA LEU A 701 -23.22 -19.88 -2.26
C LEU A 701 -22.24 -18.79 -1.88
N GLU A 702 -21.20 -19.16 -1.15
CA GLU A 702 -20.16 -18.22 -0.74
C GLU A 702 -19.50 -17.60 -1.96
N PHE A 703 -19.49 -18.36 -3.06
CA PHE A 703 -18.91 -17.89 -4.32
C PHE A 703 -19.76 -16.83 -5.02
N ALA A 704 -20.99 -17.20 -5.38
CA ALA A 704 -21.87 -16.34 -6.17
C ALA A 704 -22.21 -15.03 -5.46
N CYS A 705 -21.95 -14.98 -4.15
CA CYS A 705 -22.26 -13.83 -3.33
C CYS A 705 -21.06 -12.90 -3.24
N THR A 706 -19.86 -13.49 -3.27
CA THR A 706 -18.64 -12.73 -3.10
C THR A 706 -18.45 -11.72 -4.24
N HIS A 707 -18.54 -12.20 -5.47
CA HIS A 707 -18.40 -11.33 -6.63
C HIS A 707 -19.73 -10.70 -7.08
N ASN A 708 -20.83 -11.11 -6.44
CA ASN A 708 -22.21 -10.74 -6.83
C ASN A 708 -22.57 -11.40 -8.15
N LEU A 709 -23.34 -12.49 -8.07
CA LEU A 709 -23.76 -13.28 -9.22
C LEU A 709 -25.15 -13.86 -9.02
N GLY A 710 -26.10 -13.41 -9.84
CA GLY A 710 -27.47 -13.87 -9.74
C GLY A 710 -28.14 -13.40 -8.47
N ASN A 711 -29.23 -14.07 -8.09
CA ASN A 711 -30.00 -13.70 -6.91
C ASN A 711 -29.25 -13.96 -5.60
N CYS A 712 -28.18 -14.77 -5.67
CA CYS A 712 -27.38 -15.20 -4.52
C CYS A 712 -27.25 -14.21 -3.37
N SER A 713 -27.05 -12.94 -3.68
CA SER A 713 -27.06 -11.88 -2.66
C SER A 713 -28.46 -11.76 -2.05
N THR A 714 -29.07 -10.58 -2.15
CA THR A 714 -30.47 -10.33 -1.80
C THR A 714 -31.17 -11.39 -0.92
N THR A 715 -31.19 -12.63 -1.39
CA THR A 715 -31.59 -13.79 -0.59
C THR A 715 -30.82 -13.79 0.72
N ALA A 716 -29.49 -13.63 0.62
CA ALA A 716 -28.62 -13.56 1.78
C ALA A 716 -28.90 -12.29 2.56
N MET A 717 -29.15 -11.21 1.83
CA MET A 717 -29.43 -9.92 2.44
C MET A 717 -30.80 -9.91 3.12
N LYS A 718 -31.76 -10.63 2.52
CA LYS A 718 -33.07 -10.83 3.12
C LYS A 718 -32.94 -11.54 4.46
N LEU A 719 -32.32 -12.71 4.42
CA LEU A 719 -32.10 -13.54 5.60
C LEU A 719 -31.41 -12.78 6.72
N PHE A 720 -30.35 -12.06 6.39
CA PHE A 720 -29.62 -11.23 7.34
C PHE A 720 -30.51 -10.18 8.01
N ASP A 721 -31.36 -9.54 7.21
CA ASP A 721 -32.31 -8.57 7.75
C ASP A 721 -33.28 -9.20 8.74
N ASP A 722 -33.70 -10.43 8.45
CA ASP A 722 -34.59 -11.16 9.33
C ASP A 722 -33.85 -11.49 10.62
N TRP A 723 -32.70 -12.14 10.47
CA TRP A 723 -31.81 -12.45 11.58
C TRP A 723 -31.41 -11.22 12.41
N MET A 724 -31.07 -10.13 11.73
CA MET A 724 -30.70 -8.89 12.43
C MET A 724 -31.87 -8.26 13.17
N ALA A 725 -33.05 -8.33 12.57
CA ALA A 725 -34.27 -7.84 13.20
C ALA A 725 -34.55 -8.53 14.54
N SER A 726 -34.70 -9.85 14.50
CA SER A 726 -34.93 -10.66 15.69
C SER A 726 -33.85 -10.60 16.78
N ASN A 727 -33.01 -9.57 16.78
CA ASN A 727 -31.92 -9.43 17.75
C ASN A 727 -30.98 -10.63 17.66
N GLY A 728 -31.00 -11.30 16.52
CA GLY A 728 -30.31 -12.56 16.36
C GLY A 728 -30.92 -13.74 17.09
N THR A 729 -32.22 -13.71 17.34
CA THR A 729 -32.85 -14.88 17.96
C THR A 729 -33.29 -15.89 16.91
N GLN A 730 -33.22 -15.50 15.63
CA GLN A 730 -33.57 -16.43 14.57
C GLN A 730 -32.40 -17.35 14.28
N SER A 731 -32.65 -18.65 14.21
CA SER A 731 -31.65 -19.60 13.76
C SER A 731 -31.21 -19.32 12.32
N LEU A 732 -29.90 -19.21 12.10
CA LEU A 732 -29.37 -19.20 10.75
C LEU A 732 -28.75 -20.54 10.39
N PRO A 733 -29.10 -21.07 9.21
CA PRO A 733 -28.54 -22.33 8.70
C PRO A 733 -27.02 -22.23 8.54
N THR A 734 -26.29 -22.84 9.46
CA THR A 734 -24.83 -22.73 9.53
C THR A 734 -24.07 -22.95 8.23
N ASP A 735 -24.77 -23.44 7.20
CA ASP A 735 -24.18 -23.59 5.88
C ASP A 735 -24.22 -22.28 5.10
N VAL A 736 -25.12 -21.38 5.50
CA VAL A 736 -25.26 -20.09 4.84
C VAL A 736 -24.86 -18.98 5.80
N MET A 737 -24.62 -19.36 7.05
CA MET A 737 -24.27 -18.43 8.12
C MET A 737 -23.16 -17.45 7.75
N THR A 738 -22.08 -17.95 7.17
CA THR A 738 -20.92 -17.12 6.86
C THR A 738 -21.25 -16.17 5.70
N THR A 739 -21.82 -16.72 4.64
CA THR A 739 -22.26 -15.93 3.50
C THR A 739 -23.20 -14.81 3.93
N VAL A 740 -24.25 -15.18 4.65
CA VAL A 740 -25.25 -14.24 5.14
C VAL A 740 -24.62 -13.15 6.00
N PHE A 741 -23.79 -13.56 6.96
CA PHE A 741 -23.03 -12.62 7.79
C PHE A 741 -22.21 -11.64 6.94
N LYS A 742 -21.51 -12.15 5.94
CA LYS A 742 -20.63 -11.31 5.12
C LYS A 742 -21.40 -10.26 4.32
N VAL A 743 -22.48 -10.69 3.66
CA VAL A 743 -23.31 -9.78 2.87
C VAL A 743 -23.86 -8.63 3.73
N GLY A 744 -24.41 -8.98 4.88
CA GLY A 744 -24.95 -7.99 5.80
C GLY A 744 -23.91 -7.01 6.31
N ALA A 745 -22.66 -7.43 6.35
CA ALA A 745 -21.59 -6.62 6.91
C ALA A 745 -21.12 -5.51 5.96
N LYS A 746 -21.78 -5.40 4.81
CA LYS A 746 -21.41 -4.39 3.83
C LYS A 746 -22.13 -3.07 4.10
N THR A 747 -23.01 -3.08 5.11
CA THR A 747 -23.73 -1.87 5.49
C THR A 747 -23.28 -1.38 6.86
N ASP A 748 -23.13 -0.06 7.00
CA ASP A 748 -22.66 0.54 8.24
C ASP A 748 -23.53 0.14 9.43
N LYS A 749 -24.79 -0.16 9.14
CA LYS A 749 -25.75 -0.58 10.16
C LYS A 749 -25.57 -2.05 10.52
N GLY A 750 -25.71 -2.92 9.53
CA GLY A 750 -25.55 -4.36 9.68
C GLY A 750 -24.19 -4.74 10.23
N TRP A 751 -23.16 -4.05 9.75
CA TRP A 751 -21.81 -4.20 10.29
C TRP A 751 -21.78 -3.89 11.79
N SER A 752 -22.26 -2.70 12.16
CA SER A 752 -22.24 -2.24 13.55
C SER A 752 -23.05 -3.18 14.44
N PHE A 753 -24.01 -3.86 13.84
CA PHE A 753 -24.81 -4.86 14.53
C PHE A 753 -23.95 -6.08 14.83
N LEU A 754 -23.31 -6.62 13.80
CA LEU A 754 -22.49 -7.81 13.92
C LEU A 754 -21.35 -7.64 14.92
N LEU A 755 -20.95 -6.39 15.16
CA LEU A 755 -19.92 -6.10 16.16
C LEU A 755 -20.51 -6.26 17.55
N GLY A 756 -21.74 -5.78 17.73
CA GLY A 756 -22.51 -6.02 18.94
C GLY A 756 -22.58 -7.49 19.31
N LYS A 757 -23.00 -8.31 18.34
CA LYS A 757 -23.15 -9.75 18.56
C LYS A 757 -21.82 -10.50 18.62
N TYR A 758 -20.72 -9.77 18.70
CA TYR A 758 -19.39 -10.37 18.89
C TYR A 758 -18.89 -10.11 20.30
N ILE A 759 -18.97 -8.86 20.74
CA ILE A 759 -18.64 -8.47 22.12
C ILE A 759 -19.63 -9.06 23.14
N SER A 760 -20.70 -9.69 22.67
CA SER A 760 -21.69 -10.29 23.57
C SER A 760 -21.70 -11.81 23.59
N ILE A 761 -22.41 -12.38 22.62
CA ILE A 761 -22.73 -13.81 22.60
C ILE A 761 -21.50 -14.71 22.72
N GLY A 762 -21.74 -15.96 23.09
CA GLY A 762 -20.67 -16.89 23.40
C GLY A 762 -20.31 -17.94 22.37
N SER A 763 -21.22 -18.21 21.45
CA SER A 763 -20.98 -19.25 20.44
C SER A 763 -19.72 -18.94 19.63
N GLU A 764 -18.64 -19.67 19.90
CA GLU A 764 -17.31 -19.30 19.40
C GLU A 764 -17.12 -19.63 17.93
N ALA A 765 -17.77 -20.69 17.45
CA ALA A 765 -17.74 -21.01 16.04
C ALA A 765 -18.55 -19.96 15.29
N GLU A 766 -19.60 -19.47 15.93
CA GLU A 766 -20.41 -18.39 15.39
C GLU A 766 -19.66 -17.06 15.49
N LYS A 767 -18.96 -16.87 16.60
CA LYS A 767 -18.13 -15.69 16.79
C LYS A 767 -17.07 -15.59 15.70
N ASN A 768 -16.56 -16.73 15.26
CA ASN A 768 -15.51 -16.74 14.25
C ASN A 768 -16.04 -16.53 12.84
N LYS A 769 -17.30 -16.90 12.62
CA LYS A 769 -17.95 -16.59 11.34
C LYS A 769 -18.31 -15.11 11.27
N ILE A 770 -18.58 -14.51 12.42
CA ILE A 770 -18.94 -13.10 12.49
C ILE A 770 -17.71 -12.22 12.23
N LEU A 771 -16.58 -12.62 12.78
CA LEU A 771 -15.34 -11.85 12.63
C LEU A 771 -14.93 -11.75 11.17
N GLU A 772 -15.03 -12.89 10.47
CA GLU A 772 -14.74 -12.96 9.05
C GLU A 772 -15.55 -11.92 8.28
N ALA A 773 -16.85 -11.88 8.56
CA ALA A 773 -17.74 -10.88 7.97
C ALA A 773 -17.29 -9.45 8.26
N LEU A 774 -16.96 -9.18 9.52
CA LEU A 774 -16.49 -7.86 9.94
C LEU A 774 -15.29 -7.39 9.13
N ALA A 775 -14.40 -8.31 8.80
CA ALA A 775 -13.18 -7.99 8.10
C ALA A 775 -13.35 -8.17 6.59
N SER A 776 -14.60 -8.34 6.17
CA SER A 776 -14.92 -8.40 4.76
C SER A 776 -15.57 -7.10 4.32
N SER A 777 -15.66 -6.15 5.25
CA SER A 777 -16.16 -4.82 4.95
C SER A 777 -15.24 -4.10 3.97
N GLU A 778 -15.82 -3.27 3.11
CA GLU A 778 -15.04 -2.53 2.12
C GLU A 778 -14.64 -1.16 2.67
N ASP A 779 -15.27 -0.76 3.77
CA ASP A 779 -14.93 0.48 4.45
C ASP A 779 -13.55 0.32 5.09
N VAL A 780 -12.54 0.86 4.43
CA VAL A 780 -11.14 0.74 4.83
C VAL A 780 -10.91 1.09 6.30
N ARG A 781 -11.54 2.18 6.74
CA ARG A 781 -11.50 2.64 8.12
C ARG A 781 -11.83 1.50 9.09
N LYS A 782 -12.98 0.87 8.88
CA LYS A 782 -13.43 -0.24 9.71
C LYS A 782 -12.41 -1.38 9.75
N LEU A 783 -11.75 -1.63 8.63
CA LEU A 783 -10.76 -2.70 8.54
C LEU A 783 -9.52 -2.38 9.38
N TYR A 784 -9.09 -1.13 9.33
CA TYR A 784 -7.90 -0.74 10.06
C TYR A 784 -8.20 -0.73 11.54
N TRP A 785 -9.39 -0.24 11.88
CA TRP A 785 -9.86 -0.24 13.25
C TRP A 785 -9.86 -1.65 13.81
N LEU A 786 -10.23 -2.62 12.99
CA LEU A 786 -10.17 -4.03 13.39
C LEU A 786 -8.76 -4.49 13.71
N MET A 787 -7.82 -4.20 12.82
CA MET A 787 -6.45 -4.65 12.96
C MET A 787 -5.76 -3.97 14.14
N LYS A 788 -5.92 -2.65 14.24
CA LYS A 788 -5.31 -1.88 15.30
C LYS A 788 -5.87 -2.31 16.66
N SER A 789 -7.17 -2.56 16.72
CA SER A 789 -7.82 -3.03 17.95
C SER A 789 -7.34 -4.42 18.35
N SER A 790 -7.53 -5.37 17.44
CA SER A 790 -7.11 -6.77 17.64
C SER A 790 -5.67 -6.93 18.10
N LEU A 791 -4.82 -5.98 17.73
CA LEU A 791 -3.41 -6.03 18.12
C LEU A 791 -3.24 -6.00 19.63
N ASN A 792 -3.70 -4.91 20.26
CA ASN A 792 -3.61 -4.79 21.71
C ASN A 792 -4.72 -5.52 22.45
N GLY A 793 -5.61 -6.17 21.69
CA GLY A 793 -6.71 -6.92 22.26
C GLY A 793 -7.76 -6.14 23.02
N ASP A 794 -8.41 -5.20 22.33
CA ASP A 794 -9.40 -4.34 22.96
C ASP A 794 -10.79 -4.96 22.87
N ASN A 795 -11.18 -5.36 21.66
CA ASN A 795 -12.46 -6.02 21.46
C ASN A 795 -12.29 -7.39 20.80
N PHE A 796 -11.04 -7.71 20.46
CA PHE A 796 -10.72 -8.97 19.82
C PHE A 796 -9.42 -9.50 20.39
N ARG A 797 -9.36 -10.81 20.68
CA ARG A 797 -8.14 -11.40 21.22
C ARG A 797 -7.03 -11.37 20.18
N THR A 798 -5.79 -11.24 20.65
CA THR A 798 -4.65 -11.07 19.75
C THR A 798 -4.36 -12.34 18.94
N GLN A 799 -4.90 -13.47 19.38
CA GLN A 799 -4.77 -14.71 18.62
C GLN A 799 -5.59 -14.60 17.33
N LYS A 800 -6.60 -13.75 17.36
CA LYS A 800 -7.47 -13.53 16.21
C LYS A 800 -6.84 -12.60 15.18
N LEU A 801 -5.76 -11.93 15.56
CA LEU A 801 -5.14 -10.92 14.71
C LEU A 801 -4.66 -11.45 13.36
N SER A 802 -4.04 -12.64 13.38
CA SER A 802 -3.59 -13.29 12.16
C SER A 802 -4.75 -13.50 11.18
N PHE A 803 -5.85 -14.02 11.71
CA PHE A 803 -7.05 -14.29 10.93
C PHE A 803 -7.62 -13.01 10.33
N ILE A 804 -7.50 -11.90 11.07
CA ILE A 804 -8.01 -10.62 10.61
C ILE A 804 -7.15 -10.03 9.49
N ILE A 805 -5.85 -9.91 9.74
CA ILE A 805 -4.91 -9.40 8.73
C ILE A 805 -4.98 -10.18 7.43
N ARG A 806 -5.12 -11.50 7.53
CA ARG A 806 -5.24 -12.35 6.35
C ARG A 806 -6.51 -12.02 5.59
N THR A 807 -7.65 -12.01 6.29
CA THR A 807 -8.96 -11.82 5.66
C THR A 807 -9.07 -10.42 5.08
N VAL A 808 -8.51 -9.45 5.79
CA VAL A 808 -8.55 -8.06 5.33
C VAL A 808 -7.75 -7.93 4.04
N GLY A 809 -6.66 -8.68 3.95
CA GLY A 809 -5.75 -8.59 2.80
C GLY A 809 -6.06 -9.43 1.56
N ARG A 810 -7.17 -10.15 1.55
CA ARG A 810 -7.50 -10.99 0.40
C ARG A 810 -8.31 -10.20 -0.61
N HIS A 811 -9.04 -9.20 -0.12
CA HIS A 811 -9.92 -8.39 -0.95
C HIS A 811 -9.32 -7.01 -1.20
N PHE A 812 -9.63 -6.45 -2.36
CA PHE A 812 -9.01 -5.23 -2.87
C PHE A 812 -8.84 -4.06 -1.87
N PRO A 813 -9.93 -3.63 -1.19
CA PRO A 813 -9.75 -2.45 -0.33
C PRO A 813 -8.74 -2.63 0.81
N GLY A 814 -8.70 -3.82 1.38
CA GLY A 814 -7.81 -4.11 2.49
C GLY A 814 -6.40 -4.50 2.05
N HIS A 815 -6.29 -4.91 0.79
CA HIS A 815 -5.07 -5.51 0.24
C HIS A 815 -3.79 -4.75 0.58
N LEU A 816 -3.70 -3.49 0.15
CA LEU A 816 -2.52 -2.67 0.43
C LEU A 816 -2.48 -2.29 1.91
N LEU A 817 -3.66 -2.22 2.52
CA LEU A 817 -3.79 -1.76 3.89
C LEU A 817 -3.28 -2.80 4.88
N ALA A 818 -3.45 -4.08 4.54
CA ALA A 818 -3.00 -5.17 5.39
C ALA A 818 -1.48 -5.17 5.51
N TRP A 819 -0.81 -5.23 4.37
CA TRP A 819 0.66 -5.19 4.31
C TRP A 819 1.26 -3.96 5.00
N ASP A 820 0.56 -2.83 4.89
CA ASP A 820 1.03 -1.60 5.54
C ASP A 820 0.96 -1.75 7.06
N PHE A 821 -0.12 -2.36 7.54
CA PHE A 821 -0.28 -2.62 8.97
C PHE A 821 0.84 -3.49 9.51
N VAL A 822 1.26 -4.47 8.72
CA VAL A 822 2.30 -5.42 9.12
C VAL A 822 3.64 -4.71 9.28
N LYS A 823 4.01 -3.92 8.28
CA LYS A 823 5.25 -3.14 8.35
C LYS A 823 5.23 -2.10 9.47
N GLU A 824 4.18 -1.30 9.49
CA GLU A 824 4.09 -0.17 10.41
C GLU A 824 3.94 -0.57 11.87
N ASN A 825 3.76 -1.86 12.12
CA ASN A 825 3.63 -2.36 13.48
C ASN A 825 4.48 -3.61 13.70
N TRP A 826 5.44 -3.83 12.82
CA TRP A 826 6.27 -5.03 12.81
C TRP A 826 6.96 -5.33 14.14
N ASN A 827 7.52 -4.31 14.78
CA ASN A 827 8.19 -4.48 16.07
C ASN A 827 7.24 -5.08 17.10
N LYS A 828 6.07 -4.48 17.24
CA LYS A 828 5.09 -4.96 18.22
C LYS A 828 4.52 -6.31 17.79
N LEU A 829 4.62 -6.63 16.51
CA LEU A 829 4.20 -7.94 16.02
C LEU A 829 5.20 -9.00 16.45
N VAL A 830 6.47 -8.61 16.51
CA VAL A 830 7.55 -9.54 16.81
C VAL A 830 7.64 -9.76 18.32
N GLN A 831 7.23 -8.75 19.09
CA GLN A 831 7.07 -8.89 20.53
C GLN A 831 5.98 -9.90 20.91
N LYS A 832 4.80 -9.74 20.31
CA LYS A 832 3.62 -10.53 20.68
C LYS A 832 3.66 -11.97 20.17
N PHE A 833 4.47 -12.22 19.16
CA PHE A 833 4.59 -13.57 18.60
C PHE A 833 6.05 -13.96 18.43
N PRO A 834 6.42 -15.14 18.92
CA PRO A 834 7.78 -15.66 18.71
C PRO A 834 8.19 -15.60 17.23
N LEU A 835 9.27 -14.87 16.96
CA LEU A 835 9.82 -14.72 15.61
C LEU A 835 10.11 -16.03 14.88
N GLY A 836 9.12 -16.90 14.79
CA GLY A 836 9.28 -18.20 14.17
C GLY A 836 8.23 -19.16 14.69
N SER A 837 7.11 -18.59 15.10
CA SER A 837 5.90 -19.37 15.39
C SER A 837 4.99 -19.30 14.17
N TYR A 838 4.04 -20.23 14.09
CA TYR A 838 3.14 -20.32 12.96
C TYR A 838 2.43 -18.99 12.66
N THR A 839 2.25 -18.17 13.68
CA THR A 839 1.54 -16.90 13.53
C THR A 839 2.34 -15.86 12.76
N ILE A 840 3.61 -15.66 13.13
CA ILE A 840 4.43 -14.64 12.47
C ILE A 840 4.71 -14.99 11.00
N GLN A 841 4.60 -16.28 10.66
CA GLN A 841 4.70 -16.70 9.27
C GLN A 841 3.38 -16.47 8.55
N ASN A 842 2.31 -16.99 9.14
CA ASN A 842 0.97 -16.90 8.58
C ASN A 842 0.58 -15.48 8.23
N ILE A 843 1.00 -14.53 9.07
CA ILE A 843 0.77 -13.12 8.82
C ILE A 843 1.48 -12.65 7.56
N VAL A 844 2.79 -12.84 7.51
CA VAL A 844 3.61 -12.38 6.39
C VAL A 844 3.17 -13.01 5.06
N ALA A 845 3.03 -14.33 5.06
CA ALA A 845 2.55 -15.04 3.88
C ALA A 845 1.15 -14.60 3.50
N GLY A 846 0.32 -14.39 4.52
CA GLY A 846 -1.07 -14.01 4.32
C GLY A 846 -1.24 -12.61 3.77
N SER A 847 -0.22 -11.78 3.97
CA SER A 847 -0.30 -10.37 3.60
C SER A 847 0.61 -10.02 2.44
N THR A 848 1.23 -11.01 1.82
CA THR A 848 2.14 -10.75 0.71
C THR A 848 2.00 -11.70 -0.49
N TYR A 849 1.16 -12.73 -0.37
CA TYR A 849 1.19 -13.81 -1.35
C TYR A 849 0.44 -13.45 -2.63
N LEU A 850 -0.03 -12.21 -2.69
CA LEU A 850 -0.90 -11.74 -3.78
C LEU A 850 -0.21 -10.63 -4.58
N PHE A 851 0.96 -10.20 -4.10
CA PHE A 851 1.79 -9.26 -4.83
C PHE A 851 2.36 -9.98 -6.06
N SER A 852 2.41 -9.30 -7.20
CA SER A 852 2.83 -9.95 -8.44
C SER A 852 3.54 -9.00 -9.38
N THR A 853 4.33 -8.11 -8.80
CA THR A 853 5.09 -7.13 -9.59
C THR A 853 6.53 -7.05 -9.08
N LYS A 854 7.46 -6.80 -10.00
CA LYS A 854 8.86 -6.54 -9.67
C LYS A 854 8.97 -5.47 -8.58
N THR A 855 8.15 -4.44 -8.70
CA THR A 855 8.17 -3.30 -7.78
C THR A 855 7.83 -3.72 -6.35
N HIS A 856 6.80 -4.55 -6.20
CA HIS A 856 6.42 -5.06 -4.89
C HIS A 856 7.48 -5.99 -4.32
N LEU A 857 8.02 -6.85 -5.19
CA LEU A 857 9.12 -7.75 -4.83
C LEU A 857 10.26 -7.01 -4.15
N SER A 858 10.63 -5.86 -4.72
CA SER A 858 11.73 -5.08 -4.18
C SER A 858 11.34 -4.46 -2.85
N GLU A 859 10.09 -4.01 -2.75
CA GLU A 859 9.59 -3.38 -1.53
C GLU A 859 9.59 -4.32 -0.33
N VAL A 860 9.14 -5.55 -0.56
CA VAL A 860 9.06 -6.56 0.51
C VAL A 860 10.46 -6.93 0.96
N GLN A 861 11.27 -7.37 0.01
CA GLN A 861 12.68 -7.68 0.22
C GLN A 861 13.41 -6.58 1.00
N ALA A 862 13.29 -5.34 0.53
CA ALA A 862 13.94 -4.19 1.16
C ALA A 862 13.48 -3.93 2.59
N PHE A 863 12.21 -4.19 2.87
CA PHE A 863 11.69 -3.96 4.22
C PHE A 863 12.31 -4.93 5.21
N PHE A 864 12.49 -6.17 4.77
CA PHE A 864 13.04 -7.22 5.63
C PHE A 864 14.55 -7.04 5.78
N GLU A 865 15.21 -6.66 4.68
CA GLU A 865 16.62 -6.25 4.72
C GLU A 865 16.89 -5.20 5.79
N ASN A 866 16.09 -4.14 5.75
CA ASN A 866 16.25 -3.02 6.68
C ASN A 866 15.90 -3.35 8.13
N GLN A 867 15.51 -4.60 8.36
CA GLN A 867 15.39 -5.12 9.71
C GLN A 867 16.75 -5.70 10.07
N SER A 868 16.84 -7.03 10.02
CA SER A 868 18.12 -7.73 10.12
C SER A 868 18.23 -8.75 8.99
N GLU A 869 19.41 -9.34 8.82
CA GLU A 869 19.56 -10.47 7.90
C GLU A 869 19.13 -11.74 8.62
N ALA A 870 19.12 -11.68 9.94
CA ALA A 870 18.69 -12.82 10.75
C ALA A 870 17.17 -12.95 10.72
N THR A 871 16.50 -11.92 10.20
CA THR A 871 15.07 -11.98 9.94
C THR A 871 14.86 -12.23 8.46
N PHE A 872 15.74 -11.64 7.65
CA PHE A 872 15.69 -11.75 6.19
C PHE A 872 15.99 -13.17 5.70
N ARG A 873 16.74 -13.92 6.49
CA ARG A 873 17.05 -15.30 6.10
C ARG A 873 16.16 -16.27 6.84
N LEU A 874 14.96 -15.85 7.17
CA LEU A 874 14.12 -16.69 8.00
C LEU A 874 13.20 -17.39 7.04
N ARG A 875 13.00 -18.68 7.30
CA ARG A 875 12.37 -19.61 6.36
C ARG A 875 11.12 -19.05 5.70
N CYS A 876 10.20 -18.54 6.52
CA CYS A 876 8.96 -17.96 6.04
C CYS A 876 9.10 -16.74 5.14
N VAL A 877 10.02 -15.84 5.48
CA VAL A 877 10.19 -14.61 4.72
C VAL A 877 10.88 -14.84 3.38
N GLN A 878 11.82 -15.78 3.33
CA GLN A 878 12.49 -16.12 2.08
C GLN A 878 11.51 -16.83 1.17
N GLU A 879 10.66 -17.63 1.79
CA GLU A 879 9.62 -18.36 1.07
C GLU A 879 8.61 -17.40 0.45
N ALA A 880 8.18 -16.41 1.23
CA ALA A 880 7.27 -15.37 0.76
C ALA A 880 7.79 -14.70 -0.51
N LEU A 881 9.06 -14.30 -0.50
CA LEU A 881 9.70 -13.70 -1.66
C LEU A 881 9.65 -14.61 -2.88
N GLU A 882 9.73 -15.92 -2.63
CA GLU A 882 9.68 -16.90 -3.71
C GLU A 882 8.29 -16.95 -4.32
N VAL A 883 7.28 -16.74 -3.48
CA VAL A 883 5.88 -16.78 -3.93
C VAL A 883 5.58 -15.61 -4.87
N ILE A 884 5.99 -14.41 -4.45
CA ILE A 884 5.80 -13.21 -5.25
C ILE A 884 6.58 -13.31 -6.55
N GLN A 885 7.81 -13.80 -6.47
CA GLN A 885 8.62 -14.07 -7.65
C GLN A 885 7.86 -15.00 -8.61
N LEU A 886 7.28 -16.06 -8.06
CA LEU A 886 6.51 -17.02 -8.84
C LEU A 886 5.21 -16.41 -9.39
N ASN A 887 4.64 -15.48 -8.63
CA ASN A 887 3.44 -14.78 -9.06
C ASN A 887 3.72 -13.97 -10.32
N ILE A 888 4.80 -13.20 -10.30
CA ILE A 888 5.26 -12.51 -11.50
C ILE A 888 5.40 -13.46 -12.69
N GLN A 889 6.05 -14.60 -12.44
CA GLN A 889 6.26 -15.61 -13.48
C GLN A 889 4.94 -16.10 -14.07
N TRP A 890 3.92 -16.23 -13.22
CA TRP A 890 2.61 -16.67 -13.67
C TRP A 890 2.02 -15.64 -14.62
N MET A 891 2.11 -14.37 -14.23
CA MET A 891 1.60 -13.28 -15.03
C MET A 891 2.34 -13.20 -16.38
N GLU A 892 3.67 -13.28 -16.32
CA GLU A 892 4.49 -13.28 -17.53
C GLU A 892 4.08 -14.38 -18.50
N LYS A 893 3.63 -15.50 -17.95
CA LYS A 893 3.31 -16.65 -18.77
C LYS A 893 1.87 -16.71 -19.29
N ASN A 894 0.95 -15.99 -18.63
CA ASN A 894 -0.47 -16.20 -18.91
C ASN A 894 -1.31 -14.95 -19.12
N LEU A 895 -0.84 -13.79 -18.68
CA LEU A 895 -1.64 -12.57 -18.73
C LEU A 895 -2.02 -12.20 -20.15
N LYS A 896 -1.03 -12.21 -21.05
CA LYS A 896 -1.27 -11.89 -22.46
C LYS A 896 -2.22 -12.91 -23.07
N SER A 897 -2.00 -14.19 -22.72
CA SER A 897 -2.87 -15.27 -23.16
C SER A 897 -4.31 -15.05 -22.73
N LEU A 898 -4.49 -14.60 -21.48
CA LEU A 898 -5.81 -14.42 -20.90
C LEU A 898 -6.66 -13.36 -21.61
N THR A 899 -6.00 -12.29 -22.02
CA THR A 899 -6.68 -11.12 -22.58
C THR A 899 -7.47 -11.37 -23.87
N TRP A 900 -7.02 -12.30 -24.71
CA TRP A 900 -7.64 -12.45 -26.03
C TRP A 900 -8.80 -13.45 -26.05
N TRP A 901 -9.34 -13.73 -24.87
CA TRP A 901 -10.57 -14.49 -24.72
C TRP A 901 -11.77 -13.58 -24.97
N LEU A 902 -12.75 -13.71 -24.08
CA LEU A 902 -13.91 -12.83 -24.02
C LEU A 902 -14.71 -12.81 -25.33
N LEU B 37 35.05 22.23 -40.16
CA LEU B 37 34.39 21.67 -38.99
C LEU B 37 33.77 22.78 -38.14
N PHE B 38 32.88 22.40 -37.24
CA PHE B 38 32.15 23.37 -36.44
C PHE B 38 33.12 24.14 -35.53
N PRO B 39 33.19 25.47 -35.71
CA PRO B 39 34.17 26.33 -35.06
C PRO B 39 33.83 26.70 -33.61
N TRP B 40 32.59 27.11 -33.36
CA TRP B 40 32.22 27.58 -32.03
C TRP B 40 31.62 26.40 -31.28
N ALA B 41 32.17 26.12 -30.11
CA ALA B 41 31.83 24.91 -29.38
C ALA B 41 31.13 25.19 -28.07
N GLN B 42 30.73 26.44 -27.85
CA GLN B 42 30.10 26.81 -26.59
C GLN B 42 28.60 27.02 -26.74
N ILE B 43 27.91 27.14 -25.61
CA ILE B 43 26.46 27.26 -25.59
C ILE B 43 25.95 28.64 -26.04
N ARG B 44 26.39 29.70 -25.36
CA ARG B 44 25.93 31.05 -25.71
C ARG B 44 26.56 31.51 -27.02
N LEU B 45 25.74 32.15 -27.86
CA LEU B 45 26.20 32.67 -29.15
C LEU B 45 27.11 33.89 -28.99
N PRO B 46 28.16 33.97 -29.83
CA PRO B 46 29.08 35.11 -29.83
C PRO B 46 28.42 36.40 -30.31
N THR B 47 28.78 37.53 -29.69
CA THR B 47 28.19 38.82 -30.04
C THR B 47 28.64 39.33 -31.42
N ALA B 48 29.64 38.67 -32.00
CA ALA B 48 30.24 39.05 -33.28
C ALA B 48 29.22 39.47 -34.35
N VAL B 49 28.03 38.89 -34.29
CA VAL B 49 26.95 39.26 -35.20
C VAL B 49 25.71 39.63 -34.39
N VAL B 50 24.96 40.62 -34.87
CA VAL B 50 23.74 41.06 -34.20
C VAL B 50 22.63 41.27 -35.22
N PRO B 51 21.46 40.66 -34.97
CA PRO B 51 20.28 40.84 -35.83
C PRO B 51 19.65 42.23 -35.68
N LEU B 52 18.97 42.69 -36.72
CA LEU B 52 18.30 43.98 -36.69
C LEU B 52 16.87 43.90 -37.22
N ARG B 53 16.68 43.16 -38.31
CA ARG B 53 15.36 43.02 -38.89
C ARG B 53 15.07 41.59 -39.34
N TYR B 54 13.93 41.08 -38.91
CA TYR B 54 13.48 39.75 -39.32
C TYR B 54 12.28 39.89 -40.26
N GLU B 55 12.32 39.23 -41.40
CA GLU B 55 11.13 39.14 -42.24
C GLU B 55 10.82 37.67 -42.53
N LEU B 56 9.61 37.25 -42.21
CA LEU B 56 9.25 35.83 -42.20
C LEU B 56 7.99 35.48 -42.99
N SER B 57 8.14 34.61 -43.99
CA SER B 57 7.00 34.15 -44.78
C SER B 57 6.84 32.64 -44.67
N LEU B 58 5.63 32.19 -44.32
CA LEU B 58 5.39 30.79 -44.02
C LEU B 58 4.12 30.23 -44.64
N HIS B 59 4.11 28.92 -44.91
CA HIS B 59 2.92 28.24 -45.41
C HIS B 59 2.66 26.92 -44.69
N PRO B 60 1.77 26.94 -43.69
CA PRO B 60 1.46 25.73 -42.92
C PRO B 60 0.25 25.00 -43.48
N ASN B 61 0.37 23.69 -43.71
CA ASN B 61 -0.77 22.91 -44.17
C ASN B 61 -1.33 22.20 -42.94
N LEU B 62 -2.36 22.80 -42.35
CA LEU B 62 -2.86 22.40 -41.03
C LEU B 62 -3.58 21.05 -40.97
N THR B 63 -4.16 20.62 -42.09
CA THR B 63 -4.85 19.34 -42.10
C THR B 63 -3.79 18.24 -42.22
N SER B 64 -2.55 18.69 -42.31
CA SER B 64 -1.38 17.85 -42.18
C SER B 64 -0.54 18.44 -41.04
N MET B 65 0.72 18.04 -40.95
CA MET B 65 1.60 18.55 -39.90
C MET B 65 2.98 18.86 -40.45
N THR B 66 3.01 19.76 -41.42
CA THR B 66 4.24 20.20 -42.08
C THR B 66 4.02 21.63 -42.57
N PHE B 67 5.10 22.32 -42.97
CA PHE B 67 4.96 23.68 -43.46
C PHE B 67 6.14 24.11 -44.33
N ARG B 68 5.97 25.26 -44.99
CA ARG B 68 7.01 25.84 -45.83
C ARG B 68 7.31 27.24 -45.34
N GLY B 69 8.58 27.63 -45.34
CA GLY B 69 8.94 28.94 -44.83
C GLY B 69 10.15 29.63 -45.44
N SER B 70 10.16 30.95 -45.30
CA SER B 70 11.29 31.78 -45.71
C SER B 70 11.52 32.82 -44.63
N VAL B 71 12.78 33.07 -44.28
CA VAL B 71 13.11 33.99 -43.18
C VAL B 71 14.17 34.99 -43.63
N THR B 72 13.87 36.29 -43.53
CA THR B 72 14.85 37.30 -43.89
C THR B 72 15.47 37.95 -42.65
N ILE B 73 16.76 37.68 -42.44
CA ILE B 73 17.44 38.16 -41.25
C ILE B 73 18.49 39.23 -41.58
N SER B 74 18.13 40.49 -41.35
CA SER B 74 19.07 41.60 -41.54
C SER B 74 20.04 41.75 -40.37
N VAL B 75 21.21 41.14 -40.48
CA VAL B 75 22.21 41.23 -39.42
C VAL B 75 23.26 42.29 -39.73
N GLN B 76 23.85 42.85 -38.68
CA GLN B 76 25.04 43.69 -38.80
C GLN B 76 26.14 43.03 -37.97
N ALA B 77 27.38 43.44 -38.20
CA ALA B 77 28.49 42.94 -37.40
C ALA B 77 28.86 43.94 -36.31
N LEU B 78 29.42 43.43 -35.23
CA LEU B 78 29.91 44.25 -34.13
C LEU B 78 31.39 43.94 -33.96
N GLN B 79 31.70 42.65 -34.05
CA GLN B 79 33.09 42.20 -34.03
C GLN B 79 33.42 41.42 -35.31
N VAL B 80 34.64 40.90 -35.41
CA VAL B 80 35.09 40.21 -36.62
C VAL B 80 35.20 38.68 -36.48
N THR B 81 34.64 37.96 -37.46
CA THR B 81 34.75 36.50 -37.51
C THR B 81 34.44 35.97 -38.91
N TRP B 82 34.98 34.79 -39.24
CA TRP B 82 34.73 34.16 -40.55
C TRP B 82 33.54 33.20 -40.58
N ASN B 83 32.80 33.11 -39.48
CA ASN B 83 31.65 32.21 -39.44
C ASN B 83 30.51 32.75 -38.57
N ILE B 84 29.29 32.64 -39.08
CA ILE B 84 28.09 32.94 -38.31
C ILE B 84 27.66 31.74 -37.47
N ILE B 85 27.49 31.94 -36.17
CA ILE B 85 27.03 30.88 -35.29
C ILE B 85 25.67 31.24 -34.67
N LEU B 86 24.65 30.42 -34.95
CA LEU B 86 23.32 30.67 -34.42
C LEU B 86 22.54 29.39 -34.13
N HIS B 87 21.26 29.54 -33.77
CA HIS B 87 20.46 28.43 -33.26
C HIS B 87 19.55 27.80 -34.32
N SER B 88 19.49 26.48 -34.34
CA SER B 88 18.60 25.71 -35.22
C SER B 88 18.48 24.26 -34.75
N THR B 89 17.33 23.64 -34.97
CA THR B 89 17.12 22.26 -34.51
C THR B 89 16.57 21.32 -35.59
N GLY B 90 15.25 21.18 -35.62
CA GLY B 90 14.58 20.24 -36.51
C GLY B 90 14.17 20.76 -37.87
N HIS B 91 15.13 21.07 -38.74
CA HIS B 91 14.79 21.61 -40.05
C HIS B 91 15.47 20.88 -41.22
N ASN B 92 14.81 20.93 -42.38
CA ASN B 92 15.38 20.46 -43.64
C ASN B 92 15.55 21.64 -44.60
N ILE B 93 16.76 21.83 -45.11
CA ILE B 93 17.16 23.09 -45.72
C ILE B 93 17.21 23.14 -47.25
N SER B 94 16.49 24.09 -47.84
CA SER B 94 16.53 24.34 -49.28
C SER B 94 17.77 25.16 -49.66
N ARG B 95 17.58 26.46 -49.89
CA ARG B 95 18.70 27.35 -50.21
C ARG B 95 19.02 28.34 -49.09
N VAL B 96 20.29 28.74 -49.00
CA VAL B 96 20.77 29.71 -48.03
C VAL B 96 21.67 30.77 -48.68
N THR B 97 21.25 32.04 -48.63
CA THR B 97 21.93 33.11 -49.38
C THR B 97 22.63 34.14 -48.49
N PHE B 98 23.59 34.85 -49.10
CA PHE B 98 24.40 35.89 -48.44
C PHE B 98 24.06 37.25 -49.06
N MET B 99 24.65 38.33 -48.57
CA MET B 99 24.45 39.66 -49.12
C MET B 99 25.46 40.67 -48.56
N SER B 100 25.51 41.85 -49.15
CA SER B 100 26.42 42.91 -48.69
C SER B 100 25.75 44.29 -48.66
N SER B 103 20.02 45.90 -54.27
CA SER B 103 21.18 46.72 -54.02
C SER B 103 22.47 46.02 -54.45
N SER B 104 22.81 44.94 -53.74
CA SER B 104 24.08 44.24 -53.96
C SER B 104 23.90 43.08 -54.95
N GLN B 105 25.01 42.60 -55.51
CA GLN B 105 24.98 41.51 -56.48
C GLN B 105 25.58 40.17 -55.98
N GLU B 106 25.66 39.98 -54.66
CA GLU B 106 26.32 38.81 -54.08
C GLU B 106 25.52 38.23 -52.88
N LYS B 107 25.32 36.91 -52.74
CA LYS B 107 25.63 35.83 -53.69
C LYS B 107 24.80 34.61 -53.23
N GLN B 108 25.44 33.71 -52.46
CA GLN B 108 24.85 32.49 -51.88
C GLN B 108 25.92 31.74 -51.05
N ALA B 109 25.47 30.90 -50.11
CA ALA B 109 26.37 30.14 -49.25
C ALA B 109 25.73 28.84 -48.73
N GLU B 110 26.35 28.22 -47.70
CA GLU B 110 25.92 26.89 -47.25
C GLU B 110 25.96 26.69 -45.71
N ILE B 111 25.50 25.54 -45.24
CA ILE B 111 25.29 25.29 -43.80
C ILE B 111 26.19 24.18 -43.21
N LEU B 112 26.25 24.15 -41.87
CA LEU B 112 27.02 23.18 -41.09
C LEU B 112 26.37 22.99 -39.71
N GLU B 113 25.78 21.83 -39.44
CA GLU B 113 25.06 21.62 -38.19
C GLU B 113 25.84 21.01 -37.01
N TYR B 114 25.40 21.37 -35.80
CA TYR B 114 25.90 20.84 -34.54
C TYR B 114 24.71 20.65 -33.59
N ALA B 115 24.07 19.49 -33.66
CA ALA B 115 22.83 19.21 -32.92
C ALA B 115 22.92 19.28 -31.39
N TYR B 116 24.11 19.32 -30.82
CA TYR B 116 24.25 19.37 -29.36
C TYR B 116 23.63 20.60 -28.72
N HIS B 117 24.18 21.77 -29.01
CA HIS B 117 23.67 23.01 -28.44
C HIS B 117 22.54 23.55 -29.30
N GLY B 118 22.22 22.84 -30.38
CA GLY B 118 21.20 23.26 -31.31
C GLY B 118 21.73 24.38 -32.18
N GLN B 119 23.01 24.30 -32.52
CA GLN B 119 23.67 25.36 -33.27
C GLN B 119 23.99 24.94 -34.72
N ILE B 120 23.87 25.89 -35.62
CA ILE B 120 24.35 25.74 -36.99
C ILE B 120 25.37 26.83 -37.30
N ALA B 121 26.12 26.67 -38.39
CA ALA B 121 27.14 27.64 -38.73
C ALA B 121 27.18 28.00 -40.22
N ILE B 122 27.10 29.29 -40.53
CA ILE B 122 27.31 29.77 -41.89
C ILE B 122 28.69 30.40 -42.11
N VAL B 123 29.56 29.72 -42.86
CA VAL B 123 30.85 30.30 -43.24
C VAL B 123 30.72 30.97 -44.61
N ALA B 124 31.26 32.18 -44.76
CA ALA B 124 31.09 32.97 -45.98
C ALA B 124 32.41 33.57 -46.46
N PRO B 125 32.62 33.63 -47.78
CA PRO B 125 33.89 34.15 -48.28
C PRO B 125 34.00 35.68 -48.13
N GLU B 126 35.19 36.23 -48.37
CA GLU B 126 35.49 37.66 -48.31
C GLU B 126 35.49 38.23 -46.87
N ALA B 127 34.79 37.57 -45.95
CA ALA B 127 34.77 37.92 -44.52
C ALA B 127 34.13 39.27 -44.18
N LEU B 128 33.19 39.23 -43.24
CA LEU B 128 32.54 40.42 -42.70
C LEU B 128 33.47 41.35 -41.93
N LEU B 129 33.04 42.60 -41.78
CA LEU B 129 33.81 43.62 -41.08
C LEU B 129 32.87 44.44 -40.21
N ALA B 130 33.41 45.04 -39.14
CA ALA B 130 32.59 45.79 -38.19
C ALA B 130 31.76 46.85 -38.89
N GLY B 131 30.46 46.61 -38.96
CA GLY B 131 29.54 47.55 -39.58
C GLY B 131 28.95 46.91 -40.82
N HIS B 132 28.26 47.73 -41.63
CA HIS B 132 27.58 47.29 -42.85
C HIS B 132 26.54 46.19 -42.60
N ASN B 133 25.28 46.45 -42.96
CA ASN B 133 24.26 45.41 -42.83
C ASN B 133 24.48 44.31 -43.86
N TYR B 134 24.24 43.07 -43.44
CA TYR B 134 24.25 41.94 -44.36
C TYR B 134 22.85 41.34 -44.29
N THR B 135 22.33 40.89 -45.42
CA THR B 135 21.00 40.32 -45.46
C THR B 135 21.04 38.80 -45.62
N LEU B 136 20.21 38.10 -44.84
CA LEU B 136 20.19 36.65 -44.87
C LEU B 136 18.79 36.08 -45.02
N LYS B 137 18.55 35.35 -46.11
CA LYS B 137 17.29 34.64 -46.29
C LYS B 137 17.56 33.14 -46.33
N ILE B 138 16.75 32.39 -45.58
CA ILE B 138 16.86 30.93 -45.58
C ILE B 138 15.51 30.26 -45.83
N GLU B 139 15.51 29.31 -46.76
CA GLU B 139 14.31 28.54 -47.05
C GLU B 139 14.46 27.11 -46.58
N TYR B 140 13.44 26.62 -45.87
CA TYR B 140 13.51 25.32 -45.23
C TYR B 140 12.11 24.72 -45.08
N SER B 141 12.05 23.42 -44.78
CA SER B 141 10.78 22.76 -44.47
C SER B 141 10.90 21.84 -43.26
N ALA B 142 9.82 21.74 -42.49
CA ALA B 142 9.82 20.92 -41.28
C ALA B 142 8.39 20.62 -40.82
N ASN B 143 8.27 19.81 -39.76
CA ASN B 143 6.97 19.39 -39.24
C ASN B 143 6.41 20.34 -38.19
N ILE B 144 5.12 20.62 -38.30
CA ILE B 144 4.39 21.26 -37.22
C ILE B 144 4.49 20.33 -36.01
N SER B 145 4.59 20.90 -34.81
CA SER B 145 4.94 20.10 -33.64
C SER B 145 3.76 19.35 -33.03
N SER B 146 4.04 18.14 -32.57
CA SER B 146 3.03 17.30 -31.92
C SER B 146 3.04 17.44 -30.39
N SER B 147 4.22 17.70 -29.83
CA SER B 147 4.39 17.81 -28.38
C SER B 147 4.02 19.16 -27.78
N TYR B 148 3.25 19.96 -28.51
CA TYR B 148 2.81 21.28 -28.04
C TYR B 148 4.00 22.16 -27.67
N TYR B 149 5.09 21.96 -28.40
CA TYR B 149 6.35 22.67 -28.18
C TYR B 149 6.86 23.31 -29.48
N GLY B 150 7.04 24.63 -29.47
CA GLY B 150 7.49 25.31 -30.67
C GLY B 150 6.28 25.79 -31.46
N PHE B 151 6.28 25.50 -32.75
CA PHE B 151 5.12 25.74 -33.60
C PHE B 151 4.28 24.46 -33.68
N TYR B 152 3.19 24.43 -32.92
CA TYR B 152 2.46 23.19 -32.69
C TYR B 152 1.04 23.24 -33.26
N GLY B 153 0.53 22.07 -33.63
CA GLY B 153 -0.82 21.97 -34.15
C GLY B 153 -1.64 20.90 -33.46
N PHE B 154 -2.96 21.01 -33.57
CA PHE B 154 -3.88 20.03 -33.00
C PHE B 154 -5.23 20.09 -33.69
N SER B 155 -6.07 19.11 -33.42
CA SER B 155 -7.43 19.08 -33.95
C SER B 155 -8.43 19.07 -32.80
N TYR B 156 -9.68 19.37 -33.12
CA TYR B 156 -10.74 19.32 -32.11
C TYR B 156 -12.11 19.15 -32.76
N THR B 157 -13.17 19.34 -31.98
CA THR B 157 -14.51 19.19 -32.51
C THR B 157 -15.33 20.46 -32.30
N ASP B 158 -16.35 20.65 -33.14
CA ASP B 158 -17.15 21.87 -33.12
C ASP B 158 -18.40 21.68 -32.27
N GLU B 159 -19.11 22.78 -32.04
CA GLU B 159 -20.47 22.75 -31.53
C GLU B 159 -21.37 21.76 -32.27
N SER B 160 -21.36 21.85 -33.59
CA SER B 160 -22.13 20.96 -34.45
C SER B 160 -21.33 19.77 -34.96
N ASN B 161 -20.54 19.16 -34.07
CA ASN B 161 -19.76 17.96 -34.37
C ASN B 161 -19.01 18.01 -35.70
N GLU B 162 -18.20 19.05 -35.88
CA GLU B 162 -17.37 19.20 -37.09
C GLU B 162 -15.90 19.31 -36.72
N LYS B 163 -15.07 18.44 -37.29
CA LYS B 163 -13.67 18.38 -36.89
C LYS B 163 -12.90 19.59 -37.42
N LYS B 164 -12.79 20.61 -36.57
CA LYS B 164 -12.10 21.84 -36.95
C LYS B 164 -10.62 21.77 -36.58
N TYR B 165 -9.86 22.79 -36.97
CA TYR B 165 -8.42 22.79 -36.75
C TYR B 165 -7.88 24.08 -36.14
N PHE B 166 -6.62 24.03 -35.73
CA PHE B 166 -5.97 25.11 -35.00
C PHE B 166 -4.46 24.87 -34.91
N ALA B 167 -3.69 25.95 -34.90
CA ALA B 167 -2.24 25.88 -34.68
C ALA B 167 -1.76 27.15 -34.01
N ALA B 168 -0.62 27.09 -33.33
CA ALA B 168 -0.09 28.25 -32.62
C ALA B 168 1.37 28.05 -32.21
N THR B 169 1.90 29.02 -31.46
CA THR B 169 3.28 28.95 -31.00
C THR B 169 3.43 29.29 -29.52
N GLN B 170 4.32 28.57 -28.85
CA GLN B 170 4.84 28.99 -27.56
C GLN B 170 6.36 28.85 -27.62
N PHE B 171 7.07 29.97 -27.58
CA PHE B 171 8.50 29.96 -27.84
C PHE B 171 9.33 30.12 -26.57
N GLU B 172 8.70 30.60 -25.50
CA GLU B 172 9.40 30.72 -24.22
C GLU B 172 9.62 29.33 -23.64
N PRO B 173 10.87 29.04 -23.25
CA PRO B 173 11.97 30.01 -23.31
C PRO B 173 13.00 29.79 -24.42
N LEU B 174 13.07 28.59 -24.98
CA LEU B 174 14.08 28.27 -26.00
C LEU B 174 13.49 27.61 -27.24
N ALA B 175 12.20 27.82 -27.49
CA ALA B 175 11.49 27.07 -28.53
C ALA B 175 11.49 27.79 -29.89
N ALA B 176 11.69 29.10 -29.88
CA ALA B 176 11.71 29.90 -31.10
C ALA B 176 12.65 29.36 -32.16
N ARG B 177 13.72 28.69 -31.73
CA ARG B 177 14.73 28.14 -32.63
C ARG B 177 14.24 26.90 -33.38
N SER B 178 13.14 26.32 -32.91
CA SER B 178 12.60 25.10 -33.52
C SER B 178 11.75 25.43 -34.74
N ALA B 179 11.14 26.60 -34.74
CA ALA B 179 10.35 27.06 -35.87
C ALA B 179 11.28 27.57 -36.95
N PHE B 180 11.85 28.74 -36.72
CA PHE B 180 12.77 29.36 -37.67
C PHE B 180 14.17 29.47 -37.09
N PRO B 181 15.19 29.14 -37.90
CA PRO B 181 16.59 29.33 -37.49
C PRO B 181 16.85 30.80 -37.21
N CYS B 182 17.45 31.11 -36.06
CA CYS B 182 17.60 32.49 -35.64
C CYS B 182 18.53 32.67 -34.45
N PHE B 183 18.67 33.92 -34.01
CA PHE B 183 19.41 34.25 -32.81
C PHE B 183 18.50 34.11 -31.59
N ASP B 184 18.36 32.90 -31.09
CA ASP B 184 17.43 32.65 -29.99
C ASP B 184 18.10 32.97 -28.65
N GLU B 185 18.36 34.24 -28.44
CA GLU B 185 18.75 34.76 -27.13
C GLU B 185 17.96 36.05 -26.87
N PRO B 186 17.69 36.36 -25.59
CA PRO B 186 16.75 37.42 -25.22
C PRO B 186 17.24 38.82 -25.58
N ALA B 187 18.55 39.02 -25.54
CA ALA B 187 19.12 40.34 -25.76
C ALA B 187 19.26 40.70 -27.25
N PHE B 188 19.39 39.70 -28.10
CA PHE B 188 19.54 39.93 -29.54
C PHE B 188 18.21 40.35 -30.18
N LYS B 189 17.66 41.45 -29.68
CA LYS B 189 16.37 41.98 -30.11
C LYS B 189 16.40 42.49 -31.55
N ALA B 190 15.22 42.57 -32.17
CA ALA B 190 15.11 42.97 -33.58
C ALA B 190 13.67 43.26 -33.95
N THR B 191 13.44 43.49 -35.24
CA THR B 191 12.09 43.78 -35.74
C THR B 191 11.60 42.59 -36.58
N PHE B 192 10.28 42.46 -36.70
CA PHE B 192 9.71 41.28 -37.33
C PHE B 192 8.58 41.61 -38.32
N ILE B 193 8.80 41.28 -39.59
CA ILE B 193 7.73 41.31 -40.58
C ILE B 193 7.35 39.87 -40.92
N ILE B 194 6.18 39.47 -40.47
CA ILE B 194 5.73 38.09 -40.64
C ILE B 194 4.72 37.97 -41.78
N LYS B 195 4.81 36.88 -42.54
CA LYS B 195 3.82 36.56 -43.56
C LYS B 195 3.44 35.08 -43.48
N ILE B 196 2.14 34.80 -43.56
CA ILE B 196 1.67 33.43 -43.46
C ILE B 196 0.71 33.09 -44.60
N ILE B 197 1.01 32.00 -45.30
CA ILE B 197 0.16 31.59 -46.40
C ILE B 197 -0.89 30.60 -45.90
N ARG B 198 -2.01 31.15 -45.43
CA ARG B 198 -3.09 30.34 -44.86
C ARG B 198 -4.11 30.04 -45.94
N ASP B 199 -5.17 29.32 -45.59
CA ASP B 199 -6.29 29.14 -46.49
C ASP B 199 -7.39 30.15 -46.19
N GLU B 200 -8.42 30.15 -47.02
CA GLU B 200 -9.49 31.16 -46.99
C GLU B 200 -10.22 31.23 -45.64
N GLN B 201 -10.87 30.13 -45.28
CA GLN B 201 -11.79 30.06 -44.14
C GLN B 201 -11.14 30.21 -42.76
N TYR B 202 -9.81 30.14 -42.73
CA TYR B 202 -9.03 30.27 -41.49
C TYR B 202 -8.89 31.72 -41.04
N THR B 203 -8.12 31.91 -39.96
CA THR B 203 -7.71 33.25 -39.54
C THR B 203 -6.22 33.32 -39.14
N ALA B 204 -5.47 34.27 -39.72
CA ALA B 204 -4.07 34.48 -39.32
C ALA B 204 -3.90 35.62 -38.32
N LEU B 205 -3.04 35.40 -37.31
CA LEU B 205 -2.73 36.42 -36.31
C LEU B 205 -1.23 36.43 -36.03
N SER B 206 -0.70 37.59 -35.69
CA SER B 206 0.69 37.74 -35.29
C SER B 206 0.89 39.00 -34.43
N ASN B 207 2.09 39.15 -33.89
CA ASN B 207 2.37 40.18 -32.87
C ASN B 207 1.81 41.56 -33.20
N MET B 208 2.29 42.13 -34.30
CA MET B 208 1.81 43.42 -34.77
C MET B 208 0.59 43.24 -35.66
N PRO B 209 -0.27 44.27 -35.75
CA PRO B 209 -1.47 44.15 -36.59
C PRO B 209 -1.10 43.76 -38.01
N LYS B 210 -2.06 43.21 -38.75
CA LYS B 210 -1.77 42.73 -40.10
C LYS B 210 -1.58 43.88 -41.08
N LYS B 211 -0.40 43.92 -41.68
CA LYS B 211 -0.07 44.98 -42.63
C LYS B 211 -0.91 44.85 -43.90
N SER B 212 -0.92 43.64 -44.48
CA SER B 212 -1.65 43.39 -45.71
C SER B 212 -1.97 41.91 -45.96
N SER B 213 -3.00 41.67 -46.76
CA SER B 213 -3.36 40.33 -47.22
C SER B 213 -3.04 40.20 -48.71
N VAL B 214 -2.50 39.06 -49.15
CA VAL B 214 -2.04 38.92 -50.53
C VAL B 214 -2.63 37.66 -51.19
N VAL B 215 -3.72 37.86 -51.92
CA VAL B 215 -4.43 36.77 -52.58
C VAL B 215 -3.60 36.07 -53.66
N LEU B 216 -3.72 34.75 -53.73
CA LEU B 216 -2.99 33.95 -54.71
C LEU B 216 -3.90 33.00 -55.52
N ASP B 217 -3.29 32.11 -56.32
CA ASP B 217 -4.00 31.22 -57.22
C ASP B 217 -4.84 30.14 -56.52
N ASP B 218 -4.17 29.15 -55.91
CA ASP B 218 -4.87 28.05 -55.22
C ASP B 218 -5.79 28.42 -54.06
N GLY B 219 -6.09 29.70 -53.89
CA GLY B 219 -7.02 30.09 -52.84
C GLY B 219 -6.40 30.11 -51.45
N LEU B 220 -5.12 30.48 -51.40
CA LEU B 220 -4.36 30.52 -50.17
C LEU B 220 -4.02 31.97 -49.79
N VAL B 221 -4.98 32.65 -49.17
CA VAL B 221 -4.82 34.05 -48.79
C VAL B 221 -3.57 34.24 -47.93
N GLN B 222 -2.47 34.61 -48.60
CA GLN B 222 -1.24 34.94 -47.90
C GLN B 222 -1.39 36.30 -47.22
N ASP B 223 -0.99 36.37 -45.96
CA ASP B 223 -1.10 37.60 -45.20
C ASP B 223 0.26 38.24 -45.00
N GLU B 224 0.26 39.53 -44.66
CA GLU B 224 1.48 40.23 -44.29
C GLU B 224 1.24 41.04 -43.02
N PHE B 225 2.19 41.00 -42.10
CA PHE B 225 2.06 41.72 -40.83
C PHE B 225 3.05 42.88 -40.74
N SER B 226 2.64 43.92 -40.03
CA SER B 226 3.38 45.18 -39.92
C SER B 226 4.80 45.03 -39.35
N GLU B 227 5.59 46.09 -39.49
CA GLU B 227 6.92 46.11 -38.91
C GLU B 227 6.83 46.04 -37.40
N SER B 228 7.32 44.94 -36.84
CA SER B 228 7.34 44.77 -35.40
C SER B 228 8.30 45.74 -34.73
N VAL B 229 7.95 46.18 -33.52
CA VAL B 229 8.86 47.00 -32.75
C VAL B 229 10.08 46.16 -32.37
N LYS B 230 11.07 46.77 -31.70
CA LYS B 230 12.29 46.04 -31.37
C LYS B 230 11.98 45.12 -30.19
N MET B 231 12.16 43.82 -30.42
CA MET B 231 11.89 42.80 -29.41
C MET B 231 12.64 41.50 -29.58
N SER B 232 12.57 40.65 -28.56
CA SER B 232 13.31 39.41 -28.53
C SER B 232 12.63 38.31 -29.33
N THR B 233 13.43 37.37 -29.82
CA THR B 233 12.94 36.28 -30.67
C THR B 233 11.89 35.41 -29.98
N TYR B 234 12.10 35.10 -28.70
CA TYR B 234 11.21 34.19 -27.98
C TYR B 234 9.78 34.75 -27.83
N LEU B 235 9.57 36.02 -28.18
CA LEU B 235 8.29 36.68 -27.94
C LEU B 235 7.43 36.72 -29.20
N VAL B 236 7.94 36.14 -30.28
CA VAL B 236 7.22 36.06 -31.53
C VAL B 236 6.10 35.03 -31.46
N ALA B 237 4.94 35.37 -32.01
CA ALA B 237 3.82 34.45 -32.07
C ALA B 237 3.07 34.59 -33.38
N PHE B 238 2.47 33.50 -33.83
CA PHE B 238 1.64 33.49 -35.02
C PHE B 238 0.75 32.25 -35.05
N ILE B 239 -0.53 32.48 -35.29
CA ILE B 239 -1.57 31.47 -35.15
C ILE B 239 -2.40 31.31 -36.43
N VAL B 240 -3.06 30.16 -36.57
CA VAL B 240 -3.90 29.86 -37.72
C VAL B 240 -5.09 29.02 -37.27
N GLY B 241 -6.28 29.61 -37.25
CA GLY B 241 -7.48 28.87 -36.90
C GLY B 241 -8.76 29.66 -37.04
N GLU B 242 -9.88 28.95 -37.16
CA GLU B 242 -11.19 29.55 -37.37
C GLU B 242 -11.72 30.21 -36.09
N MET B 243 -11.90 31.53 -36.14
CA MET B 243 -12.23 32.29 -34.94
C MET B 243 -13.27 33.38 -35.21
N LYS B 244 -13.82 33.94 -34.12
CA LYS B 244 -14.77 35.04 -34.22
C LYS B 244 -14.38 36.14 -33.23
N ASN B 245 -14.42 37.39 -33.67
CA ASN B 245 -13.96 38.52 -32.84
C ASN B 245 -15.02 39.18 -31.98
N LEU B 246 -14.56 40.10 -31.13
CA LEU B 246 -15.41 40.96 -30.31
C LEU B 246 -14.52 42.11 -29.81
N SER B 247 -14.76 43.33 -30.28
CA SER B 247 -13.74 44.37 -30.12
C SER B 247 -14.22 45.66 -29.44
N GLN B 248 -13.26 46.50 -29.04
CA GLN B 248 -13.51 47.79 -28.40
C GLN B 248 -12.24 48.65 -28.18
N ASP B 249 -12.20 49.84 -28.80
CA ASP B 249 -11.00 50.70 -28.76
C ASP B 249 -10.81 51.42 -27.42
N VAL B 250 -9.98 52.46 -27.46
CA VAL B 250 -9.72 53.33 -26.32
C VAL B 250 -9.20 54.70 -26.85
N ASN B 251 -7.92 55.03 -26.64
CA ASN B 251 -7.31 56.27 -27.16
C ASN B 251 -6.91 56.08 -28.62
N GLY B 252 -7.59 55.16 -29.31
CA GLY B 252 -7.27 54.86 -30.69
C GLY B 252 -6.66 53.48 -30.86
N THR B 253 -6.76 52.66 -29.82
CA THR B 253 -6.10 51.36 -29.80
C THR B 253 -7.11 50.22 -29.71
N LEU B 254 -7.01 49.29 -30.65
CA LEU B 254 -8.01 48.22 -30.82
C LEU B 254 -7.77 46.96 -29.99
N VAL B 255 -8.48 46.86 -28.87
CA VAL B 255 -8.47 45.64 -28.06
C VAL B 255 -9.58 44.70 -28.54
N SER B 256 -9.26 43.42 -28.73
CA SER B 256 -10.23 42.49 -29.27
C SER B 256 -10.00 41.05 -28.79
N ILE B 257 -11.05 40.47 -28.22
CA ILE B 257 -10.99 39.12 -27.70
C ILE B 257 -11.43 38.08 -28.72
N TYR B 258 -10.46 37.54 -29.46
CA TYR B 258 -10.72 36.48 -30.41
C TYR B 258 -10.95 35.16 -29.68
N ALA B 259 -11.71 34.25 -30.29
CA ALA B 259 -12.00 32.96 -29.67
C ALA B 259 -12.44 31.94 -30.70
N VAL B 260 -13.59 31.32 -30.45
CA VAL B 260 -14.13 30.32 -31.36
C VAL B 260 -15.58 30.71 -31.69
N PRO B 261 -16.16 30.15 -32.78
CA PRO B 261 -17.55 30.47 -33.13
C PRO B 261 -18.51 30.34 -31.94
N GLU B 262 -18.67 29.13 -31.41
CA GLU B 262 -19.57 28.88 -30.29
C GLU B 262 -19.29 29.81 -29.10
N LYS B 263 -18.05 29.79 -28.62
CA LYS B 263 -17.67 30.56 -27.43
C LYS B 263 -17.55 32.06 -27.75
N ILE B 264 -18.55 32.85 -27.36
CA ILE B 264 -18.49 34.29 -27.65
C ILE B 264 -19.42 35.10 -26.75
N GLY B 265 -20.28 34.43 -26.01
CA GLY B 265 -21.18 35.11 -25.09
C GLY B 265 -20.44 35.41 -23.81
N GLN B 266 -19.33 34.71 -23.62
CA GLN B 266 -18.56 34.78 -22.39
C GLN B 266 -17.38 35.75 -22.42
N VAL B 267 -17.17 36.42 -23.55
CA VAL B 267 -16.00 37.28 -23.69
C VAL B 267 -16.28 38.75 -23.33
N HIS B 268 -17.47 39.01 -22.81
CA HIS B 268 -17.85 40.38 -22.47
C HIS B 268 -17.23 40.83 -21.15
N TYR B 269 -16.72 39.90 -20.36
CA TYR B 269 -15.99 40.23 -19.15
C TYR B 269 -14.52 40.48 -19.50
N ALA B 270 -14.01 39.70 -20.45
CA ALA B 270 -12.66 39.84 -20.96
C ALA B 270 -12.33 41.27 -21.37
N LEU B 271 -13.09 41.78 -22.33
CA LEU B 271 -12.93 43.14 -22.84
C LEU B 271 -13.05 44.16 -21.71
N GLU B 272 -14.12 44.03 -20.94
CA GLU B 272 -14.41 44.92 -19.83
C GLU B 272 -13.23 44.97 -18.85
N THR B 273 -12.54 43.85 -18.73
CA THR B 273 -11.40 43.73 -17.81
C THR B 273 -10.13 44.25 -18.47
N THR B 274 -9.92 43.87 -19.73
CA THR B 274 -8.75 44.29 -20.48
C THR B 274 -8.64 45.80 -20.58
N VAL B 275 -9.78 46.47 -20.72
CA VAL B 275 -9.81 47.93 -20.78
C VAL B 275 -9.37 48.57 -19.47
N LYS B 276 -10.14 48.31 -18.40
CA LYS B 276 -9.83 48.84 -17.08
C LYS B 276 -8.38 48.62 -16.67
N LEU B 277 -7.82 47.50 -17.10
CA LEU B 277 -6.45 47.14 -16.76
C LEU B 277 -5.41 47.78 -17.67
N LEU B 278 -5.70 47.85 -18.96
CA LEU B 278 -4.81 48.51 -19.91
C LEU B 278 -4.77 50.01 -19.67
N GLU B 279 -5.93 50.59 -19.38
CA GLU B 279 -6.00 52.00 -19.02
C GLU B 279 -5.24 52.27 -17.72
N PHE B 280 -5.35 51.33 -16.79
CA PHE B 280 -4.68 51.46 -15.49
C PHE B 280 -3.17 51.41 -15.63
N PHE B 281 -2.67 50.41 -16.35
CA PHE B 281 -1.24 50.19 -16.46
C PHE B 281 -0.57 51.32 -17.24
N GLN B 282 -1.24 51.81 -18.28
CA GLN B 282 -0.74 52.96 -19.03
C GLN B 282 -0.59 54.16 -18.11
N ASN B 283 -1.56 54.36 -17.23
CA ASN B 283 -1.55 55.49 -16.29
C ASN B 283 -0.51 55.33 -15.17
N TYR B 284 -0.36 54.11 -14.67
CA TYR B 284 0.57 53.86 -13.57
C TYR B 284 2.01 53.94 -14.05
N PHE B 285 2.27 53.35 -15.21
CA PHE B 285 3.60 53.31 -15.77
C PHE B 285 3.93 54.65 -16.44
N GLU B 286 2.88 55.43 -16.73
CA GLU B 286 3.01 56.72 -17.38
C GLU B 286 3.67 56.59 -18.75
N ILE B 287 3.54 55.40 -19.32
CA ILE B 287 4.03 55.12 -20.67
C ILE B 287 2.91 54.52 -21.51
N GLN B 288 2.88 54.84 -22.81
CA GLN B 288 1.85 54.31 -23.69
C GLN B 288 2.15 52.88 -24.11
N TYR B 289 1.09 52.15 -24.44
CA TYR B 289 1.21 50.80 -24.97
C TYR B 289 1.66 50.87 -26.43
N PRO B 290 2.90 50.46 -26.71
CA PRO B 290 3.56 50.71 -27.99
C PRO B 290 3.03 49.90 -29.17
N LEU B 291 1.71 49.71 -29.25
CA LEU B 291 1.12 48.97 -30.36
C LEU B 291 -0.22 49.55 -30.78
N LYS B 292 -0.66 49.18 -31.99
CA LYS B 292 -1.94 49.62 -32.52
C LYS B 292 -3.08 48.72 -32.07
N LYS B 293 -2.81 47.43 -31.93
CA LYS B 293 -3.83 46.46 -31.53
C LYS B 293 -3.44 45.66 -30.30
N LEU B 294 -4.43 45.01 -29.68
CA LEU B 294 -4.21 44.12 -28.56
C LEU B 294 -5.15 42.93 -28.62
N ASP B 295 -4.60 41.74 -28.87
CA ASP B 295 -5.41 40.55 -29.09
C ASP B 295 -5.21 39.50 -28.02
N LEU B 296 -6.27 39.24 -27.25
CA LEU B 296 -6.28 38.13 -26.29
C LEU B 296 -7.09 37.00 -26.91
N VAL B 297 -6.41 35.99 -27.44
CA VAL B 297 -7.09 34.89 -28.11
C VAL B 297 -7.26 33.69 -27.17
N ALA B 298 -8.50 33.22 -27.05
CA ALA B 298 -8.82 32.09 -26.19
C ALA B 298 -8.68 30.76 -26.93
N ILE B 299 -7.45 30.26 -27.00
CA ILE B 299 -7.14 28.98 -27.64
C ILE B 299 -8.03 27.85 -27.12
N PRO B 300 -8.72 27.15 -28.04
CA PRO B 300 -9.68 26.11 -27.66
C PRO B 300 -9.03 24.74 -27.38
N ASP B 301 -8.16 24.69 -26.38
CA ASP B 301 -7.61 23.42 -25.93
C ASP B 301 -7.16 23.51 -24.47
N PHE B 302 -7.27 22.41 -23.75
CA PHE B 302 -6.94 22.39 -22.33
C PHE B 302 -5.44 22.30 -22.08
N GLU B 303 -4.69 21.80 -23.04
CA GLU B 303 -3.24 21.73 -22.88
C GLU B 303 -2.58 22.82 -23.70
N ALA B 304 -3.26 23.96 -23.84
CA ALA B 304 -2.69 25.11 -24.52
C ALA B 304 -1.70 25.77 -23.58
N GLY B 305 -0.83 26.60 -24.13
CA GLY B 305 0.07 27.39 -23.30
C GLY B 305 -0.33 28.84 -23.22
N ALA B 306 -0.77 29.26 -22.04
CA ALA B 306 -1.07 30.66 -21.82
C ALA B 306 0.25 31.42 -21.75
N MET B 307 0.31 32.54 -22.48
CA MET B 307 1.56 33.24 -22.77
C MET B 307 1.34 34.73 -23.08
N GLU B 308 2.41 35.51 -22.93
CA GLU B 308 2.34 36.96 -22.97
C GLU B 308 3.01 37.57 -24.21
N ASN B 309 2.90 36.88 -25.36
CA ASN B 309 3.46 37.40 -26.61
C ASN B 309 2.96 38.81 -26.89
N TRP B 310 3.87 39.68 -27.33
CA TRP B 310 3.55 41.09 -27.55
C TRP B 310 2.38 41.25 -28.52
N GLY B 311 1.32 41.90 -28.06
CA GLY B 311 0.12 42.07 -28.86
C GLY B 311 -0.69 40.80 -29.04
N LEU B 312 -0.06 39.64 -28.88
CA LEU B 312 -0.76 38.38 -29.05
C LEU B 312 -0.77 37.54 -27.79
N LEU B 313 -1.68 37.88 -26.88
CA LEU B 313 -1.81 37.15 -25.62
C LEU B 313 -2.52 35.84 -25.90
N THR B 314 -2.06 34.76 -25.28
CA THR B 314 -2.64 33.44 -25.50
C THR B 314 -3.22 32.97 -24.19
N PHE B 315 -4.36 32.30 -24.27
CA PHE B 315 -5.03 31.80 -23.09
C PHE B 315 -5.62 30.41 -23.35
N ARG B 316 -5.91 29.70 -22.27
CA ARG B 316 -6.68 28.48 -22.36
C ARG B 316 -8.15 28.88 -22.35
N GLU B 317 -8.92 28.33 -23.29
CA GLU B 317 -10.32 28.72 -23.47
C GLU B 317 -11.07 28.73 -22.14
N GLU B 318 -10.85 27.67 -21.37
CA GLU B 318 -11.42 27.50 -20.04
C GLU B 318 -11.23 28.72 -19.13
N THR B 319 -10.04 29.32 -19.19
CA THR B 319 -9.66 30.37 -18.25
C THR B 319 -10.00 31.79 -18.67
N LEU B 320 -10.72 31.95 -19.79
CA LEU B 320 -11.15 33.28 -20.22
C LEU B 320 -12.65 33.45 -20.20
N LEU B 321 -13.37 32.36 -20.47
CA LEU B 321 -14.83 32.38 -20.46
C LEU B 321 -15.36 32.63 -19.06
N TYR B 322 -16.09 33.74 -18.91
CA TYR B 322 -16.79 34.03 -17.67
C TYR B 322 -18.28 34.03 -17.99
N ASP B 323 -19.11 33.81 -16.98
CA ASP B 323 -20.55 33.90 -17.18
C ASP B 323 -21.17 34.69 -16.05
N SER B 324 -22.07 35.62 -16.37
CA SER B 324 -22.64 36.48 -15.34
C SER B 324 -23.49 35.66 -14.34
N ASN B 325 -23.98 34.52 -14.80
CA ASN B 325 -24.82 33.65 -13.97
C ASN B 325 -24.14 32.39 -13.44
N THR B 326 -23.62 31.57 -14.35
CA THR B 326 -23.22 30.20 -14.03
C THR B 326 -21.80 30.03 -13.49
N SER B 327 -20.95 31.05 -13.66
CA SER B 327 -19.56 30.93 -13.23
C SER B 327 -19.44 31.42 -11.79
N SER B 328 -18.45 30.90 -11.06
CA SER B 328 -18.32 31.20 -9.65
C SER B 328 -17.44 32.42 -9.42
N MET B 329 -17.14 32.71 -8.15
CA MET B 329 -16.23 33.80 -7.83
C MET B 329 -14.80 33.42 -8.18
N ALA B 330 -14.43 32.17 -7.94
CA ALA B 330 -13.10 31.68 -8.27
C ALA B 330 -12.94 31.68 -9.77
N ASP B 331 -14.06 31.55 -10.49
CA ASP B 331 -14.04 31.66 -11.94
C ASP B 331 -13.78 33.11 -12.34
N ARG B 332 -14.36 34.03 -11.58
CA ARG B 332 -14.21 35.46 -11.84
C ARG B 332 -12.82 35.97 -11.49
N LYS B 333 -12.39 35.69 -10.27
CA LYS B 333 -11.07 36.10 -9.80
C LYS B 333 -9.96 35.63 -10.74
N LEU B 334 -10.08 34.41 -11.23
CA LEU B 334 -9.06 33.85 -12.11
C LEU B 334 -8.98 34.55 -13.47
N VAL B 335 -10.13 34.76 -14.11
CA VAL B 335 -10.15 35.37 -15.44
C VAL B 335 -9.67 36.82 -15.35
N THR B 336 -9.95 37.46 -14.22
CA THR B 336 -9.45 38.81 -13.97
C THR B 336 -7.96 38.78 -13.69
N LYS B 337 -7.55 37.90 -12.78
CA LYS B 337 -6.16 37.80 -12.35
C LYS B 337 -5.22 37.43 -13.48
N ILE B 338 -5.67 36.57 -14.38
CA ILE B 338 -4.80 36.04 -15.43
C ILE B 338 -4.58 37.09 -16.51
N ILE B 339 -5.54 38.00 -16.68
CA ILE B 339 -5.43 39.04 -17.67
C ILE B 339 -4.49 40.14 -17.19
N ALA B 340 -4.67 40.55 -15.93
CA ALA B 340 -3.81 41.57 -15.31
C ALA B 340 -2.34 41.16 -15.35
N HIS B 341 -2.09 39.87 -15.19
CA HIS B 341 -0.73 39.35 -15.24
C HIS B 341 -0.17 39.43 -16.65
N GLU B 342 -1.01 39.11 -17.64
CA GLU B 342 -0.60 39.11 -19.04
C GLU B 342 -0.34 40.52 -19.56
N LEU B 343 -1.20 41.45 -19.19
CA LEU B 343 -1.03 42.85 -19.55
C LEU B 343 0.27 43.42 -18.99
N ALA B 344 0.40 43.44 -17.67
CA ALA B 344 1.60 43.94 -16.99
C ALA B 344 2.92 43.40 -17.56
N HIS B 345 2.85 42.28 -18.27
CA HIS B 345 4.01 41.69 -18.93
C HIS B 345 4.46 42.49 -20.14
N GLN B 346 3.51 43.23 -20.72
CA GLN B 346 3.76 44.04 -21.91
C GLN B 346 4.84 45.08 -21.60
N TRP B 347 4.81 45.57 -20.37
CA TRP B 347 5.80 46.52 -19.87
C TRP B 347 7.03 45.75 -19.35
N PHE B 348 6.82 44.93 -18.32
CA PHE B 348 7.89 44.07 -17.80
C PHE B 348 7.96 42.74 -18.55
N GLY B 349 8.90 42.64 -19.49
CA GLY B 349 9.12 41.40 -20.22
C GLY B 349 9.15 41.57 -21.72
N ASN B 350 8.50 42.63 -22.21
CA ASN B 350 8.49 42.94 -23.62
C ASN B 350 9.31 44.19 -23.89
N LEU B 351 8.85 45.30 -23.33
CA LEU B 351 9.62 46.54 -23.29
C LEU B 351 10.94 46.31 -22.55
N VAL B 352 10.90 46.46 -21.24
CA VAL B 352 12.03 46.10 -20.40
C VAL B 352 12.11 44.59 -20.31
N THR B 353 13.09 44.03 -21.00
CA THR B 353 13.29 42.57 -21.03
C THR B 353 14.63 42.22 -20.38
N MET B 354 14.67 41.15 -19.60
CA MET B 354 15.91 40.75 -18.93
C MET B 354 16.99 40.35 -19.95
N LYS B 355 18.24 40.50 -19.55
CA LYS B 355 19.37 40.23 -20.43
C LYS B 355 19.58 38.73 -20.61
N TRP B 356 19.24 37.97 -19.59
CA TRP B 356 19.47 36.53 -19.58
C TRP B 356 18.55 35.86 -18.56
N TRP B 357 18.45 34.54 -18.65
CA TRP B 357 17.48 33.76 -17.88
C TRP B 357 17.82 33.69 -16.39
N ASN B 358 18.94 34.28 -16.00
CA ASN B 358 19.30 34.35 -14.59
C ASN B 358 18.38 35.28 -13.82
N ASP B 359 17.88 36.30 -14.50
CA ASP B 359 17.01 37.29 -13.88
C ASP B 359 15.56 37.20 -14.36
N LEU B 360 15.14 36.00 -14.75
CA LEU B 360 13.76 35.76 -15.19
C LEU B 360 12.74 36.25 -14.17
N TRP B 361 13.04 36.01 -12.89
CA TRP B 361 12.16 36.42 -11.80
C TRP B 361 11.79 37.89 -11.82
N LEU B 362 12.56 38.71 -12.52
CA LEU B 362 12.30 40.15 -12.55
C LEU B 362 11.01 40.46 -13.32
N ASN B 363 10.82 39.83 -14.47
CA ASN B 363 9.56 39.95 -15.19
C ASN B 363 8.41 39.30 -14.43
N GLU B 364 8.53 38.00 -14.18
CA GLU B 364 7.44 37.23 -13.60
C GLU B 364 7.15 37.63 -12.16
N GLY B 365 8.18 38.07 -11.45
CA GLY B 365 7.98 38.59 -10.11
C GLY B 365 7.25 39.91 -10.13
N PHE B 366 7.46 40.70 -11.18
CA PHE B 366 6.83 42.00 -11.29
C PHE B 366 5.42 41.89 -11.84
N ALA B 367 5.24 41.07 -12.87
CA ALA B 367 3.93 40.85 -13.45
C ALA B 367 2.98 40.24 -12.44
N THR B 368 3.49 39.31 -11.64
CA THR B 368 2.71 38.67 -10.59
C THR B 368 2.43 39.68 -9.46
N PHE B 369 3.33 40.65 -9.30
CA PHE B 369 3.14 41.69 -8.31
C PHE B 369 2.13 42.72 -8.80
N MET B 370 2.26 43.13 -10.05
CA MET B 370 1.35 44.12 -10.62
C MET B 370 -0.04 43.49 -10.73
N GLU B 371 -0.04 42.17 -10.92
CA GLU B 371 -1.24 41.35 -10.84
C GLU B 371 -2.08 41.70 -9.61
N TYR B 372 -1.56 41.33 -8.45
CA TYR B 372 -2.27 41.51 -7.19
C TYR B 372 -2.41 42.97 -6.80
N PHE B 373 -1.53 43.82 -7.33
CA PHE B 373 -1.52 45.23 -6.95
C PHE B 373 -2.56 46.02 -7.74
N SER B 374 -2.66 45.76 -9.03
CA SER B 374 -3.66 46.41 -9.87
C SER B 374 -5.06 46.07 -9.40
N LEU B 375 -5.28 44.79 -9.10
CA LEU B 375 -6.56 44.33 -8.57
C LEU B 375 -6.85 44.97 -7.21
N GLU B 376 -5.80 45.14 -6.41
CA GLU B 376 -5.96 45.76 -5.10
C GLU B 376 -6.41 47.22 -5.21
N LYS B 377 -6.23 47.80 -6.40
CA LYS B 377 -6.57 49.20 -6.62
C LYS B 377 -7.91 49.42 -7.32
N ILE B 378 -8.14 48.70 -8.43
CA ILE B 378 -9.36 48.91 -9.19
C ILE B 378 -10.41 47.82 -8.93
N PHE B 379 -9.99 46.58 -8.70
CA PHE B 379 -10.94 45.51 -8.40
C PHE B 379 -10.91 45.18 -6.92
N LYS B 380 -10.97 46.21 -6.07
CA LYS B 380 -10.80 46.03 -4.63
C LYS B 380 -11.93 45.25 -3.96
N GLU B 381 -13.04 45.01 -4.68
CA GLU B 381 -14.14 44.24 -4.12
C GLU B 381 -13.75 42.77 -4.03
N LEU B 382 -12.97 42.30 -5.00
CA LEU B 382 -12.57 40.91 -5.10
C LEU B 382 -11.80 40.42 -3.88
N SER B 383 -11.22 41.37 -3.14
CA SER B 383 -10.38 41.08 -1.98
C SER B 383 -9.24 40.14 -2.37
N SER B 384 -8.60 40.44 -3.49
CA SER B 384 -7.53 39.61 -4.03
C SER B 384 -6.27 39.60 -3.16
N TYR B 385 -6.22 40.52 -2.19
CA TYR B 385 -5.11 40.57 -1.25
C TYR B 385 -5.05 39.28 -0.43
N GLU B 386 -6.22 38.68 -0.22
CA GLU B 386 -6.32 37.40 0.48
C GLU B 386 -5.56 36.30 -0.25
N ASP B 387 -5.83 36.18 -1.56
CA ASP B 387 -5.12 35.24 -2.42
C ASP B 387 -3.61 35.40 -2.30
N PHE B 388 -3.15 36.65 -2.42
CA PHE B 388 -1.73 36.97 -2.35
C PHE B 388 -1.14 36.54 -1.02
N LEU B 389 -1.86 36.82 0.06
CA LEU B 389 -1.42 36.47 1.41
C LEU B 389 -1.24 34.97 1.51
N ASP B 390 -2.28 34.22 1.16
CA ASP B 390 -2.22 32.76 1.12
C ASP B 390 -1.10 32.28 0.19
N ALA B 391 -0.94 32.96 -0.94
CA ALA B 391 0.12 32.62 -1.89
C ALA B 391 1.49 32.80 -1.24
N ARG B 392 1.66 33.92 -0.57
CA ARG B 392 2.89 34.24 0.14
C ARG B 392 3.16 33.23 1.26
N PHE B 393 2.10 32.88 1.99
CA PHE B 393 2.14 31.83 2.99
C PHE B 393 2.81 30.55 2.49
N LYS B 394 2.23 29.97 1.45
CA LYS B 394 2.67 28.66 0.94
C LYS B 394 4.01 28.76 0.21
N THR B 395 4.43 29.98 -0.08
CA THR B 395 5.71 30.20 -0.73
C THR B 395 6.82 30.06 0.30
N MET B 396 6.55 30.55 1.51
CA MET B 396 7.53 30.52 2.60
C MET B 396 7.82 29.12 3.13
N LYS B 397 6.81 28.27 3.29
CA LYS B 397 7.06 26.90 3.74
C LYS B 397 7.86 26.12 2.72
N LYS B 398 7.82 26.57 1.46
CA LYS B 398 8.51 25.88 0.39
C LYS B 398 9.89 26.52 0.22
N ASP B 399 9.98 27.78 0.64
CA ASP B 399 11.25 28.49 0.63
C ASP B 399 12.06 28.15 1.89
N SER B 400 11.37 27.67 2.91
CA SER B 400 12.00 27.40 4.21
C SER B 400 12.66 26.03 4.23
N LEU B 401 12.38 25.23 3.22
CA LEU B 401 13.00 23.92 3.11
C LEU B 401 14.50 24.07 2.83
N ASN B 402 15.22 22.95 2.79
CA ASN B 402 16.65 23.03 2.53
C ASN B 402 16.89 22.86 1.03
N SER B 403 15.94 22.16 0.40
CA SER B 403 15.98 21.96 -1.05
C SER B 403 15.82 23.29 -1.79
N SER B 404 15.42 24.33 -1.06
CA SER B 404 15.11 25.63 -1.63
C SER B 404 16.34 26.27 -2.28
N HIS B 405 16.12 26.95 -3.40
CA HIS B 405 17.18 27.65 -4.13
C HIS B 405 16.91 29.14 -4.22
N PRO B 406 17.98 29.96 -4.08
CA PRO B 406 17.84 31.41 -4.20
C PRO B 406 17.35 31.78 -5.60
N ILE B 407 16.50 32.81 -5.67
CA ILE B 407 15.83 33.14 -6.93
C ILE B 407 16.78 33.64 -8.02
N SER B 408 17.79 34.43 -7.63
CA SER B 408 18.82 34.87 -8.56
C SER B 408 20.06 33.97 -8.53
N SER B 409 20.23 33.17 -9.58
CA SER B 409 21.30 32.18 -9.63
C SER B 409 21.79 32.04 -11.06
N SER B 410 23.12 32.04 -11.24
CA SER B 410 23.73 31.94 -12.56
C SER B 410 23.25 30.72 -13.35
N VAL B 411 22.76 30.97 -14.56
CA VAL B 411 22.21 29.91 -15.40
C VAL B 411 22.95 29.75 -16.74
N GLN B 412 23.65 28.63 -16.89
CA GLN B 412 24.42 28.35 -18.09
C GLN B 412 23.96 27.08 -18.82
N SER B 413 23.21 26.22 -18.14
CA SER B 413 22.69 25.03 -18.79
C SER B 413 21.36 25.37 -19.45
N SER B 414 20.60 24.35 -19.85
CA SER B 414 19.35 24.59 -20.55
C SER B 414 18.12 24.17 -19.77
N GLU B 415 18.27 23.19 -18.87
CA GLU B 415 17.17 22.78 -18.02
C GLU B 415 17.05 23.69 -16.79
N GLN B 416 18.16 24.32 -16.40
CA GLN B 416 18.14 25.33 -15.34
C GLN B 416 17.28 26.51 -15.75
N ILE B 417 17.11 26.67 -17.06
CA ILE B 417 16.24 27.70 -17.61
C ILE B 417 14.79 27.25 -17.42
N GLU B 418 14.50 26.02 -17.86
CA GLU B 418 13.21 25.39 -17.64
C GLU B 418 12.83 25.39 -16.16
N GLU B 419 13.80 25.05 -15.31
CA GLU B 419 13.66 25.11 -13.85
C GLU B 419 13.07 26.41 -13.34
N MET B 420 13.60 27.53 -13.86
CA MET B 420 13.27 28.86 -13.35
C MET B 420 11.78 29.21 -13.45
N PHE B 421 11.02 28.42 -14.21
CA PHE B 421 9.59 28.66 -14.35
C PHE B 421 8.76 27.95 -13.27
N ASP B 422 8.98 28.31 -12.02
CA ASP B 422 8.23 27.73 -10.91
C ASP B 422 7.60 28.82 -10.04
N SER B 423 6.74 28.41 -9.12
CA SER B 423 6.02 29.32 -8.23
C SER B 423 6.93 30.20 -7.38
N LEU B 424 8.06 29.65 -6.95
CA LEU B 424 8.96 30.34 -6.03
C LEU B 424 9.45 31.66 -6.59
N SER B 425 9.79 31.67 -7.88
CA SER B 425 10.22 32.90 -8.54
C SER B 425 9.07 33.90 -8.65
N TYR B 426 7.90 33.41 -9.01
CA TYR B 426 6.74 34.26 -9.28
C TYR B 426 6.24 34.99 -8.04
N PHE B 427 6.25 34.32 -6.89
CA PHE B 427 5.61 34.87 -5.69
C PHE B 427 6.59 35.47 -4.69
N LYS B 428 7.77 34.88 -4.55
CA LYS B 428 8.81 35.46 -3.70
C LYS B 428 9.30 36.78 -4.29
N GLY B 429 9.71 36.74 -5.57
CA GLY B 429 10.03 37.94 -6.31
C GLY B 429 8.98 39.02 -6.15
N SER B 430 7.72 38.63 -6.34
CA SER B 430 6.58 39.52 -6.09
C SER B 430 6.56 40.01 -4.65
N SER B 431 6.89 39.12 -3.72
CA SER B 431 6.81 39.44 -2.30
C SER B 431 7.80 40.52 -1.88
N LEU B 432 8.97 40.53 -2.50
CA LEU B 432 10.01 41.51 -2.19
C LEU B 432 9.56 42.90 -2.63
N LEU B 433 9.02 42.97 -3.85
CA LEU B 433 8.51 44.22 -4.40
C LEU B 433 7.44 44.81 -3.48
N LEU B 434 6.68 43.92 -2.84
CA LEU B 434 5.71 44.32 -1.83
C LEU B 434 6.38 44.82 -0.55
N MET B 435 7.38 44.08 -0.09
CA MET B 435 8.12 44.48 1.11
C MET B 435 8.82 45.80 0.86
N LEU B 436 9.28 45.97 -0.37
CA LEU B 436 9.93 47.21 -0.80
C LEU B 436 8.91 48.34 -0.93
N LYS B 437 7.73 48.01 -1.47
CA LYS B 437 6.67 49.01 -1.58
C LYS B 437 6.19 49.49 -0.22
N THR B 438 6.38 48.67 0.81
CA THR B 438 5.91 49.02 2.14
C THR B 438 7.01 49.63 3.01
N TYR B 439 8.27 49.41 2.65
CA TYR B 439 9.35 50.09 3.34
C TYR B 439 9.51 51.48 2.76
N LEU B 440 9.94 51.55 1.51
CA LEU B 440 9.94 52.81 0.81
C LEU B 440 8.45 53.11 0.66
N SER B 441 8.07 54.38 0.59
CA SER B 441 6.64 54.74 0.54
C SER B 441 5.93 54.32 -0.73
N GLU B 442 4.64 54.06 -0.61
CA GLU B 442 3.76 54.03 -1.76
C GLU B 442 3.72 55.47 -2.20
N ASP B 443 4.49 55.79 -3.26
CA ASP B 443 4.63 57.07 -3.95
C ASP B 443 6.03 57.20 -4.57
N VAL B 444 7.07 56.83 -3.83
CA VAL B 444 8.37 56.69 -4.48
C VAL B 444 8.16 55.51 -5.44
N PHE B 445 7.44 54.49 -4.96
CA PHE B 445 6.91 53.42 -5.79
C PHE B 445 5.74 53.92 -6.63
N GLN B 446 6.06 54.72 -7.65
CA GLN B 446 5.08 55.35 -8.53
C GLN B 446 5.88 56.18 -9.51
N HIS B 447 7.15 56.39 -9.15
CA HIS B 447 8.08 57.20 -9.94
C HIS B 447 9.36 56.41 -10.20
N ALA B 448 9.86 55.73 -9.17
CA ALA B 448 11.05 54.89 -9.30
C ALA B 448 10.87 53.81 -10.35
N VAL B 449 9.63 53.40 -10.57
CA VAL B 449 9.29 52.44 -11.60
C VAL B 449 9.22 53.10 -12.98
N VAL B 450 8.38 54.12 -13.12
CA VAL B 450 8.18 54.85 -14.36
C VAL B 450 9.46 55.21 -15.11
N LEU B 451 10.46 55.69 -14.38
CA LEU B 451 11.76 56.01 -14.96
C LEU B 451 12.49 54.76 -15.42
N TYR B 452 12.42 53.71 -14.61
CA TYR B 452 13.03 52.43 -14.94
C TYR B 452 12.53 51.89 -16.27
N LEU B 453 11.22 51.96 -16.50
CA LEU B 453 10.63 51.52 -17.76
C LEU B 453 11.07 52.43 -18.88
N HIS B 454 11.07 53.73 -18.61
CA HIS B 454 11.50 54.74 -19.56
C HIS B 454 12.96 54.52 -19.94
N ASN B 455 13.83 54.47 -18.94
CA ASN B 455 15.27 54.35 -19.12
C ASN B 455 15.70 53.13 -19.93
N HIS B 456 15.08 51.99 -19.68
CA HIS B 456 15.57 50.74 -20.23
C HIS B 456 14.65 50.15 -21.30
N SER B 457 13.69 50.94 -21.75
CA SER B 457 12.73 50.50 -22.77
C SER B 457 13.42 49.92 -24.01
N TYR B 458 12.83 48.86 -24.55
CA TYR B 458 13.32 48.19 -25.75
C TYR B 458 14.76 47.70 -25.64
N ALA B 459 15.23 47.45 -24.42
CA ALA B 459 16.59 46.97 -24.22
C ALA B 459 16.66 45.77 -23.28
N SER B 460 17.87 45.31 -22.99
CA SER B 460 18.03 44.15 -22.12
C SER B 460 18.61 44.54 -20.77
N ILE B 461 18.04 43.99 -19.70
CA ILE B 461 18.37 44.40 -18.34
C ILE B 461 18.82 43.28 -17.41
N GLN B 462 19.39 43.69 -16.28
CA GLN B 462 19.77 42.78 -15.22
C GLN B 462 19.12 43.25 -13.92
N SER B 463 19.16 42.42 -12.88
CA SER B 463 18.52 42.73 -11.61
C SER B 463 19.04 44.04 -11.00
N ASP B 464 20.33 44.32 -11.18
CA ASP B 464 20.93 45.52 -10.62
C ASP B 464 20.31 46.79 -11.21
N ASP B 465 19.96 46.75 -12.49
CA ASP B 465 19.39 47.90 -13.16
C ASP B 465 18.08 48.33 -12.50
N LEU B 466 17.36 47.38 -11.91
CA LEU B 466 16.15 47.71 -11.17
C LEU B 466 16.49 48.40 -9.85
N TRP B 467 17.50 47.90 -9.15
CA TRP B 467 17.90 48.50 -7.88
C TRP B 467 18.49 49.90 -8.03
N ASP B 468 19.40 50.04 -9.00
CA ASP B 468 20.05 51.33 -9.26
C ASP B 468 19.04 52.41 -9.63
N SER B 469 18.12 52.06 -10.53
CA SER B 469 17.08 52.98 -10.99
C SER B 469 15.96 53.12 -9.96
N PHE B 470 16.22 52.70 -8.73
CA PHE B 470 15.25 52.79 -7.65
C PHE B 470 15.65 53.87 -6.66
N ASN B 471 16.93 54.25 -6.67
CA ASN B 471 17.46 55.22 -5.73
C ASN B 471 18.35 56.33 -6.31
N GLU B 472 17.82 57.40 -6.90
CA GLU B 472 16.44 57.65 -7.36
C GLU B 472 15.33 57.55 -6.30
N VAL B 473 15.65 57.84 -5.04
CA VAL B 473 14.65 57.75 -3.98
C VAL B 473 13.67 58.93 -4.03
N ASN B 475 14.85 62.34 -2.64
CA ASN B 475 14.60 63.16 -3.82
C ASN B 475 15.84 63.23 -4.70
N GLN B 476 16.81 62.35 -4.41
CA GLN B 476 18.07 62.28 -5.14
C GLN B 476 19.02 61.25 -4.52
N THR B 477 18.71 59.97 -4.70
CA THR B 477 19.37 58.86 -4.00
C THR B 477 19.15 58.96 -2.49
N LEU B 478 19.61 57.95 -1.76
CA LEU B 478 19.65 57.95 -0.29
C LEU B 478 20.28 56.68 0.28
N ASP B 479 20.22 55.59 -0.48
CA ASP B 479 20.65 54.30 0.03
C ASP B 479 21.02 53.36 -1.09
N VAL B 480 21.82 52.35 -0.77
CA VAL B 480 22.27 51.38 -1.76
C VAL B 480 21.34 50.17 -1.68
N LYS B 481 21.38 49.29 -2.68
CA LYS B 481 20.60 48.07 -2.61
C LYS B 481 21.48 46.85 -2.47
N ARG B 482 22.33 46.91 -1.46
CA ARG B 482 22.91 45.73 -0.86
C ARG B 482 21.88 45.25 0.16
N MET B 483 20.90 46.12 0.41
CA MET B 483 19.78 45.82 1.29
C MET B 483 18.83 44.79 0.67
N MET B 484 18.62 44.89 -0.64
CA MET B 484 17.81 43.93 -1.38
C MET B 484 18.64 42.73 -1.79
N LYS B 485 19.96 42.88 -1.74
CA LYS B 485 20.85 41.84 -2.24
C LYS B 485 21.08 40.72 -1.22
N THR B 486 20.66 40.97 0.02
CA THR B 486 20.69 39.93 1.03
C THR B 486 19.51 39.01 0.81
N TRP B 487 18.46 39.55 0.21
CA TRP B 487 17.25 38.78 -0.05
C TRP B 487 17.33 37.95 -1.34
N THR B 488 18.28 38.27 -2.21
CA THR B 488 18.35 37.63 -3.52
C THR B 488 19.35 36.47 -3.65
N LEU B 489 20.48 36.57 -2.96
CA LEU B 489 21.57 35.61 -3.15
C LEU B 489 21.57 34.44 -2.17
N GLN B 490 20.83 34.57 -1.08
CA GLN B 490 20.77 33.48 -0.10
C GLN B 490 19.34 32.97 0.04
N LYS B 491 19.22 31.65 0.15
CA LYS B 491 17.91 31.01 0.16
C LYS B 491 17.18 31.29 1.47
N GLY B 492 15.89 30.97 1.49
CA GLY B 492 15.10 31.15 2.69
C GLY B 492 14.90 32.60 3.08
N PHE B 493 14.62 32.80 4.36
CA PHE B 493 14.29 34.12 4.89
C PHE B 493 14.65 34.18 6.37
N PRO B 494 14.90 35.39 6.91
CA PRO B 494 15.30 35.48 8.32
C PRO B 494 14.20 35.02 9.28
N LEU B 495 14.61 34.57 10.46
CA LEU B 495 13.68 34.36 11.55
C LEU B 495 13.89 35.42 12.62
N VAL B 496 12.99 36.39 12.67
CA VAL B 496 13.08 37.49 13.63
C VAL B 496 12.54 37.09 14.99
N THR B 497 13.33 37.35 16.03
CA THR B 497 12.91 37.06 17.40
C THR B 497 12.69 38.38 18.15
N VAL B 498 11.63 38.44 18.95
CA VAL B 498 11.24 39.69 19.61
C VAL B 498 10.94 39.44 21.09
N GLN B 499 11.50 40.29 21.96
CA GLN B 499 11.34 40.15 23.41
C GLN B 499 11.10 41.51 24.07
N LYS B 500 9.85 41.87 24.28
CA LYS B 500 9.51 43.13 24.94
C LYS B 500 9.61 43.03 26.46
N LYS B 501 10.53 43.78 27.05
CA LYS B 501 10.64 43.86 28.51
C LYS B 501 10.53 45.31 28.99
N GLY B 502 9.43 45.98 28.64
CA GLY B 502 9.20 47.35 29.04
C GLY B 502 9.10 48.31 27.87
N LYS B 503 10.08 49.18 27.71
CA LYS B 503 10.04 50.15 26.62
C LYS B 503 11.04 49.83 25.52
N GLU B 504 11.84 48.78 25.71
CA GLU B 504 12.75 48.33 24.67
C GLU B 504 12.55 46.85 24.36
N LEU B 505 12.66 46.51 23.08
CA LEU B 505 12.42 45.14 22.61
C LEU B 505 13.63 44.60 21.86
N PHE B 506 14.28 43.59 22.43
CA PHE B 506 15.51 43.04 21.84
C PHE B 506 15.18 42.24 20.59
N ILE B 507 15.74 42.65 19.46
CA ILE B 507 15.51 41.95 18.19
C ILE B 507 16.73 41.10 17.82
N GLN B 508 16.47 39.90 17.31
CA GLN B 508 17.53 39.04 16.80
C GLN B 508 17.09 38.26 15.57
N GLN B 509 17.97 38.19 14.57
CA GLN B 509 17.67 37.50 13.32
C GLN B 509 18.49 36.23 13.15
N GLU B 510 18.03 35.33 12.31
CA GLU B 510 18.69 34.06 12.04
C GLU B 510 18.03 33.32 10.89
N ARG B 511 18.75 32.36 10.30
CA ARG B 511 18.19 31.56 9.22
C ARG B 511 17.05 30.70 9.72
N PHE B 512 15.91 30.75 9.05
CA PHE B 512 14.81 29.86 9.38
C PHE B 512 15.09 28.48 8.78
N PHE B 513 15.71 27.62 9.57
CA PHE B 513 16.07 26.28 9.12
C PHE B 513 15.45 25.25 10.05
N LEU B 514 15.12 24.09 9.50
CA LEU B 514 14.50 23.02 10.26
C LEU B 514 15.36 21.77 10.24
N ASN B 515 15.31 21.05 9.13
CA ASN B 515 16.06 19.81 8.94
C ASN B 515 15.93 19.29 7.52
N ASP B 524 30.54 28.82 6.67
CA ASP B 524 30.48 30.21 6.22
C ASP B 524 29.46 30.99 7.04
N THR B 525 29.15 30.48 8.22
CA THR B 525 28.24 31.11 9.15
C THR B 525 28.85 32.45 9.61
N SER B 526 28.05 33.50 9.71
CA SER B 526 26.61 33.46 9.48
C SER B 526 26.17 33.96 8.10
N TYR B 527 24.91 34.38 8.02
CA TYR B 527 24.33 34.91 6.80
C TYR B 527 23.23 35.91 7.17
N LEU B 528 23.48 37.18 6.85
CA LEU B 528 22.67 38.28 7.37
C LEU B 528 21.68 38.85 6.35
N TRP B 529 20.53 39.26 6.85
CA TRP B 529 19.48 39.83 6.02
C TRP B 529 19.28 41.27 6.44
N HIS B 530 18.92 42.13 5.50
CA HIS B 530 18.62 43.52 5.82
C HIS B 530 17.10 43.71 5.94
N ILE B 531 16.58 43.51 7.15
CA ILE B 531 15.15 43.40 7.38
C ILE B 531 14.48 44.69 7.82
N PRO B 532 13.46 45.13 7.06
CA PRO B 532 12.70 46.36 7.36
C PRO B 532 11.15 46.26 7.39
N LEU B 533 10.38 46.06 8.48
CA LEU B 533 10.67 45.75 9.91
C LEU B 533 9.58 46.43 10.74
N SER B 534 8.67 47.14 10.06
CA SER B 534 7.53 47.82 10.68
C SER B 534 6.83 47.03 11.80
N TYR B 535 6.18 47.76 12.71
CA TYR B 535 5.56 47.15 13.89
C TYR B 535 4.30 47.88 14.34
N VAL B 536 3.57 47.27 15.28
CA VAL B 536 2.39 47.90 15.86
C VAL B 536 2.26 47.57 17.36
N THR B 537 1.79 48.55 18.13
CA THR B 537 1.49 48.39 19.56
C THR B 537 0.27 49.27 19.86
N GLU B 538 -0.24 49.20 21.09
CA GLU B 538 -1.40 49.99 21.50
C GLU B 538 -1.73 49.84 22.98
N GLY B 539 -2.22 50.91 23.59
CA GLY B 539 -2.61 50.90 24.99
C GLY B 539 -2.67 52.31 25.57
N ARG B 540 -3.84 52.68 26.10
CA ARG B 540 -4.04 54.00 26.70
C ARG B 540 -3.90 55.14 25.68
N LYS B 544 -1.94 53.20 20.26
CA LYS B 544 -1.66 52.95 18.85
C LYS B 544 -0.19 53.28 18.55
N TYR B 545 0.37 52.63 17.53
CA TYR B 545 1.78 52.84 17.21
C TYR B 545 2.10 52.10 15.90
N GLN B 546 2.90 52.73 15.02
CA GLN B 546 3.32 52.06 13.78
C GLN B 546 4.83 52.16 13.55
N SER B 547 5.23 53.00 12.59
CA SER B 547 6.64 53.27 12.26
C SER B 547 7.44 52.05 11.75
N VAL B 548 8.67 52.32 11.30
CA VAL B 548 9.58 51.32 10.73
C VAL B 548 11.01 51.53 11.26
N SER B 549 11.78 50.45 11.42
CA SER B 549 13.14 50.58 11.98
C SER B 549 14.23 49.65 11.42
N LEU B 550 14.55 49.79 10.13
CA LEU B 550 15.54 48.98 9.39
C LEU B 550 16.65 48.23 10.15
N LEU B 551 16.31 47.08 10.72
CA LEU B 551 17.33 46.16 11.24
C LEU B 551 18.26 45.64 10.13
N ASP B 552 19.58 45.72 10.33
CA ASP B 552 20.55 45.25 9.34
C ASP B 552 21.72 44.50 9.98
N LYS B 553 21.53 44.04 11.23
CA LYS B 553 22.58 43.35 11.96
C LYS B 553 22.00 42.24 12.83
N LYS B 554 22.86 41.33 13.28
CA LYS B 554 22.45 40.18 14.10
C LYS B 554 21.56 40.58 15.28
N SER B 555 21.64 41.83 15.70
CA SER B 555 20.81 42.34 16.77
C SER B 555 20.46 43.82 16.58
N GLY B 556 19.30 44.21 17.10
CA GLY B 556 18.87 45.60 17.04
C GLY B 556 17.92 45.91 18.18
N VAL B 557 17.37 47.12 18.19
CA VAL B 557 16.40 47.51 19.22
C VAL B 557 15.58 48.73 18.79
N ILE B 558 14.30 48.72 19.13
CA ILE B 558 13.40 49.83 18.82
C ILE B 558 12.99 50.52 20.12
N ASN B 559 13.04 51.85 20.16
CA ASN B 559 12.68 52.56 21.40
C ASN B 559 11.20 52.94 21.43
N LEU B 560 10.46 52.27 22.32
CA LEU B 560 9.02 52.46 22.43
C LEU B 560 8.64 53.73 23.19
N THR B 561 7.67 54.44 22.64
CA THR B 561 7.13 55.66 23.26
C THR B 561 6.53 55.41 24.64
N GLU B 562 5.48 54.57 24.70
CA GLU B 562 4.80 54.30 25.97
C GLU B 562 5.18 52.95 26.55
N GLU B 563 4.46 52.57 27.60
CA GLU B 563 4.45 51.18 28.07
C GLU B 563 3.40 50.43 27.29
N VAL B 564 3.69 49.20 26.89
CA VAL B 564 2.74 48.41 26.10
C VAL B 564 2.66 46.96 26.55
N LEU B 565 1.46 46.40 26.50
CA LEU B 565 1.25 45.03 26.93
C LEU B 565 1.45 44.08 25.75
N TRP B 566 1.19 44.55 24.55
CA TRP B 566 1.30 43.69 23.40
C TRP B 566 2.01 44.39 22.26
N VAL B 567 2.74 43.60 21.49
CA VAL B 567 3.41 44.11 20.32
C VAL B 567 3.34 43.09 19.19
N LYS B 568 2.63 43.45 18.13
CA LYS B 568 2.57 42.63 16.94
C LYS B 568 3.60 43.18 15.96
N VAL B 569 4.61 42.38 15.70
CA VAL B 569 5.67 42.76 14.78
C VAL B 569 5.29 42.22 13.41
N ASN B 570 5.56 43.00 12.36
CA ASN B 570 5.31 42.58 10.99
C ASN B 570 3.80 42.64 10.73
N ILE B 571 3.31 43.75 10.17
CA ILE B 571 1.87 44.02 10.18
C ILE B 571 1.11 43.20 9.12
N ASN B 572 0.79 43.77 7.97
CA ASN B 572 0.03 43.03 6.95
C ASN B 572 0.94 41.97 6.34
N MET B 573 1.72 41.32 7.20
CA MET B 573 2.87 40.53 6.82
C MET B 573 3.78 41.43 5.99
N ASN B 574 3.44 41.65 4.72
CA ASN B 574 4.18 42.56 3.83
C ASN B 574 5.69 42.33 3.77
N GLY B 575 6.27 41.94 4.90
CA GLY B 575 7.68 41.66 5.04
C GLY B 575 7.91 40.18 4.87
N TYR B 576 8.93 39.82 4.11
CA TYR B 576 9.14 38.41 3.86
C TYR B 576 9.96 37.78 4.97
N TYR B 577 9.31 37.61 6.13
CA TYR B 577 9.95 37.05 7.31
C TYR B 577 8.92 36.65 8.36
N ILE B 578 9.36 35.86 9.34
CA ILE B 578 8.48 35.35 10.38
C ILE B 578 8.98 35.78 11.77
N VAL B 579 8.05 36.14 12.66
CA VAL B 579 8.42 36.66 13.98
C VAL B 579 8.10 35.69 15.12
N HIS B 580 9.12 35.37 15.91
CA HIS B 580 8.97 34.47 17.05
C HIS B 580 9.17 35.20 18.37
N TYR B 581 8.08 35.35 19.12
CA TYR B 581 8.12 36.06 20.41
C TYR B 581 8.61 35.20 21.57
N ALA B 582 8.84 35.85 22.71
CA ALA B 582 9.18 35.15 23.95
C ALA B 582 7.92 34.69 24.64
N ASP B 583 8.08 33.84 25.65
CA ASP B 583 6.95 33.20 26.33
C ASP B 583 5.84 34.17 26.73
N ASP B 584 6.21 35.20 27.48
CA ASP B 584 5.26 36.18 27.98
C ASP B 584 4.70 37.05 26.86
N ASP B 585 5.50 37.24 25.82
CA ASP B 585 5.13 38.16 24.74
C ASP B 585 4.20 37.46 23.76
N TRP B 586 4.39 36.15 23.58
CA TRP B 586 3.37 35.33 22.93
C TRP B 586 2.07 35.38 23.70
N GLU B 587 2.13 34.98 24.97
CA GLU B 587 0.97 34.94 25.85
C GLU B 587 0.28 36.30 25.99
N ALA B 588 1.03 37.38 25.74
CA ALA B 588 0.45 38.71 25.78
C ALA B 588 -0.44 38.96 24.57
N LEU B 589 0.03 38.53 23.41
CA LEU B 589 -0.72 38.70 22.16
C LEU B 589 -1.90 37.76 22.09
N ILE B 590 -1.70 36.52 22.56
CA ILE B 590 -2.76 35.52 22.58
C ILE B 590 -3.90 35.96 23.49
N HIS B 591 -3.55 36.46 24.67
CA HIS B 591 -4.53 36.98 25.61
C HIS B 591 -5.26 38.19 25.05
N GLN B 592 -4.50 39.06 24.37
CA GLN B 592 -5.04 40.26 23.75
C GLN B 592 -6.09 39.93 22.70
N LEU B 593 -5.86 38.87 21.94
CA LEU B 593 -6.81 38.42 20.94
C LEU B 593 -8.13 38.01 21.60
N LYS B 594 -8.03 37.45 22.80
CA LYS B 594 -9.20 36.95 23.51
C LYS B 594 -10.04 38.08 24.13
N ILE B 595 -9.43 39.23 24.38
CA ILE B 595 -10.17 40.36 24.94
C ILE B 595 -10.72 41.27 23.82
N ASN B 596 -9.82 41.86 23.04
CA ASN B 596 -10.22 42.68 21.90
C ASN B 596 -9.47 42.28 20.63
N PRO B 597 -10.11 41.44 19.80
CA PRO B 597 -9.46 40.87 18.62
C PRO B 597 -9.47 41.79 17.40
N TYR B 598 -9.68 43.09 17.60
CA TYR B 598 -9.82 44.01 16.47
C TYR B 598 -8.79 45.12 16.47
N VAL B 599 -7.83 45.06 17.39
CA VAL B 599 -6.75 46.03 17.39
C VAL B 599 -5.81 45.90 16.19
N LEU B 600 -5.90 44.80 15.46
CA LEU B 600 -5.08 44.61 14.26
C LEU B 600 -5.93 44.30 13.02
N SER B 601 -5.30 44.34 11.85
CA SER B 601 -5.98 44.04 10.59
C SER B 601 -6.22 42.54 10.44
N ASP B 602 -7.00 42.15 9.43
CA ASP B 602 -7.25 40.74 9.15
C ASP B 602 -5.97 40.02 8.70
N LYS B 603 -5.17 40.68 7.87
CA LYS B 603 -3.89 40.14 7.44
C LYS B 603 -3.00 39.90 8.66
N ASP B 604 -3.02 40.84 9.59
CA ASP B 604 -2.31 40.69 10.87
C ASP B 604 -2.71 39.42 11.61
N ARG B 605 -4.01 39.26 11.81
CA ARG B 605 -4.55 38.12 12.54
C ARG B 605 -4.25 36.81 11.82
N ALA B 606 -4.36 36.84 10.50
CA ALA B 606 -4.04 35.68 9.68
C ALA B 606 -2.57 35.31 9.80
N ASN B 607 -1.72 36.33 9.70
CA ASN B 607 -0.28 36.16 9.81
C ASN B 607 0.15 35.50 11.11
N LEU B 608 -0.48 35.90 12.21
CA LEU B 608 -0.18 35.35 13.52
C LEU B 608 -0.50 33.86 13.62
N ILE B 609 -1.64 33.46 13.07
CA ILE B 609 -2.06 32.06 13.10
C ILE B 609 -1.07 31.18 12.33
N ASN B 610 -0.69 31.65 11.16
CA ASN B 610 0.32 30.97 10.34
C ASN B 610 1.63 30.77 11.09
N ASN B 611 2.19 31.87 11.58
CA ASN B 611 3.51 31.88 12.19
C ASN B 611 3.67 30.96 13.41
N ILE B 612 2.63 30.88 14.24
CA ILE B 612 2.72 30.09 15.47
C ILE B 612 2.65 28.58 15.19
N PHE B 613 1.82 28.19 14.21
CA PHE B 613 1.68 26.79 13.86
C PHE B 613 2.96 26.23 13.25
N GLU B 614 3.66 27.07 12.49
CA GLU B 614 4.87 26.65 11.80
C GLU B 614 6.01 26.57 12.80
N LEU B 615 5.91 27.38 13.85
CA LEU B 615 6.85 27.34 14.97
C LEU B 615 6.57 26.11 15.83
N ALA B 616 5.29 25.82 16.06
CA ALA B 616 4.89 24.63 16.80
C ALA B 616 5.35 23.36 16.09
N GLY B 617 5.64 23.48 14.80
CA GLY B 617 6.18 22.40 14.02
C GLY B 617 7.59 22.05 14.43
N LEU B 618 8.42 23.07 14.57
CA LEU B 618 9.83 22.88 14.91
C LEU B 618 10.01 22.59 16.40
N GLY B 619 8.94 22.73 17.17
CA GLY B 619 9.03 22.54 18.61
C GLY B 619 9.38 23.84 19.29
N LYS B 620 9.62 24.88 18.50
CA LYS B 620 9.97 26.20 19.02
C LYS B 620 8.84 26.84 19.81
N VAL B 621 7.68 26.20 19.77
CA VAL B 621 6.51 26.63 20.51
C VAL B 621 5.71 25.37 20.81
N PRO B 622 5.18 25.24 22.03
CA PRO B 622 4.35 24.07 22.32
C PRO B 622 3.06 24.10 21.52
N LEU B 623 2.64 22.95 20.99
CA LEU B 623 1.46 22.89 20.15
C LEU B 623 0.23 23.33 20.93
N LYS B 624 0.26 23.12 22.24
CA LYS B 624 -0.81 23.55 23.12
C LYS B 624 -0.97 25.07 23.09
N ARG B 625 0.15 25.76 22.88
CA ARG B 625 0.13 27.23 22.81
C ARG B 625 -0.40 27.68 21.45
N ALA B 626 -0.12 26.88 20.42
CA ALA B 626 -0.63 27.15 19.08
C ALA B 626 -2.15 27.17 19.07
N PHE B 627 -2.77 26.18 19.69
CA PHE B 627 -4.22 26.09 19.78
C PHE B 627 -4.80 27.14 20.73
N ASP B 628 -4.04 27.53 21.74
CA ASP B 628 -4.50 28.54 22.68
C ASP B 628 -4.62 29.89 21.98
N LEU B 629 -3.81 30.08 20.94
CA LEU B 629 -3.89 31.29 20.13
C LEU B 629 -5.19 31.23 19.34
N ILE B 630 -5.51 30.03 18.86
CA ILE B 630 -6.71 29.79 18.04
C ILE B 630 -8.01 29.98 18.85
N ASN B 631 -7.90 29.94 20.18
CA ASN B 631 -9.08 29.96 21.04
C ASN B 631 -10.07 31.12 20.83
N TYR B 632 -9.60 32.20 20.22
CA TYR B 632 -10.44 33.40 20.02
C TYR B 632 -11.43 33.33 18.85
N LEU B 633 -11.20 32.45 17.88
CA LEU B 633 -11.92 32.51 16.58
C LEU B 633 -13.46 32.50 16.65
N GLY B 634 -14.02 32.24 17.82
CA GLY B 634 -15.47 32.33 17.98
C GLY B 634 -16.04 33.68 17.62
N ASN B 635 -15.18 34.71 17.64
CA ASN B 635 -15.60 36.08 17.36
C ASN B 635 -14.90 36.63 16.11
N GLU B 636 -14.70 35.78 15.12
CA GLU B 636 -14.09 36.21 13.88
C GLU B 636 -15.07 36.18 12.73
N ASN B 637 -15.13 37.28 11.99
CA ASN B 637 -15.98 37.34 10.82
C ASN B 637 -15.12 37.66 9.60
N HIS B 638 -13.81 37.77 9.82
CA HIS B 638 -12.87 38.03 8.72
C HIS B 638 -12.43 36.68 8.11
N THR B 639 -12.75 36.47 6.84
CA THR B 639 -12.40 35.22 6.14
C THR B 639 -10.90 34.94 6.11
N ALA B 640 -10.11 35.95 5.74
CA ALA B 640 -8.68 35.79 5.47
C ALA B 640 -7.90 35.04 6.56
N PRO B 641 -8.14 35.34 7.85
CA PRO B 641 -7.53 34.44 8.84
C PRO B 641 -8.13 33.03 8.82
N ILE B 642 -9.42 32.95 9.12
CA ILE B 642 -10.18 31.69 9.26
C ILE B 642 -9.70 30.57 8.33
N THR B 643 -9.47 30.91 7.07
CA THR B 643 -8.97 29.97 6.10
C THR B 643 -7.66 29.33 6.55
N GLU B 644 -6.67 30.15 6.89
CA GLU B 644 -5.38 29.64 7.35
C GLU B 644 -5.54 29.07 8.77
N ALA B 645 -6.53 28.17 8.92
CA ALA B 645 -6.84 27.49 10.16
C ALA B 645 -7.70 26.29 9.79
N LEU B 646 -8.63 26.49 8.85
CA LEU B 646 -9.31 25.36 8.23
C LEU B 646 -8.26 24.57 7.47
N PHE B 647 -7.20 25.26 7.07
CA PHE B 647 -6.04 24.65 6.43
C PHE B 647 -5.05 24.06 7.44
N GLN B 648 -4.60 24.88 8.39
CA GLN B 648 -3.57 24.47 9.35
C GLN B 648 -4.00 23.27 10.18
N THR B 649 -5.25 23.26 10.63
CA THR B 649 -5.78 22.15 11.40
C THR B 649 -6.08 20.96 10.49
N ASP B 650 -6.46 21.22 9.24
CA ASP B 650 -6.74 20.17 8.27
C ASP B 650 -5.48 19.37 7.96
N LEU B 651 -4.34 20.06 7.94
CA LEU B 651 -3.06 19.40 7.71
C LEU B 651 -2.77 18.45 8.86
N ILE B 652 -2.97 18.94 10.08
CA ILE B 652 -2.72 18.15 11.27
C ILE B 652 -3.73 17.00 11.38
N TYR B 653 -4.99 17.27 11.04
CA TYR B 653 -6.03 16.24 11.05
C TYR B 653 -5.66 15.09 10.13
N ASN B 654 -5.21 15.41 8.93
CA ASN B 654 -4.89 14.41 7.92
C ASN B 654 -3.61 13.66 8.28
N LEU B 655 -2.65 14.39 8.87
CA LEU B 655 -1.40 13.79 9.30
C LEU B 655 -1.66 12.72 10.35
N LEU B 656 -2.43 13.09 11.38
CA LEU B 656 -2.91 12.15 12.40
C LEU B 656 -3.61 10.95 11.77
N GLU B 657 -4.62 11.22 10.96
CA GLU B 657 -5.46 10.18 10.36
C GLU B 657 -4.67 9.05 9.68
N LYS B 658 -3.66 9.40 8.91
CA LYS B 658 -2.92 8.39 8.15
C LYS B 658 -2.00 7.54 9.05
N LEU B 659 -1.78 7.97 10.28
CA LEU B 659 -1.05 7.16 11.24
C LEU B 659 -1.97 6.27 12.06
N GLY B 660 -3.27 6.44 11.85
CA GLY B 660 -4.26 5.60 12.49
C GLY B 660 -4.95 6.24 13.68
N TYR B 661 -4.78 7.55 13.81
CA TYR B 661 -5.29 8.27 14.98
C TYR B 661 -6.59 8.95 14.62
N MET B 662 -7.57 8.14 14.23
CA MET B 662 -8.88 8.64 13.80
C MET B 662 -9.56 9.41 14.93
N ASP B 663 -9.54 8.83 16.12
CA ASP B 663 -10.11 9.47 17.31
C ASP B 663 -9.41 10.79 17.58
N LEU B 664 -8.09 10.73 17.69
CA LEU B 664 -7.26 11.90 17.95
C LEU B 664 -7.49 13.00 16.92
N ALA B 665 -7.54 12.61 15.64
CA ALA B 665 -7.78 13.54 14.56
C ALA B 665 -9.19 14.12 14.59
N SER B 666 -10.18 13.27 14.91
CA SER B 666 -11.57 13.69 14.90
C SER B 666 -11.92 14.52 16.15
N ARG B 667 -11.33 14.17 17.28
CA ARG B 667 -11.52 14.95 18.51
C ARG B 667 -11.03 16.38 18.32
N LEU B 668 -10.01 16.53 17.49
CA LEU B 668 -9.41 17.82 17.21
C LEU B 668 -10.30 18.68 16.32
N VAL B 669 -10.79 18.13 15.22
CA VAL B 669 -11.58 18.91 14.28
C VAL B 669 -12.94 19.27 14.85
N THR B 670 -13.40 18.49 15.83
CA THR B 670 -14.65 18.80 16.51
C THR B 670 -14.41 19.96 17.45
N ARG B 671 -13.23 19.97 18.07
CA ARG B 671 -12.79 21.09 18.90
C ARG B 671 -12.68 22.36 18.06
N VAL B 672 -12.09 22.21 16.87
CA VAL B 672 -11.94 23.34 15.96
C VAL B 672 -13.31 23.77 15.44
N PHE B 673 -14.20 22.80 15.26
CA PHE B 673 -15.57 23.10 14.88
C PHE B 673 -16.31 23.88 15.95
N LYS B 674 -16.10 23.51 17.21
CA LYS B 674 -16.81 24.13 18.32
C LYS B 674 -16.53 25.62 18.40
N LEU B 675 -15.33 26.01 18.03
CA LEU B 675 -14.97 27.43 17.92
C LEU B 675 -15.85 28.14 16.91
N LEU B 676 -15.98 27.54 15.73
CA LEU B 676 -16.67 28.15 14.60
C LEU B 676 -18.15 27.79 14.52
N GLN B 677 -18.69 27.25 15.60
CA GLN B 677 -20.07 26.76 15.66
C GLN B 677 -21.11 27.72 15.09
N ASN B 678 -21.15 28.94 15.62
CA ASN B 678 -22.10 29.96 15.17
C ASN B 678 -22.01 30.25 13.69
N GLN B 679 -20.83 30.72 13.26
CA GLN B 679 -20.55 31.01 11.86
C GLN B 679 -21.05 29.93 10.91
N ILE B 680 -20.81 28.66 11.25
CA ILE B 680 -21.18 27.55 10.38
C ILE B 680 -22.69 27.47 10.25
N GLN B 681 -23.40 27.60 11.37
CA GLN B 681 -24.86 27.70 11.35
C GLN B 681 -25.30 28.92 10.55
N GLN B 682 -24.78 30.09 10.93
CA GLN B 682 -25.22 31.36 10.36
C GLN B 682 -25.08 31.47 8.84
N GLN B 683 -24.32 30.57 8.24
CA GLN B 683 -24.14 30.58 6.79
C GLN B 683 -25.40 30.17 6.05
N THR B 684 -25.51 30.63 4.80
CA THR B 684 -26.62 30.30 3.92
C THR B 684 -26.09 29.52 2.73
N TRP B 685 -26.92 28.70 2.10
CA TRP B 685 -26.48 27.90 0.97
C TRP B 685 -26.79 28.55 -0.40
N THR B 686 -26.31 29.78 -0.62
CA THR B 686 -26.60 30.55 -1.82
C THR B 686 -25.37 31.16 -2.52
N ASP B 687 -25.63 32.05 -3.47
CA ASP B 687 -24.58 32.80 -4.20
C ASP B 687 -24.64 34.31 -3.92
N GLU B 688 -25.06 34.68 -2.71
CA GLU B 688 -25.26 36.08 -2.39
C GLU B 688 -24.15 36.62 -1.50
N GLY B 689 -23.44 37.63 -2.01
CA GLY B 689 -22.48 38.35 -1.19
C GLY B 689 -21.21 38.79 -1.90
N THR B 690 -20.40 39.58 -1.22
CA THR B 690 -19.09 39.99 -1.69
C THR B 690 -18.20 38.76 -1.86
N PRO B 691 -17.26 38.80 -2.82
CA PRO B 691 -16.32 37.69 -3.06
C PRO B 691 -15.70 37.15 -1.77
N SER B 692 -15.18 38.06 -0.96
CA SER B 692 -14.61 37.73 0.34
C SER B 692 -15.54 36.92 1.24
N MET B 693 -16.80 37.29 1.30
CA MET B 693 -17.75 36.64 2.21
C MET B 693 -18.38 35.37 1.66
N ARG B 694 -18.67 35.33 0.36
CA ARG B 694 -19.23 34.11 -0.23
C ARG B 694 -18.16 33.04 -0.38
N GLU B 695 -16.89 33.45 -0.38
CA GLU B 695 -15.78 32.50 -0.40
C GLU B 695 -15.72 31.82 0.96
N LEU B 696 -15.84 32.61 2.02
CA LEU B 696 -15.86 32.08 3.38
C LEU B 696 -17.03 31.09 3.54
N ARG B 697 -18.14 31.42 2.91
CA ARG B 697 -19.29 30.52 2.84
C ARG B 697 -18.92 29.18 2.22
N SER B 698 -18.23 29.20 1.09
CA SER B 698 -17.75 27.97 0.46
C SER B 698 -16.85 27.17 1.40
N ALA B 699 -16.03 27.89 2.15
CA ALA B 699 -15.08 27.28 3.08
C ALA B 699 -15.74 26.55 4.25
N LEU B 700 -16.49 27.30 5.06
CA LEU B 700 -17.14 26.76 6.25
C LEU B 700 -18.08 25.60 5.93
N LEU B 701 -18.72 25.66 4.77
CA LEU B 701 -19.66 24.62 4.37
C LEU B 701 -18.92 23.34 4.02
N GLU B 702 -17.87 23.48 3.21
CA GLU B 702 -17.02 22.35 2.82
C GLU B 702 -16.36 21.68 4.03
N PHE B 703 -16.15 22.45 5.09
CA PHE B 703 -15.51 21.93 6.30
C PHE B 703 -16.47 21.02 7.05
N ALA B 704 -17.62 21.57 7.44
CA ALA B 704 -18.59 20.86 8.28
C ALA B 704 -19.18 19.61 7.62
N CYS B 705 -19.06 19.49 6.31
CA CYS B 705 -19.65 18.36 5.61
C CYS B 705 -18.68 17.19 5.47
N THR B 706 -17.40 17.53 5.30
CA THR B 706 -16.37 16.52 5.10
C THR B 706 -16.19 15.65 6.33
N HIS B 707 -16.08 16.28 7.49
CA HIS B 707 -15.94 15.53 8.73
C HIS B 707 -17.29 15.19 9.35
N ASN B 708 -18.35 15.78 8.81
CA ASN B 708 -19.71 15.69 9.38
C ASN B 708 -19.84 16.39 10.72
N LEU B 709 -20.47 17.55 10.73
CA LEU B 709 -20.65 18.28 11.98
C LEU B 709 -22.01 18.97 12.06
N GLY B 710 -23.00 18.25 12.59
CA GLY B 710 -24.33 18.79 12.77
C GLY B 710 -25.02 19.22 11.50
N ASN B 711 -26.03 20.07 11.70
CA ASN B 711 -26.85 20.75 10.68
C ASN B 711 -26.50 20.64 9.20
N CYS B 712 -25.24 20.34 8.88
CA CYS B 712 -24.78 20.30 7.51
C CYS B 712 -25.04 18.92 6.90
N SER B 713 -24.31 18.58 5.83
CA SER B 713 -24.36 17.26 5.23
C SER B 713 -25.78 16.92 4.76
N THR B 714 -26.62 16.54 5.71
CA THR B 714 -28.05 16.40 5.53
C THR B 714 -28.64 17.45 4.59
N THR B 715 -28.38 18.71 4.90
CA THR B 715 -28.71 19.84 4.03
C THR B 715 -28.19 19.66 2.61
N ALA B 716 -26.90 19.32 2.49
CA ALA B 716 -26.28 19.12 1.19
C ALA B 716 -26.86 17.90 0.48
N MET B 717 -27.20 16.87 1.25
CA MET B 717 -27.77 15.64 0.69
C MET B 717 -29.16 15.95 0.14
N LYS B 718 -29.87 16.84 0.81
CA LYS B 718 -31.13 17.38 0.30
C LYS B 718 -30.88 18.06 -1.04
N LEU B 719 -30.01 19.07 -1.02
CA LEU B 719 -29.61 19.80 -2.22
C LEU B 719 -29.12 18.91 -3.35
N PHE B 720 -28.28 17.93 -3.03
CA PHE B 720 -27.83 16.97 -4.05
C PHE B 720 -29.02 16.27 -4.68
N ASP B 721 -29.94 15.80 -3.84
CA ASP B 721 -31.23 15.30 -4.33
C ASP B 721 -31.96 16.51 -4.92
N ASP B 722 -33.11 16.31 -5.55
CA ASP B 722 -33.82 17.40 -6.23
C ASP B 722 -32.98 17.82 -7.45
N TRP B 723 -31.72 18.19 -7.22
CA TRP B 723 -30.78 18.44 -8.31
C TRP B 723 -30.66 17.21 -9.19
N MET B 724 -30.51 16.05 -8.56
CA MET B 724 -30.44 14.79 -9.29
C MET B 724 -31.81 14.47 -9.88
N ALA B 725 -32.86 14.81 -9.12
CA ALA B 725 -34.24 14.70 -9.62
C ALA B 725 -34.32 15.53 -10.89
N SER B 726 -33.97 16.80 -10.79
CA SER B 726 -33.93 17.70 -11.94
C SER B 726 -32.98 17.13 -12.99
N ASN B 727 -32.01 16.32 -12.55
CA ASN B 727 -31.08 15.66 -13.44
C ASN B 727 -30.30 16.74 -14.23
N GLY B 728 -29.30 17.29 -13.57
CA GLY B 728 -28.64 18.49 -14.05
C GLY B 728 -29.63 19.61 -13.80
N THR B 729 -29.93 20.37 -14.84
CA THR B 729 -31.00 21.36 -14.82
C THR B 729 -31.03 22.38 -13.67
N GLN B 730 -31.33 21.90 -12.47
CA GLN B 730 -31.57 22.78 -11.32
C GLN B 730 -30.36 23.59 -10.95
N SER B 731 -30.59 24.88 -10.73
CA SER B 731 -29.56 25.77 -10.24
C SER B 731 -28.99 25.30 -8.92
N LEU B 732 -27.69 25.07 -8.91
CA LEU B 732 -26.95 24.91 -7.67
C LEU B 732 -26.11 26.16 -7.49
N PRO B 733 -26.18 26.76 -6.29
CA PRO B 733 -25.34 27.94 -6.02
C PRO B 733 -23.86 27.58 -6.11
N THR B 734 -23.21 28.00 -7.20
CA THR B 734 -21.84 27.60 -7.52
C THR B 734 -20.83 27.77 -6.37
N ASP B 735 -21.26 28.38 -5.28
CA ASP B 735 -20.44 28.48 -4.07
C ASP B 735 -20.54 27.23 -3.21
N VAL B 736 -21.62 26.47 -3.39
CA VAL B 736 -21.86 25.25 -2.62
C VAL B 736 -21.80 24.00 -3.51
N MET B 737 -21.69 24.23 -4.81
CA MET B 737 -21.67 23.19 -5.82
C MET B 737 -20.73 22.02 -5.50
N THR B 738 -19.53 22.35 -5.04
CA THR B 738 -18.51 21.35 -4.76
C THR B 738 -18.89 20.47 -3.59
N THR B 739 -19.28 21.12 -2.49
CA THR B 739 -19.77 20.42 -1.29
C THR B 739 -20.92 19.46 -1.62
N VAL B 740 -21.95 20.00 -2.26
CA VAL B 740 -23.12 19.23 -2.64
C VAL B 740 -22.75 18.03 -3.51
N PHE B 741 -21.97 18.28 -4.55
CA PHE B 741 -21.43 17.21 -5.39
C PHE B 741 -20.70 16.15 -4.57
N LYS B 742 -19.87 16.59 -3.64
CA LYS B 742 -19.03 15.69 -2.85
C LYS B 742 -19.86 14.77 -1.96
N VAL B 743 -20.80 15.35 -1.22
CA VAL B 743 -21.69 14.60 -0.36
C VAL B 743 -22.47 13.54 -1.12
N GLY B 744 -23.05 13.94 -2.24
CA GLY B 744 -23.83 13.04 -3.08
C GLY B 744 -23.06 11.85 -3.62
N ALA B 745 -21.76 12.01 -3.80
CA ALA B 745 -20.93 10.96 -4.38
C ALA B 745 -20.56 9.88 -3.36
N LYS B 746 -21.03 10.01 -2.12
CA LYS B 746 -20.73 9.03 -1.09
C LYS B 746 -21.75 7.91 -1.08
N THR B 747 -22.75 8.04 -1.94
CA THR B 747 -23.74 6.99 -2.14
C THR B 747 -23.52 6.48 -3.55
N ASP B 748 -23.60 5.16 -3.73
CA ASP B 748 -23.30 4.52 -5.01
C ASP B 748 -24.14 5.06 -6.17
N LYS B 749 -25.32 5.59 -5.86
CA LYS B 749 -26.20 6.14 -6.88
C LYS B 749 -25.71 7.52 -7.29
N GLY B 750 -25.57 8.41 -6.31
CA GLY B 750 -25.09 9.75 -6.55
C GLY B 750 -23.74 9.80 -7.26
N TRP B 751 -22.82 8.94 -6.85
CA TRP B 751 -21.54 8.78 -7.55
C TRP B 751 -21.75 8.38 -9.01
N SER B 752 -22.51 7.31 -9.21
CA SER B 752 -22.75 6.77 -10.54
C SER B 752 -23.49 7.77 -11.42
N PHE B 753 -24.28 8.65 -10.81
CA PHE B 753 -24.96 9.72 -11.56
C PHE B 753 -23.98 10.80 -12.00
N LEU B 754 -23.19 11.31 -11.05
CA LEU B 754 -22.25 12.41 -11.32
C LEU B 754 -21.26 12.08 -12.44
N LEU B 755 -21.04 10.80 -12.69
CA LEU B 755 -20.18 10.38 -13.78
C LEU B 755 -20.90 10.60 -15.11
N GLY B 756 -22.20 10.30 -15.10
CA GLY B 756 -23.08 10.64 -16.20
C GLY B 756 -22.95 12.10 -16.58
N LYS B 757 -23.06 12.97 -15.58
CA LYS B 757 -22.97 14.41 -15.79
C LYS B 757 -21.55 14.92 -16.06
N TYR B 758 -20.63 14.01 -16.35
CA TYR B 758 -19.27 14.44 -16.65
C TYR B 758 -18.96 14.30 -18.14
N ILE B 759 -19.13 13.08 -18.67
CA ILE B 759 -18.97 12.85 -20.10
C ILE B 759 -20.10 13.53 -20.89
N SER B 760 -21.03 14.18 -20.18
CA SER B 760 -22.17 14.84 -20.80
C SER B 760 -21.94 16.35 -20.89
N ILE B 761 -22.26 17.07 -19.82
CA ILE B 761 -22.25 18.53 -19.83
C ILE B 761 -20.90 19.13 -20.24
N GLY B 762 -20.91 20.40 -20.65
CA GLY B 762 -19.73 21.08 -21.17
C GLY B 762 -19.07 22.02 -20.18
N SER B 763 -19.83 22.46 -19.17
CA SER B 763 -19.32 23.40 -18.18
C SER B 763 -18.10 22.82 -17.47
N GLU B 764 -16.93 23.32 -17.83
CA GLU B 764 -15.68 22.67 -17.46
C GLU B 764 -15.30 22.96 -16.01
N ALA B 765 -15.71 24.12 -15.51
CA ALA B 765 -15.51 24.43 -14.11
C ALA B 765 -16.41 23.56 -13.26
N GLU B 766 -17.61 23.29 -13.78
CA GLU B 766 -18.55 22.39 -13.14
C GLU B 766 -18.10 20.95 -13.35
N LYS B 767 -17.57 20.65 -14.54
CA LYS B 767 -17.00 19.34 -14.82
C LYS B 767 -15.87 19.02 -13.86
N ASN B 768 -15.09 20.02 -13.51
CA ASN B 768 -13.95 19.83 -12.61
C ASN B 768 -14.39 19.81 -11.15
N LYS B 769 -15.53 20.42 -10.86
CA LYS B 769 -16.13 20.32 -9.54
C LYS B 769 -16.71 18.92 -9.39
N ILE B 770 -17.13 18.35 -10.50
CA ILE B 770 -17.68 16.99 -10.53
C ILE B 770 -16.58 15.95 -10.33
N LEU B 771 -15.43 16.18 -10.97
CA LEU B 771 -14.31 15.25 -10.90
C LEU B 771 -13.78 15.11 -9.49
N GLU B 772 -13.60 16.25 -8.81
CA GLU B 772 -13.17 16.27 -7.42
C GLU B 772 -14.09 15.43 -6.54
N ALA B 773 -15.39 15.64 -6.70
CA ALA B 773 -16.40 14.87 -5.99
C ALA B 773 -16.26 13.37 -6.29
N LEU B 774 -16.13 13.04 -7.56
CA LEU B 774 -15.94 11.66 -8.01
C LEU B 774 -14.76 10.99 -7.31
N ALA B 775 -13.69 11.76 -7.11
CA ALA B 775 -12.46 11.22 -6.54
C ALA B 775 -12.41 11.42 -5.02
N SER B 776 -13.54 11.78 -4.44
CA SER B 776 -13.65 11.89 -2.99
C SER B 776 -14.42 10.70 -2.43
N SER B 777 -14.81 9.81 -3.32
CA SER B 777 -15.49 8.57 -2.93
C SER B 777 -14.58 7.73 -2.05
N GLU B 778 -15.18 6.99 -1.12
CA GLU B 778 -14.40 6.14 -0.23
C GLU B 778 -14.29 4.74 -0.81
N ASP B 779 -15.07 4.46 -1.85
CA ASP B 779 -14.97 3.18 -2.53
C ASP B 779 -13.64 3.17 -3.30
N VAL B 780 -12.63 2.50 -2.74
CA VAL B 780 -11.28 2.46 -3.32
C VAL B 780 -11.27 2.04 -4.81
N ARG B 781 -12.11 1.07 -5.18
CA ARG B 781 -12.27 0.64 -6.57
C ARG B 781 -12.50 1.81 -7.51
N LYS B 782 -13.51 2.60 -7.17
CA LYS B 782 -13.86 3.80 -7.92
C LYS B 782 -12.69 4.76 -8.01
N LEU B 783 -11.90 4.83 -6.94
CA LEU B 783 -10.73 5.69 -6.91
C LEU B 783 -9.66 5.18 -7.86
N TYR B 784 -9.47 3.86 -7.89
CA TYR B 784 -8.44 3.26 -8.73
C TYR B 784 -8.86 3.33 -10.19
N TRP B 785 -10.15 3.07 -10.45
CA TRP B 785 -10.69 3.18 -11.81
C TRP B 785 -10.50 4.58 -12.37
N LEU B 786 -10.65 5.58 -11.52
CA LEU B 786 -10.41 6.97 -11.92
C LEU B 786 -8.99 7.18 -12.39
N MET B 787 -8.02 6.69 -11.61
CA MET B 787 -6.62 6.90 -11.91
C MET B 787 -6.22 6.12 -13.17
N LYS B 788 -6.63 4.86 -13.27
CA LYS B 788 -6.30 4.04 -14.43
C LYS B 788 -6.92 4.59 -15.71
N SER B 789 -8.17 5.05 -15.62
CA SER B 789 -8.87 5.60 -16.77
C SER B 789 -8.20 6.87 -17.27
N SER B 790 -8.08 7.86 -16.38
CA SER B 790 -7.41 9.11 -16.69
C SER B 790 -6.03 8.90 -17.29
N LEU B 791 -5.36 7.83 -16.88
CA LEU B 791 -4.05 7.49 -17.43
C LEU B 791 -4.11 7.18 -18.92
N ASN B 792 -4.94 6.23 -19.30
CA ASN B 792 -5.07 5.87 -20.71
C ASN B 792 -5.94 6.88 -21.45
N GLY B 793 -6.45 7.87 -20.72
CA GLY B 793 -7.30 8.89 -21.30
C GLY B 793 -8.56 8.26 -21.84
N ASP B 794 -9.22 7.48 -21.00
CA ASP B 794 -10.40 6.73 -21.44
C ASP B 794 -11.68 7.52 -21.27
N ASN B 795 -11.91 8.05 -20.07
CA ASN B 795 -13.08 8.88 -19.83
C ASN B 795 -12.69 10.24 -19.27
N PHE B 796 -11.40 10.40 -19.02
CA PHE B 796 -10.85 11.64 -18.49
C PHE B 796 -9.53 11.93 -19.19
N ARG B 797 -9.29 13.19 -19.53
CA ARG B 797 -8.05 13.56 -20.20
C ARG B 797 -6.86 13.33 -19.27
N THR B 798 -5.73 12.94 -19.85
CA THR B 798 -4.56 12.55 -19.06
C THR B 798 -3.96 13.77 -18.36
N GLN B 799 -4.35 14.96 -18.82
CA GLN B 799 -3.94 16.20 -18.19
C GLN B 799 -4.59 16.35 -16.81
N LYS B 800 -5.75 15.70 -16.64
CA LYS B 800 -6.49 15.75 -15.39
C LYS B 800 -5.95 14.77 -14.35
N LEU B 801 -5.07 13.86 -14.79
CA LEU B 801 -4.57 12.79 -13.94
C LEU B 801 -3.85 13.30 -12.70
N SER B 802 -3.07 14.37 -12.85
CA SER B 802 -2.37 14.97 -11.72
C SER B 802 -3.36 15.36 -10.63
N PHE B 803 -4.45 16.02 -11.04
CA PHE B 803 -5.49 16.44 -10.11
C PHE B 803 -6.20 15.25 -9.44
N ILE B 804 -6.34 14.15 -10.16
CA ILE B 804 -7.02 12.98 -9.63
C ILE B 804 -6.18 12.29 -8.56
N ILE B 805 -4.93 11.96 -8.92
CA ILE B 805 -3.98 11.36 -7.98
C ILE B 805 -3.87 12.21 -6.71
N ARG B 806 -3.92 13.53 -6.88
CA ARG B 806 -3.82 14.47 -5.77
C ARG B 806 -4.96 14.32 -4.77
N THR B 807 -6.20 14.38 -5.25
CA THR B 807 -7.36 14.33 -4.38
C THR B 807 -7.58 12.93 -3.80
N VAL B 808 -7.32 11.92 -4.61
CA VAL B 808 -7.52 10.53 -4.19
C VAL B 808 -6.60 10.13 -3.04
N GLY B 809 -5.37 10.63 -3.08
CA GLY B 809 -4.38 10.26 -2.07
C GLY B 809 -4.40 11.06 -0.78
N ARG B 810 -5.34 11.98 -0.66
CA ARG B 810 -5.42 12.80 0.55
C ARG B 810 -6.35 12.18 1.59
N HIS B 811 -7.29 11.36 1.15
CA HIS B 811 -8.25 10.75 2.06
C HIS B 811 -7.81 9.33 2.38
N PHE B 812 -8.11 8.89 3.59
CA PHE B 812 -7.64 7.60 4.11
C PHE B 812 -7.78 6.42 3.14
N PRO B 813 -8.99 6.20 2.57
CA PRO B 813 -9.12 5.01 1.72
C PRO B 813 -8.22 5.02 0.48
N GLY B 814 -8.04 6.20 -0.11
CA GLY B 814 -7.23 6.33 -1.31
C GLY B 814 -5.75 6.52 -1.08
N HIS B 815 -5.38 6.95 0.12
CA HIS B 815 -4.02 7.36 0.46
C HIS B 815 -2.93 6.42 -0.02
N LEU B 816 -2.97 5.17 0.43
CA LEU B 816 -1.97 4.18 0.04
C LEU B 816 -2.13 3.78 -1.42
N LEU B 817 -3.35 3.90 -1.92
CA LEU B 817 -3.68 3.46 -3.27
C LEU B 817 -3.09 4.40 -4.33
N ALA B 818 -3.01 5.68 -3.99
CA ALA B 818 -2.45 6.68 -4.90
C ALA B 818 -0.95 6.48 -5.13
N TRP B 819 -0.19 6.46 -4.03
CA TRP B 819 1.25 6.24 -4.07
C TRP B 819 1.57 4.92 -4.77
N ASP B 820 0.70 3.94 -4.59
CA ASP B 820 0.85 2.65 -5.27
C ASP B 820 0.69 2.83 -6.78
N PHE B 821 -0.30 3.61 -7.19
CA PHE B 821 -0.54 3.90 -8.60
C PHE B 821 0.66 4.60 -9.21
N VAL B 822 1.27 5.50 -8.44
CA VAL B 822 2.41 6.28 -8.91
C VAL B 822 3.62 5.37 -9.13
N LYS B 823 3.92 4.54 -8.14
CA LYS B 823 5.01 3.58 -8.24
C LYS B 823 4.77 2.54 -9.34
N GLU B 824 3.60 1.91 -9.30
CA GLU B 824 3.30 0.80 -10.21
C GLU B 824 3.12 1.23 -11.66
N ASN B 825 3.13 2.53 -11.90
CA ASN B 825 2.97 3.06 -13.25
C ASN B 825 3.99 4.16 -13.55
N TRP B 826 5.07 4.20 -12.76
CA TRP B 826 6.08 5.25 -12.90
C TRP B 826 6.62 5.37 -14.32
N ASN B 827 6.91 4.22 -14.93
CA ASN B 827 7.40 4.18 -16.30
C ASN B 827 6.40 4.81 -17.28
N LYS B 828 5.15 4.36 -17.21
CA LYS B 828 4.12 4.85 -18.12
C LYS B 828 3.76 6.31 -17.81
N LEU B 829 4.04 6.74 -16.60
CA LEU B 829 3.83 8.14 -16.21
C LEU B 829 4.87 9.07 -16.83
N VAL B 830 6.10 8.56 -16.96
CA VAL B 830 7.22 9.36 -17.41
C VAL B 830 7.20 9.50 -18.93
N GLN B 831 6.55 8.54 -19.58
CA GLN B 831 6.28 8.67 -21.01
C GLN B 831 5.37 9.86 -21.24
N LYS B 832 4.28 9.92 -20.48
CA LYS B 832 3.25 10.93 -20.68
C LYS B 832 3.69 12.30 -20.19
N PHE B 833 4.65 12.32 -19.27
CA PHE B 833 5.15 13.58 -18.75
C PHE B 833 6.68 13.60 -18.66
N PRO B 834 7.31 14.62 -19.27
CA PRO B 834 8.74 14.88 -19.16
C PRO B 834 9.21 14.94 -17.71
N LEU B 835 10.20 14.14 -17.34
CA LEU B 835 10.73 14.19 -15.98
C LEU B 835 11.10 15.63 -15.63
N GLY B 836 10.65 16.08 -14.46
CA GLY B 836 10.82 17.47 -14.08
C GLY B 836 9.84 18.40 -14.75
N SER B 837 8.65 17.90 -15.07
CA SER B 837 7.54 18.76 -15.51
C SER B 837 6.65 19.09 -14.32
N TYR B 838 5.90 20.18 -14.44
CA TYR B 838 5.05 20.65 -13.35
C TYR B 838 4.08 19.57 -12.87
N THR B 839 3.68 18.70 -13.80
CA THR B 839 2.77 17.61 -13.48
C THR B 839 3.46 16.49 -12.72
N ILE B 840 4.61 16.05 -13.23
CA ILE B 840 5.37 14.96 -12.62
C ILE B 840 5.93 15.36 -11.25
N GLN B 841 6.03 16.67 -11.01
CA GLN B 841 6.44 17.16 -9.70
C GLN B 841 5.25 17.06 -8.76
N ASN B 842 4.14 17.65 -9.18
CA ASN B 842 2.90 17.66 -8.41
C ASN B 842 2.44 16.25 -8.03
N ILE B 843 2.62 15.28 -8.92
CA ILE B 843 2.28 13.89 -8.63
C ILE B 843 3.08 13.31 -7.47
N VAL B 844 4.41 13.35 -7.59
CA VAL B 844 5.28 12.81 -6.55
C VAL B 844 5.04 13.55 -5.25
N ALA B 845 5.03 14.87 -5.33
CA ALA B 845 4.74 15.73 -4.18
C ALA B 845 3.32 15.50 -3.67
N GLY B 846 2.37 15.30 -4.58
CA GLY B 846 0.98 15.12 -4.19
C GLY B 846 0.62 13.81 -3.51
N SER B 847 1.40 12.75 -3.75
CA SER B 847 1.06 11.44 -3.21
C SER B 847 2.07 11.05 -2.13
N THR B 848 3.00 11.96 -1.85
CA THR B 848 4.03 11.78 -0.84
C THR B 848 4.16 13.08 -0.06
N TYR B 849 4.05 12.92 1.25
CA TYR B 849 3.79 13.90 2.31
C TYR B 849 2.55 13.27 2.89
N LEU B 850 2.10 13.73 4.05
CA LEU B 850 1.03 13.06 4.80
C LEU B 850 1.57 11.71 5.31
N PHE B 851 2.68 11.26 4.72
CA PHE B 851 3.51 10.20 5.25
C PHE B 851 4.33 10.76 6.39
N SER B 852 4.42 10.02 7.47
CA SER B 852 5.07 10.51 8.67
C SER B 852 5.75 9.40 9.45
N THR B 853 6.33 8.44 8.74
CA THR B 853 7.01 7.35 9.42
C THR B 853 8.39 7.10 8.81
N LYS B 854 9.34 6.76 9.67
CA LYS B 854 10.68 6.33 9.27
C LYS B 854 10.61 5.21 8.24
N THR B 855 9.72 4.25 8.48
CA THR B 855 9.53 3.11 7.61
C THR B 855 9.08 3.54 6.23
N HIS B 856 8.11 4.43 6.20
CA HIS B 856 7.57 5.00 4.96
C HIS B 856 8.62 5.84 4.24
N LEU B 857 9.37 6.61 5.01
CA LEU B 857 10.50 7.36 4.49
C LEU B 857 11.43 6.48 3.67
N SER B 858 11.72 5.31 4.22
CA SER B 858 12.62 4.35 3.58
C SER B 858 12.00 3.74 2.32
N GLU B 859 10.71 3.47 2.36
CA GLU B 859 10.01 2.86 1.22
C GLU B 859 10.08 3.75 -0.02
N VAL B 860 9.87 5.04 0.18
CA VAL B 860 9.90 6.00 -0.93
C VAL B 860 11.30 6.12 -1.51
N GLN B 861 12.24 6.46 -0.64
CA GLN B 861 13.67 6.51 -0.99
C GLN B 861 14.13 5.28 -1.78
N ALA B 862 13.83 4.10 -1.25
CA ALA B 862 14.23 2.85 -1.89
C ALA B 862 13.63 2.69 -3.29
N PHE B 863 12.43 3.19 -3.49
CA PHE B 863 11.78 3.09 -4.81
C PHE B 863 12.45 4.00 -5.84
N PHE B 864 12.79 5.22 -5.43
CA PHE B 864 13.38 6.20 -6.33
C PHE B 864 14.86 5.93 -6.58
N GLU B 865 15.57 5.51 -5.54
CA GLU B 865 16.93 4.99 -5.70
C GLU B 865 16.99 3.93 -6.80
N ASN B 866 16.10 2.96 -6.74
CA ASN B 866 16.06 1.88 -7.74
C ASN B 866 15.66 2.35 -9.15
N GLN B 867 15.42 3.64 -9.30
CA GLN B 867 15.20 4.22 -10.63
C GLN B 867 16.55 4.61 -11.24
N SER B 868 16.88 5.89 -11.15
CA SER B 868 18.20 6.37 -11.54
C SER B 868 18.80 7.14 -10.38
N GLU B 869 20.08 7.48 -10.48
CA GLU B 869 20.67 8.37 -9.49
C GLU B 869 20.33 9.81 -9.87
N ALA B 870 20.03 10.00 -11.14
CA ALA B 870 19.59 11.29 -11.67
C ALA B 870 18.12 11.53 -11.34
N THR B 871 17.46 10.49 -10.83
CA THR B 871 16.08 10.58 -10.38
C THR B 871 16.01 10.79 -8.88
N PHE B 872 16.91 10.14 -8.15
CA PHE B 872 16.90 10.24 -6.69
C PHE B 872 17.25 11.64 -6.22
N ARG B 873 18.10 12.34 -6.97
CA ARG B 873 18.43 13.72 -6.67
C ARG B 873 17.82 14.68 -7.71
N LEU B 874 16.49 14.70 -7.77
CA LEU B 874 15.75 15.54 -8.70
C LEU B 874 15.10 16.79 -8.06
N ARG B 875 15.65 17.24 -6.93
CA ARG B 875 15.01 18.27 -6.10
C ARG B 875 13.59 17.92 -5.70
N CYS B 876 12.70 17.63 -6.66
CA CYS B 876 11.32 17.27 -6.35
C CYS B 876 11.30 16.00 -5.51
N VAL B 877 12.17 15.06 -5.87
CA VAL B 877 12.27 13.80 -5.14
C VAL B 877 12.97 14.02 -3.80
N GLN B 878 13.98 14.89 -3.81
CA GLN B 878 14.69 15.24 -2.58
C GLN B 878 13.86 16.12 -1.66
N GLU B 879 13.09 17.03 -2.25
CA GLU B 879 12.20 17.90 -1.48
C GLU B 879 11.14 17.06 -0.80
N ALA B 880 10.54 16.16 -1.58
CA ALA B 880 9.56 15.20 -1.07
C ALA B 880 10.10 14.42 0.12
N LEU B 881 11.30 13.87 -0.05
CA LEU B 881 11.96 13.11 1.01
C LEU B 881 12.16 13.94 2.27
N GLU B 882 12.43 15.23 2.11
CA GLU B 882 12.63 16.12 3.24
C GLU B 882 11.30 16.38 3.96
N VAL B 883 10.21 16.39 3.18
CA VAL B 883 8.89 16.65 3.72
C VAL B 883 8.46 15.53 4.66
N ILE B 884 8.69 14.28 4.26
CA ILE B 884 8.35 13.13 5.09
C ILE B 884 9.16 13.15 6.37
N GLN B 885 10.45 13.42 6.24
CA GLN B 885 11.34 13.62 7.38
C GLN B 885 10.79 14.66 8.33
N LEU B 886 10.38 15.80 7.77
CA LEU B 886 9.86 16.90 8.55
C LEU B 886 8.53 16.52 9.22
N ASN B 887 7.76 15.67 8.55
CA ASN B 887 6.53 15.14 9.11
C ASN B 887 6.81 14.29 10.36
N ILE B 888 7.76 13.38 10.23
CA ILE B 888 8.26 12.59 11.35
C ILE B 888 8.67 13.49 12.51
N GLN B 889 9.45 14.53 12.19
CA GLN B 889 9.90 15.48 13.19
C GLN B 889 8.72 16.13 13.89
N TRP B 890 7.67 16.40 13.12
CA TRP B 890 6.48 17.03 13.67
C TRP B 890 5.81 16.10 14.69
N MET B 891 5.66 14.81 14.40
CA MET B 891 4.99 13.89 15.32
C MET B 891 5.74 13.72 16.63
N GLU B 892 7.04 13.44 16.59
CA GLU B 892 7.79 13.30 17.84
C GLU B 892 7.67 14.54 18.72
N LYS B 893 7.49 15.70 18.08
CA LYS B 893 7.45 16.97 18.81
C LYS B 893 6.05 17.33 19.33
N ASN B 894 4.99 16.79 18.72
CA ASN B 894 3.64 17.25 19.03
C ASN B 894 2.57 16.17 19.25
N LEU B 895 2.81 14.96 18.76
CA LEU B 895 1.82 13.89 18.82
C LEU B 895 1.47 13.52 20.26
N LYS B 896 2.51 13.36 21.07
CA LYS B 896 2.37 13.01 22.48
C LYS B 896 1.60 14.09 23.25
N SER B 897 1.89 15.35 22.95
CA SER B 897 1.22 16.49 23.57
C SER B 897 -0.29 16.45 23.42
N LEU B 898 -0.76 16.12 22.22
CA LEU B 898 -2.18 16.14 21.90
C LEU B 898 -2.98 15.16 22.74
N THR B 899 -2.37 14.02 23.06
CA THR B 899 -3.08 12.93 23.73
C THR B 899 -3.69 13.33 25.07
N TRP B 900 -3.05 14.25 25.80
CA TRP B 900 -3.57 14.61 27.12
C TRP B 900 -4.57 15.78 27.10
N TRP B 901 -5.16 16.09 25.95
CA TRP B 901 -6.27 17.04 25.92
C TRP B 901 -7.30 16.79 24.80
N LEU B 902 -7.43 17.72 23.86
CA LEU B 902 -8.39 17.57 22.76
C LEU B 902 -9.79 17.33 23.29
C6 2X0 C 1 2.65 -31.17 19.91
C8 2X0 C 1 3.11 -29.72 19.95
C3 2X0 C 1 1.42 -32.63 18.50
P11 2X0 C 1 -0.08 -32.89 17.57
O12 2X0 C 1 -0.78 -34.05 18.09
O13 2X0 C 1 0.24 -33.09 16.16
N10 2X0 C 1 2.45 -33.03 17.86
C1 2X0 C 1 1.54 -31.32 18.85
C17 2X0 C 1 2.37 -28.65 20.43
C18 2X0 C 1 2.94 -27.37 20.39
C19 2X0 C 1 4.18 -27.11 19.90
C20 2X0 C 1 4.94 -28.17 19.41
C21 2X0 C 1 4.38 -29.46 19.44
CB 4L8 C 2 -3.39 -31.02 17.05
C1 4L8 C 2 -1.01 -31.59 17.73
C 4L8 C 2 -1.54 -30.56 15.43
O 4L8 C 2 -1.26 -30.98 14.33
CA 4L8 C 2 -2.01 -31.51 16.53
CG 4L8 C 2 -4.60 -31.91 16.66
CD1 4L8 C 2 -4.53 -33.29 17.32
CD2 4L8 C 2 -4.68 -32.07 15.14
N LYS C 3 -1.47 -29.20 15.73
CA LYS C 3 -1.10 -28.20 14.75
C LYS C 3 -2.30 -27.84 13.87
N HIS C 4 -3.36 -27.39 14.51
CA HIS C 4 -4.55 -26.90 13.83
C HIS C 4 -4.80 -25.44 14.15
N HIS C 5 -5.32 -24.71 13.16
CA HIS C 5 -5.71 -23.32 13.32
C HIS C 5 -6.66 -23.00 12.18
N ALA C 6 -6.07 -22.61 11.06
CA ALA C 6 -6.77 -22.54 9.79
C ALA C 6 -5.93 -23.27 8.75
N PHE C 7 -6.17 -22.96 7.47
CA PHE C 7 -5.30 -23.40 6.38
C PHE C 7 -5.28 -24.90 6.09
N SER C 8 -4.92 -25.70 7.11
CA SER C 8 -4.36 -27.03 6.91
C SER C 8 -3.04 -26.83 6.15
N PHE C 9 -3.09 -27.05 4.84
CA PHE C 9 -2.09 -26.61 3.87
C PHE C 9 -0.65 -26.42 4.36
N LYS C 10 -0.44 -25.36 5.13
CA LYS C 10 0.91 -24.90 5.46
C LYS C 10 1.28 -25.21 6.90
C6 2X0 D 1 5.48 30.82 -20.50
C8 2X0 D 1 6.10 29.43 -20.44
C3 2X0 D 1 4.79 32.39 -18.89
P11 2X0 D 1 3.43 32.94 -17.88
O12 2X0 D 1 3.01 34.27 -18.33
O13 2X0 D 1 3.85 33.01 -16.49
N10 2X0 D 1 5.92 32.58 -18.30
C1 2X0 D 1 4.64 31.09 -19.25
C17 2X0 D 1 5.62 28.27 -21.05
C18 2X0 D 1 6.32 27.08 -20.89
C19 2X0 D 1 7.47 26.96 -20.16
C20 2X0 D 1 7.96 28.10 -19.54
C21 2X0 D 1 7.27 29.30 -19.69
CB 4L8 D 2 -0.16 31.79 -17.11
C1 4L8 D 2 2.22 31.92 -18.04
C 4L8 D 2 1.73 30.83 -15.75
O 4L8 D 2 2.04 31.09 -14.61
CA 4L8 D 2 1.35 31.93 -16.73
CG 4L8 D 2 -1.10 32.83 -16.48
CD1 4L8 D 2 -0.73 34.26 -16.84
CD2 4L8 D 2 -1.17 32.67 -14.95
N LYS D 3 1.72 29.50 -16.22
CA LYS D 3 2.05 28.38 -15.35
C LYS D 3 0.94 28.15 -14.31
N HIS D 4 0.02 27.23 -14.61
CA HIS D 4 -1.08 26.92 -13.69
C HIS D 4 -1.56 25.47 -13.81
N HIS D 5 -1.92 24.89 -12.67
CA HIS D 5 -2.42 23.52 -12.64
C HIS D 5 -3.95 23.48 -12.68
C1 NAG E . -1.09 -22.68 47.81
C2 NAG E . -2.07 -23.72 48.32
C3 NAG E . -3.26 -23.03 48.94
C4 NAG E . -2.78 -22.06 50.04
C5 NAG E . -1.61 -21.19 49.57
C6 NAG E . -0.94 -20.47 50.72
C7 NAG E . -2.20 -25.91 47.22
C8 NAG E . -2.71 -26.68 46.04
N2 NAG E . -2.49 -24.60 47.24
O3 NAG E . -4.15 -23.99 49.49
O4 NAG E . -3.86 -21.22 50.42
O5 NAG E . -0.59 -21.95 48.91
O6 NAG E . -0.23 -21.38 51.55
O7 NAG E . -1.56 -26.44 48.12
C1 NAG E . -5.29 -21.20 50.69
C2 NAG E . -5.70 -20.19 51.76
C3 NAG E . -6.98 -20.66 52.45
C4 NAG E . -8.06 -20.96 51.43
C5 NAG E . -7.54 -21.93 50.37
C6 NAG E . -8.52 -22.18 49.26
C7 NAG E . -4.07 -18.80 52.94
C8 NAG E . -2.98 -18.78 53.98
N2 NAG E . -4.64 -19.99 52.72
O3 NAG E . -7.43 -19.64 53.35
O4 NAG E . -9.19 -21.54 52.06
O5 NAG E . -6.35 -21.40 49.77
O6 NAG E . -8.54 -23.55 48.88
O7 NAG E . -4.41 -17.79 52.33
C1 NAG F . 11.28 -17.87 38.45
C2 NAG F . 10.86 -16.49 38.92
C3 NAG F . 12.07 -15.63 39.20
C4 NAG F . 13.02 -16.35 40.17
C5 NAG F . 13.32 -17.76 39.66
C6 NAG F . 14.16 -18.57 40.62
C7 NAG F . 9.25 -14.79 38.15
C8 NAG F . 8.45 -14.27 36.97
N2 NAG F . 10.01 -15.85 37.89
O3 NAG F . 11.67 -14.38 39.76
O4 NAG F . 14.23 -15.62 40.28
O5 NAG F . 12.09 -18.47 39.46
O6 NAG F . 14.73 -19.71 39.98
O7 NAG F . 9.20 -14.26 39.25
C1 NAG F . 14.81 -14.37 40.69
C2 NAG F . 16.03 -14.91 41.42
C3 NAG F . 17.22 -13.96 41.26
C4 NAG F . 17.46 -13.66 39.79
C5 NAG F . 16.18 -13.16 39.14
C6 NAG F . 16.32 -12.93 37.66
C7 NAG F . 15.84 -16.32 43.43
C8 NAG F . 15.50 -16.34 44.89
N2 NAG F . 15.74 -15.12 42.83
O3 NAG F . 18.39 -14.56 41.83
O4 NAG F . 18.48 -12.66 39.65
O5 NAG F . 15.15 -14.13 39.31
O6 NAG F . 15.27 -12.08 37.17
O7 NAG F . 16.20 -17.32 42.82
C1 NAG G . 12.28 -56.66 14.18
C2 NAG G . 12.41 -57.80 13.14
C3 NAG G . 13.85 -57.89 12.59
C4 NAG G . 14.33 -56.54 12.11
C5 NAG G . 14.22 -55.56 13.27
C6 NAG G . 14.70 -54.17 12.94
C7 NAG G . 10.86 -59.68 13.46
C8 NAG G . 10.63 -60.99 14.16
N2 NAG G . 12.02 -59.08 13.72
O3 NAG G . 13.88 -58.83 11.52
O4 NAG G . 15.67 -56.62 11.65
O5 NAG G . 12.86 -55.46 13.65
O6 NAG G . 15.00 -53.44 14.11
O7 NAG G . 10.03 -59.20 12.71
C1 NAG G . 16.40 -56.25 10.44
C2 NAG G . 17.76 -55.58 10.56
C3 NAG G . 18.24 -55.14 9.18
C4 NAG G . 18.27 -56.33 8.23
C5 NAG G . 16.89 -56.96 8.18
C6 NAG G . 16.84 -58.21 7.33
C7 NAG G . 18.26 -54.49 12.69
C8 NAG G . 18.13 -53.22 13.49
N2 NAG G . 17.72 -54.45 11.47
O3 NAG G . 19.55 -54.56 9.30
O4 NAG G . 18.67 -55.92 6.92
O5 NAG G . 16.48 -57.35 9.50
O6 NAG G . 15.72 -59.02 7.65
O7 NAG G . 18.81 -55.48 13.13
C1 MAN G . 19.76 -56.16 6.05
C2 MAN G . 21.00 -55.59 6.77
C3 MAN G . 21.55 -54.37 6.01
C4 MAN G . 21.72 -54.70 4.53
C5 MAN G . 20.40 -55.15 3.94
C6 MAN G . 20.48 -55.51 2.47
O2 MAN G . 22.07 -56.53 6.81
O3 MAN G . 22.75 -53.87 6.57
O4 MAN G . 22.18 -53.55 3.82
O5 MAN G . 19.96 -56.34 4.66
O6 MAN G . 21.13 -56.77 2.36
C1 NAG H . 4.29 -67.62 1.15
C2 NAG H . 3.58 -68.96 1.31
C3 NAG H . 4.57 -70.11 1.46
C4 NAG H . 5.56 -70.09 0.31
C5 NAG H . 6.21 -68.71 0.20
C6 NAG H . 7.14 -68.59 -0.99
C7 NAG H . 1.39 -68.57 2.38
C8 NAG H . 0.62 -68.58 3.67
N2 NAG H . 2.67 -68.92 2.47
O3 NAG H . 3.87 -71.34 1.48
O4 NAG H . 6.58 -71.06 0.53
O5 NAG H . 5.19 -67.73 0.03
O6 NAG H . 8.17 -69.56 -0.95
O7 NAG H . 0.87 -68.28 1.31
C1 NAG H . 7.49 -72.14 0.86
C2 NAG H . 7.21 -73.48 1.55
C3 NAG H . 8.49 -74.33 1.60
C4 NAG H . 9.07 -74.46 0.20
C5 NAG H . 9.29 -73.08 -0.43
C6 NAG H . 9.78 -73.15 -1.85
C7 NAG H . 5.44 -73.59 3.26
C8 NAG H . 5.08 -73.32 4.69
N2 NAG H . 6.69 -73.27 2.90
O3 NAG H . 8.18 -75.61 2.13
O4 NAG H . 10.33 -75.13 0.27
O5 NAG H . 8.04 -72.38 -0.44
O6 NAG H . 9.81 -71.87 -2.45
O7 NAG H . 4.64 -74.08 2.46
C1 NAG I . 20.81 48.85 -41.68
C2 NAG I . 21.23 50.11 -42.45
C3 NAG I . 20.44 51.33 -41.96
C4 NAG I . 18.95 51.05 -41.97
C5 NAG I . 18.67 49.81 -41.15
C6 NAG I . 17.21 49.42 -41.11
C7 NAG I . 23.53 50.07 -43.28
C8 NAG I . 24.96 50.34 -42.97
N2 NAG I . 22.65 50.34 -42.31
O3 NAG I . 20.73 52.43 -42.82
O4 NAG I . 18.23 52.16 -41.45
O5 NAG I . 19.38 48.71 -41.72
O6 NAG I . 16.58 49.84 -39.92
O7 NAG I . 23.18 49.62 -44.37
C1 NAG I . 17.07 53.01 -41.34
C2 NAG I . 16.43 53.89 -40.27
C3 NAG I . 15.37 54.81 -40.89
C4 NAG I . 15.98 55.57 -42.06
C5 NAG I . 16.61 54.60 -43.04
C6 NAG I . 17.30 55.27 -44.20
C7 NAG I . 16.41 52.89 -38.01
C8 NAG I . 15.66 52.01 -37.06
N2 NAG I . 15.83 53.06 -39.21
O3 NAG I . 14.90 55.72 -39.90
O4 NAG I . 14.97 56.34 -42.73
O5 NAG I . 17.61 53.82 -42.36
O6 NAG I . 18.46 55.96 -43.79
O7 NAG I . 17.46 53.43 -37.71
C1 NAG J . -29.48 24.94 11.39
C2 NAG J . -30.10 25.03 12.81
C3 NAG J . -30.97 26.28 12.96
C4 NAG J . -30.20 27.52 12.54
C5 NAG J . -29.73 27.34 11.10
C6 NAG J . -28.93 28.50 10.58
C7 NAG J . -30.36 22.67 13.45
C8 NAG J . -31.34 21.55 13.70
N2 NAG J . -30.90 23.84 13.09
O3 NAG J . -31.39 26.40 14.31
O4 NAG J . -31.02 28.68 12.63
O5 NAG J . -28.87 26.19 11.06
O6 NAG J . -28.56 28.31 9.23
O7 NAG J . -29.15 22.51 13.56
C1 NAG J . -31.02 29.93 13.40
C2 NAG J . -31.95 30.70 12.45
C3 NAG J . -32.66 31.82 13.21
C4 NAG J . -33.36 31.27 14.45
C5 NAG J . -32.37 30.49 15.30
C6 NAG J . -33.00 29.84 16.50
C7 NAG J . -31.29 30.75 10.09
C8 NAG J . -30.45 31.44 9.05
N2 NAG J . -31.21 31.25 11.32
O3 NAG J . -33.61 32.44 12.35
O4 NAG J . -33.91 32.33 15.21
O5 NAG J . -31.77 29.45 14.51
O6 NAG J . -32.06 29.04 17.22
O7 NAG J . -31.99 29.78 9.81
ZN ZN K . -0.15 -35.51 16.05
C1 NAG L . 16.32 -21.90 46.61
C2 NAG L . 17.11 -20.60 46.90
C3 NAG L . 17.18 -20.34 48.41
C4 NAG L . 15.81 -20.40 49.04
C5 NAG L . 15.16 -21.72 48.71
C6 NAG L . 13.75 -21.86 49.26
C7 NAG L . 18.88 -19.86 45.38
C8 NAG L . 20.29 -20.08 44.91
N2 NAG L . 18.44 -20.68 46.33
O3 NAG L . 17.77 -19.05 48.63
O4 NAG L . 15.91 -20.25 50.45
O5 NAG L . 15.06 -21.86 47.29
O6 NAG L . 13.58 -21.08 50.44
O7 NAG L . 18.18 -18.97 44.91
C1 NAG M . 19.02 -54.09 39.19
C2 NAG M . 17.97 -54.52 38.16
C3 NAG M . 17.89 -56.04 38.07
C4 NAG M . 19.27 -56.64 37.82
C5 NAG M . 20.25 -56.13 38.89
C6 NAG M . 21.67 -56.59 38.65
C7 NAG M . 15.64 -53.91 37.63
C8 NAG M . 14.38 -53.29 38.16
N2 NAG M . 16.66 -53.95 38.49
O3 NAG M . 17.02 -56.43 37.01
O4 NAG M . 19.20 -58.05 37.89
O5 NAG M . 20.28 -54.70 38.87
O6 NAG M . 22.60 -55.62 39.10
O7 NAG M . 15.72 -54.35 36.48
C1 NAG N . -17.11 -40.90 36.80
C2 NAG N . -16.41 -41.18 38.14
C3 NAG N . -16.98 -42.44 38.77
C4 NAG N . -18.49 -42.31 38.91
C5 NAG N . -19.13 -41.96 37.57
C6 NAG N . -20.61 -41.70 37.67
C7 NAG N . -14.10 -40.44 38.48
C8 NAG N . -12.65 -40.72 38.22
N2 NAG N . -14.96 -41.31 37.96
O3 NAG N . -16.38 -42.65 40.05
O4 NAG N . -19.04 -43.54 39.38
O5 NAG N . -18.53 -40.76 37.03
O6 NAG N . -21.25 -42.69 38.47
O7 NAG N . -14.45 -39.46 39.14
C1 NAG O . 6.13 -54.52 -23.47
C2 NAG O . 7.20 -55.14 -22.57
C3 NAG O . 8.48 -55.39 -23.36
C4 NAG O . 8.20 -56.16 -24.64
C5 NAG O . 7.11 -55.47 -25.43
C6 NAG O . 6.69 -56.22 -26.68
C7 NAG O . 6.66 -54.16 -20.38
C8 NAG O . 7.10 -53.22 -19.29
N2 NAG O . 7.47 -54.28 -21.43
O3 NAG O . 9.40 -56.12 -22.55
O4 NAG O . 9.39 -56.27 -25.42
O5 NAG O . 5.94 -55.33 -24.62
O6 NAG O . 6.05 -55.37 -27.62
O7 NAG O . 5.59 -54.77 -20.30
C1 NAG P . -24.44 -37.46 -10.50
C2 NAG P . -25.54 -38.26 -9.79
C3 NAG P . -25.42 -39.73 -10.05
C4 NAG P . -25.43 -40.01 -11.56
C5 NAG P . -24.35 -39.18 -12.26
C6 NAG P . -24.44 -39.30 -13.77
C7 NAG P . -26.18 -37.01 -7.74
C8 NAG P . -26.03 -36.94 -6.24
N2 NAG P . -25.50 -38.00 -8.33
O3 NAG P . -26.51 -40.41 -9.45
O4 NAG P . -25.24 -41.39 -11.81
O5 NAG P . -24.51 -37.80 -11.94
O6 NAG P . -23.49 -38.49 -14.44
O7 NAG P . -26.87 -36.21 -8.37
C1 NAG Q . -30.73 -8.80 22.50
C2 NAG Q . -31.38 -8.16 23.72
C3 NAG Q . -30.32 -7.77 24.74
C4 NAG Q . -29.46 -8.97 25.08
C5 NAG Q . -28.89 -9.60 23.81
C6 NAG Q . -28.13 -10.88 24.07
C7 NAG Q . -33.47 -7.09 23.00
C8 NAG Q . -34.15 -5.80 22.63
N2 NAG Q . -32.18 -7.00 23.33
O3 NAG Q . -30.95 -7.27 25.92
O4 NAG Q . -28.38 -8.57 25.93
O5 NAG Q . -29.96 -9.93 22.91
O6 NAG Q . -27.14 -10.71 25.08
O7 NAG Q . -34.06 -8.16 22.98
C1 NAG R . -33.68 -16.07 -7.67
C2 NAG R . -35.19 -16.00 -7.92
C3 NAG R . -35.95 -17.06 -7.14
C4 NAG R . -35.37 -18.44 -7.44
C5 NAG R . -33.88 -18.43 -7.12
C6 NAG R . -33.22 -19.75 -7.45
C7 NAG R . -36.25 -13.83 -8.45
C8 NAG R . -36.73 -12.52 -7.89
N2 NAG R . -35.70 -14.66 -7.56
O3 NAG R . -37.32 -17.03 -7.53
O4 NAG R . -36.04 -19.42 -6.67
O5 NAG R . -33.23 -17.43 -7.92
O6 NAG R . -34.13 -20.64 -8.10
O7 NAG R . -36.36 -14.12 -9.63
ZN ZN S . 3.91 35.73 -16.56
C1 NAG T . -3.57 20.87 -47.01
C2 NAG T . -4.29 22.16 -47.35
C3 NAG T . -5.59 21.86 -48.05
C4 NAG T . -5.33 21.00 -49.29
C5 NAG T . -4.48 19.77 -48.93
C6 NAG T . -4.04 19.00 -50.15
C7 NAG T . -3.82 24.08 -45.89
C8 NAG T . -4.17 24.77 -44.61
N2 NAG T . -4.52 22.96 -46.15
O3 NAG T . -6.24 23.08 -48.42
O4 NAG T . -6.57 20.58 -49.85
O5 NAG T . -3.29 20.16 -48.23
O6 NAG T . -5.08 18.90 -51.11
O7 NAG T . -2.97 24.51 -46.65
C1 NAG U . 9.19 15.33 -40.19
C2 NAG U . 10.63 14.97 -39.87
C3 NAG U . 11.09 13.80 -40.74
C4 NAG U . 10.13 12.63 -40.62
C5 NAG U . 8.71 13.10 -40.92
C6 NAG U . 7.67 12.02 -40.72
C7 NAG U . 12.20 16.67 -39.06
C8 NAG U . 13.06 17.84 -39.43
N2 NAG U . 11.50 16.12 -40.06
O3 NAG U . 12.40 13.40 -40.34
O4 NAG U . 10.49 11.60 -41.53
O5 NAG U . 8.35 14.17 -40.04
O6 NAG U . 6.45 12.55 -40.23
O7 NAG U . 12.16 16.25 -37.91
C1 NAG V . -14.86 42.42 -35.72
C2 NAG V . -16.18 42.85 -35.08
C3 NAG V . -16.96 43.76 -36.03
C4 NAG V . -16.10 44.92 -36.49
C5 NAG V . -14.79 44.40 -37.08
C6 NAG V . -13.83 45.51 -37.46
C7 NAG V . -17.81 41.70 -33.65
C8 NAG V . -18.57 40.43 -33.41
N2 NAG V . -16.98 41.70 -34.71
O3 NAG V . -18.13 44.24 -35.37
O4 NAG V . -16.79 45.68 -37.47
O5 NAG V . -14.12 43.58 -36.12
O6 NAG V . -12.80 45.03 -38.31
O7 NAG V . -17.93 42.67 -32.92
C1 NAG W . 14.92 55.32 18.36
C2 NAG W . 13.77 55.88 17.51
C3 NAG W . 14.32 56.57 16.27
C4 NAG W . 15.34 57.64 16.66
C5 NAG W . 16.42 57.02 17.55
C6 NAG W . 17.40 58.05 18.07
C7 NAG W . 11.52 54.94 17.28
C8 NAG W . 10.71 53.76 16.84
N2 NAG W . 12.85 54.82 17.14
O3 NAG W . 13.25 57.16 15.54
O4 NAG W . 15.94 58.19 15.50
O5 NAG W . 15.82 56.40 18.69
O6 NAG W . 17.20 58.29 19.46
O7 NAG W . 11.01 55.95 17.76
C1 NAG X . -31.42 14.94 -18.12
C2 NAG X . -30.01 14.46 -18.50
C3 NAG X . -30.09 13.15 -19.27
C4 NAG X . -31.11 12.21 -18.63
C5 NAG X . -32.51 12.81 -18.74
C6 NAG X . -33.36 12.56 -17.53
C7 NAG X . -29.43 15.79 -20.52
C8 NAG X . -28.51 16.85 -21.04
N2 NAG X . -29.26 15.46 -19.23
O3 NAG X . -28.80 12.54 -19.28
O4 NAG X . -31.09 10.94 -19.28
O5 NAG X . -32.43 14.24 -18.92
O6 NAG X . -34.63 12.04 -17.87
O7 NAG X . -30.29 15.26 -21.23
C1 NAG Y . 19.74 18.88 3.61
C2 NAG Y . 20.75 17.77 3.41
C3 NAG Y . 20.62 16.74 4.52
C4 NAG Y . 20.71 17.39 5.89
C5 NAG Y . 19.72 18.56 5.98
C6 NAG Y . 19.86 19.35 7.25
C7 NAG Y . 20.98 17.73 0.97
C8 NAG Y . 20.73 16.95 -0.29
N2 NAG Y . 20.58 17.15 2.10
O3 NAG Y . 21.64 15.75 4.39
O4 NAG Y . 20.42 16.46 6.91
O5 NAG Y . 19.93 19.48 4.90
O6 NAG Y . 18.87 20.38 7.34
O7 NAG Y . 21.52 18.83 0.95
C1 NAG Z . -3.71 58.21 -25.54
C2 NAG Z . -2.61 59.23 -25.93
C3 NAG Z . -1.84 59.70 -24.72
C4 NAG Z . -2.75 59.80 -23.51
C5 NAG Z . -3.25 58.40 -23.12
C6 NAG Z . -4.61 58.41 -22.47
C7 NAG Z . -1.98 58.67 -28.25
C8 NAG Z . -0.93 58.07 -29.13
N2 NAG Z . -1.71 58.66 -26.93
O3 NAG Z . -1.25 60.96 -24.99
O4 NAG Z . -2.04 60.36 -22.41
O5 NAG Z . -3.31 57.56 -24.28
O6 NAG Z . -4.54 57.97 -21.12
O7 NAG Z . -3.00 59.17 -28.71
C1 NAG AA . 19.53 53.87 -16.52
C2 NAG AA . 20.34 55.17 -16.61
C3 NAG AA . 21.83 54.87 -16.40
C4 NAG AA . 22.05 54.10 -15.11
C5 NAG AA . 21.19 52.84 -15.11
C6 NAG AA . 21.28 52.06 -13.82
C7 NAG AA . 19.38 56.92 -18.03
C8 NAG AA . 19.26 57.46 -19.42
N2 NAG AA . 20.13 55.82 -17.89
O3 NAG AA . 22.56 56.10 -16.36
O4 NAG AA . 23.42 53.73 -14.99
O5 NAG AA . 19.81 53.21 -15.27
O6 NAG AA . 20.21 51.14 -13.70
O7 NAG AA . 18.80 57.44 -17.08
#